data_8ZEP
#
_entry.id   8ZEP
#
_cell.length_a   1.00
_cell.length_b   1.00
_cell.length_c   1.00
_cell.angle_alpha   90.00
_cell.angle_beta   90.00
_cell.angle_gamma   90.00
#
_symmetry.space_group_name_H-M   'P 1'
#
loop_
_entity.id
_entity.type
_entity.pdbx_description
1 polymer 'Adr-2-binding protein 1'
2 polymer 'Double-stranded RNA-specific adenosine deaminase adr-2'
3 non-polymer 'INOSITOL HEXAKISPHOSPHATE'
4 non-polymer 'ZINC ION'
#
loop_
_entity_poly.entity_id
_entity_poly.type
_entity_poly.pdbx_seq_one_letter_code
_entity_poly.pdbx_strand_id
1 'polypeptide(L)'
;MSFASGCTPVSFDKLFEVSSGDKVSRENWGMIARPEPQHDSLKRRNTTSSIAKKKAKMTRGDEQITDETARKAATQLLDQ
IQDTPGRISLNFETPEAASVCPIPTSLNQIVNTKWTVNQLQEGQLTMLLAQDANKFKSLGVKNIKKGSVETQILPRQMDV
KEIVEKLKKQDNDSDQFVGYAAAVANVLRRCDAETAQKITQAITATIEKEAPSIVNC
;
B,E
2 'polypeptide(L)'
;MSVEEGMEVELKSEKMDLDDNIPDFVKETVERSGKNPMSLFSELYVHMTGNTPVFDFYNRNQPNGSMKFICVVILNGERI
EGNVKSKKKEAKVSCSLKGLEVVLKHVSEYVVPAVKFEEKTTFFEMLREHTYAKFYELCKNNALIYGFEKVIASVFLKIN
GNLQIIALSTGNKGLRGDKIVNDGTALIDCHAEILARRGLLRFLYSEVLKFSTEPPNSIFTKGKNALVLKPGISFHLFIN
TAPCGVARIDKKLKPGTSDDLQNSSRLRFKIDKGMGTVLGGASEFEAPQTFDGIMMGERMRTMSCSDKLLRANVLGVQGA
ILSHFIDPIYYSSIAVAELNNADRLRKAVYSRAATFKPPAPFHVQDVEIGECQVEDTEQSTSAAARSTISSMNWNLADGN
TEVVRTSDGMVHDKDMSGADITTPSRLCKKNMAELMITICTLTKTSVDYPISYEELKAGSQEYAAAKKSFITWLRQKDLG
IWQRKPREFQMFTIN
;
C,D
#
loop_
_chem_comp.id
_chem_comp.type
_chem_comp.name
_chem_comp.formula
IHP non-polymer 'INOSITOL HEXAKISPHOSPHATE' 'C6 H18 O24 P6'
ZN non-polymer 'ZINC ION' 'Zn 2'
#
# COMPACT_ATOMS: atom_id res chain seq x y z
N ASP A 67 61.58 -6.30 -14.85
CA ASP A 67 60.59 -5.31 -15.23
C ASP A 67 60.66 -5.04 -16.74
N GLU A 68 60.66 -6.11 -17.53
CA GLU A 68 60.77 -6.04 -18.97
C GLU A 68 59.47 -6.56 -19.56
N THR A 69 58.93 -5.81 -20.52
CA THR A 69 57.68 -6.08 -21.23
C THR A 69 56.47 -5.79 -20.33
N ALA A 70 56.72 -5.53 -19.06
CA ALA A 70 55.63 -5.18 -18.16
C ALA A 70 55.06 -3.82 -18.49
N ARG A 71 55.93 -2.81 -18.64
CA ARG A 71 55.45 -1.46 -18.97
C ARG A 71 54.86 -1.41 -20.36
N LYS A 72 55.49 -2.08 -21.32
CA LYS A 72 54.95 -2.12 -22.69
C LYS A 72 53.61 -2.84 -22.73
N ALA A 73 53.42 -3.85 -21.89
CA ALA A 73 52.12 -4.49 -21.80
C ALA A 73 51.08 -3.59 -21.16
N ALA A 74 51.46 -2.88 -20.09
CA ALA A 74 50.50 -2.06 -19.35
C ALA A 74 50.08 -0.83 -20.16
N THR A 75 50.99 -0.27 -20.94
CA THR A 75 50.67 0.94 -21.70
C THR A 75 49.62 0.70 -22.77
N GLN A 76 49.41 -0.56 -23.18
CA GLN A 76 48.34 -0.86 -24.12
C GLN A 76 46.97 -0.75 -23.46
N LEU A 77 46.82 -1.28 -22.26
CA LEU A 77 45.58 -1.11 -21.51
C LEU A 77 45.39 0.34 -21.10
N LEU A 78 46.48 1.03 -20.76
CA LEU A 78 46.39 2.44 -20.40
C LEU A 78 45.94 3.30 -21.57
N ASP A 79 46.13 2.83 -22.81
CA ASP A 79 45.65 3.55 -23.97
C ASP A 79 44.28 3.07 -24.43
N GLN A 80 43.89 1.85 -24.07
CA GLN A 80 42.59 1.33 -24.47
C GLN A 80 41.45 2.09 -23.79
N ILE A 81 41.65 2.50 -22.54
CA ILE A 81 40.59 3.19 -21.80
C ILE A 81 40.26 4.54 -22.43
N GLN A 82 41.16 5.12 -23.22
CA GLN A 82 40.93 6.40 -23.86
C GLN A 82 40.54 6.27 -25.32
N ASP A 83 41.27 5.47 -26.09
CA ASP A 83 40.98 5.37 -27.53
C ASP A 83 39.69 4.59 -27.78
N THR A 84 39.51 3.45 -27.10
CA THR A 84 38.35 2.60 -27.29
C THR A 84 37.74 2.27 -25.93
N PRO A 85 37.01 3.20 -25.34
CA PRO A 85 36.39 2.93 -24.04
C PRO A 85 35.38 1.79 -24.12
N GLY A 86 35.31 1.01 -23.05
CA GLY A 86 34.35 -0.08 -22.95
C GLY A 86 34.81 -1.40 -23.54
N ARG A 87 35.99 -1.44 -24.16
CA ARG A 87 36.50 -2.66 -24.76
C ARG A 87 37.88 -2.96 -24.18
N ILE A 88 38.04 -4.16 -23.63
CA ILE A 88 39.30 -4.59 -23.03
C ILE A 88 39.76 -5.86 -23.74
N SER A 89 41.03 -5.88 -24.16
CA SER A 89 41.63 -7.04 -24.82
C SER A 89 42.89 -7.41 -24.06
N LEU A 90 42.81 -8.44 -23.23
CA LEU A 90 43.95 -8.88 -22.44
C LEU A 90 45.01 -9.49 -23.34
N ASN A 91 46.26 -9.44 -22.87
CA ASN A 91 47.40 -9.97 -23.60
C ASN A 91 47.82 -11.29 -22.96
N PHE A 92 47.99 -12.32 -23.77
CA PHE A 92 48.37 -13.63 -23.28
C PHE A 92 49.56 -14.19 -24.06
N GLU A 93 49.87 -15.47 -23.84
CA GLU A 93 51.01 -16.15 -24.47
C GLU A 93 52.34 -15.50 -24.11
N THR A 94 52.40 -14.82 -22.95
CA THR A 94 53.63 -14.20 -22.47
C THR A 94 53.57 -14.08 -20.96
N PRO A 95 54.48 -14.73 -20.24
CA PRO A 95 54.47 -14.64 -18.77
C PRO A 95 54.62 -13.21 -18.26
N GLU A 96 55.41 -12.38 -18.93
CA GLU A 96 55.59 -11.01 -18.48
C GLU A 96 54.36 -10.14 -18.74
N ALA A 97 53.54 -10.49 -19.72
CA ALA A 97 52.36 -9.71 -20.03
C ALA A 97 51.11 -10.19 -19.29
N ALA A 98 51.02 -11.49 -19.01
CA ALA A 98 49.85 -12.00 -18.29
C ALA A 98 49.90 -11.62 -16.82
N SER A 99 51.10 -11.43 -16.26
CA SER A 99 51.23 -11.09 -14.85
C SER A 99 50.79 -9.67 -14.53
N VAL A 100 50.68 -8.81 -15.55
CA VAL A 100 50.30 -7.41 -15.31
C VAL A 100 48.88 -7.33 -14.75
N CYS A 101 47.97 -8.12 -15.31
CA CYS A 101 46.57 -8.14 -14.86
C CYS A 101 46.18 -9.59 -14.58
N PRO A 102 46.56 -10.11 -13.41
CA PRO A 102 46.21 -11.50 -13.08
C PRO A 102 44.74 -11.67 -12.79
N ILE A 103 44.02 -12.31 -13.69
CA ILE A 103 42.59 -12.58 -13.51
C ILE A 103 42.43 -13.64 -12.43
N PRO A 104 41.31 -13.67 -11.71
CA PRO A 104 41.11 -14.71 -10.69
C PRO A 104 41.12 -16.10 -11.30
N THR A 105 41.62 -17.06 -10.53
CA THR A 105 41.71 -18.43 -11.02
C THR A 105 40.34 -19.05 -11.28
N SER A 106 39.32 -18.64 -10.51
CA SER A 106 37.98 -19.15 -10.73
C SER A 106 37.42 -18.64 -12.06
N LEU A 107 37.80 -17.43 -12.47
CA LEU A 107 37.35 -16.83 -13.71
C LEU A 107 38.28 -17.12 -14.88
N ASN A 108 39.37 -17.86 -14.66
CA ASN A 108 40.35 -18.14 -15.70
C ASN A 108 39.97 -19.43 -16.42
N GLN A 109 39.04 -19.30 -17.37
CA GLN A 109 38.59 -20.40 -18.19
C GLN A 109 39.03 -20.18 -19.63
N ILE A 110 39.63 -21.21 -20.23
CA ILE A 110 40.13 -21.14 -21.60
C ILE A 110 39.21 -21.99 -22.48
N VAL A 111 38.63 -21.36 -23.49
CA VAL A 111 37.74 -22.03 -24.43
C VAL A 111 38.15 -21.65 -25.84
N ASN A 112 38.26 -22.64 -26.73
CA ASN A 112 38.71 -22.43 -28.10
C ASN A 112 37.56 -22.33 -29.08
N THR A 113 36.44 -21.75 -28.65
CA THR A 113 35.28 -21.61 -29.54
C THR A 113 35.59 -20.63 -30.67
N LYS A 114 34.89 -20.83 -31.79
CA LYS A 114 35.09 -19.98 -32.96
C LYS A 114 34.45 -18.61 -32.81
N TRP A 115 33.58 -18.42 -31.81
CA TRP A 115 32.93 -17.14 -31.62
C TRP A 115 33.94 -16.08 -31.18
N THR A 116 33.65 -14.83 -31.55
CA THR A 116 34.52 -13.71 -31.25
C THR A 116 33.70 -12.55 -30.71
N VAL A 117 34.37 -11.68 -29.95
CA VAL A 117 33.67 -10.56 -29.31
C VAL A 117 33.46 -9.39 -30.28
N ASN A 118 34.18 -9.33 -31.38
CA ASN A 118 34.03 -8.24 -32.34
C ASN A 118 32.84 -8.43 -33.27
N GLN A 119 32.18 -9.58 -33.23
CA GLN A 119 31.01 -9.81 -34.07
C GLN A 119 29.81 -8.97 -33.63
N LEU A 120 29.81 -8.49 -32.39
CA LEU A 120 28.70 -7.68 -31.91
C LEU A 120 28.70 -6.31 -32.59
N GLN A 121 27.49 -5.78 -32.82
CA GLN A 121 27.32 -4.49 -33.47
C GLN A 121 26.40 -3.62 -32.63
N GLU A 122 26.73 -2.33 -32.52
CA GLU A 122 25.89 -1.40 -31.80
C GLU A 122 24.57 -1.20 -32.55
N GLY A 123 23.48 -1.10 -31.79
CA GLY A 123 22.16 -0.98 -32.40
C GLY A 123 21.73 -2.18 -33.20
N GLN A 124 22.08 -3.39 -32.73
CA GLN A 124 21.75 -4.60 -33.49
C GLN A 124 20.26 -4.92 -33.41
N LEU A 125 19.58 -4.47 -32.35
CA LEU A 125 18.14 -4.73 -32.23
C LEU A 125 17.36 -4.02 -33.32
N THR A 126 17.71 -2.76 -33.59
CA THR A 126 17.01 -2.01 -34.63
C THR A 126 17.24 -2.62 -36.01
N MET A 127 18.48 -3.02 -36.30
CA MET A 127 18.78 -3.63 -37.60
C MET A 127 18.05 -4.95 -37.78
N LEU A 128 18.00 -5.78 -36.74
CA LEU A 128 17.32 -7.05 -36.84
C LEU A 128 15.81 -6.87 -37.01
N LEU A 129 15.23 -5.90 -36.32
CA LEU A 129 13.79 -5.65 -36.43
C LEU A 129 13.42 -5.21 -37.84
N ALA A 130 14.23 -4.34 -38.43
CA ALA A 130 13.98 -3.85 -39.79
C ALA A 130 14.51 -4.84 -40.83
N GLN A 131 13.93 -6.04 -40.83
CA GLN A 131 14.34 -7.09 -41.74
C GLN A 131 13.11 -7.90 -42.13
N ASP A 132 13.21 -8.57 -43.28
CA ASP A 132 12.11 -9.39 -43.76
C ASP A 132 11.92 -10.61 -42.85
N ALA A 133 10.66 -10.99 -42.65
CA ALA A 133 10.34 -12.12 -41.79
C ALA A 133 10.63 -13.47 -42.45
N ASN A 134 10.90 -13.49 -43.76
CA ASN A 134 11.17 -14.75 -44.44
C ASN A 134 12.44 -15.39 -43.90
N LYS A 135 13.49 -14.59 -43.68
CA LYS A 135 14.79 -15.14 -43.30
C LYS A 135 14.72 -15.85 -41.95
N PHE A 136 14.00 -15.28 -40.99
CA PHE A 136 13.94 -15.86 -39.65
C PHE A 136 13.22 -17.21 -39.67
N LYS A 137 13.64 -18.08 -38.76
CA LYS A 137 13.12 -19.43 -38.66
C LYS A 137 12.54 -19.67 -37.27
N SER A 138 11.65 -20.65 -37.18
CA SER A 138 10.99 -20.98 -35.92
C SER A 138 11.94 -21.76 -35.00
N LEU A 139 11.58 -21.78 -33.71
CA LEU A 139 12.35 -22.48 -32.70
C LEU A 139 11.64 -23.72 -32.15
N GLY A 140 10.43 -24.00 -32.62
CA GLY A 140 9.71 -25.17 -32.16
C GLY A 140 9.30 -25.14 -30.70
N VAL A 141 8.76 -24.02 -30.23
CA VAL A 141 8.31 -23.88 -28.86
C VAL A 141 6.87 -23.38 -28.86
N LYS A 142 6.16 -23.66 -27.77
CA LYS A 142 4.76 -23.30 -27.63
C LYS A 142 4.52 -22.68 -26.26
N ASN A 143 3.72 -21.62 -26.24
CA ASN A 143 3.35 -20.93 -25.00
C ASN A 143 1.87 -21.19 -24.69
N ILE A 144 1.58 -21.41 -23.41
CA ILE A 144 0.23 -21.70 -22.96
C ILE A 144 -0.09 -20.82 -21.75
N LYS A 145 -1.38 -20.61 -21.52
CA LYS A 145 -1.84 -19.81 -20.40
C LYS A 145 -1.72 -20.59 -19.09
N LYS A 146 -1.64 -19.85 -18.00
CA LYS A 146 -1.54 -20.45 -16.67
C LYS A 146 -2.18 -19.52 -15.65
N GLY A 147 -2.81 -20.11 -14.65
CA GLY A 147 -3.45 -19.33 -13.60
C GLY A 147 -2.46 -18.92 -12.54
N SER A 148 -2.52 -17.64 -12.15
CA SER A 148 -1.62 -17.11 -11.13
C SER A 148 -2.08 -17.54 -9.74
N VAL A 149 -1.20 -17.28 -8.77
CA VAL A 149 -1.47 -17.61 -7.36
C VAL A 149 -1.94 -16.33 -6.66
N GLU A 150 -3.17 -16.36 -6.16
CA GLU A 150 -3.75 -15.22 -5.46
C GLU A 150 -3.50 -15.26 -3.95
N THR A 151 -2.85 -16.31 -3.45
CA THR A 151 -2.71 -16.49 -2.01
C THR A 151 -1.92 -15.34 -1.38
N GLN A 152 -2.54 -14.68 -0.41
CA GLN A 152 -1.89 -13.64 0.36
C GLN A 152 -1.15 -14.28 1.53
N ILE A 153 -0.73 -13.48 2.50
CA ILE A 153 -0.18 -14.03 3.74
C ILE A 153 -1.36 -14.49 4.61
N LEU A 154 -1.75 -15.75 4.42
CA LEU A 154 -2.98 -16.24 5.03
C LEU A 154 -2.91 -16.28 6.56
N PRO A 155 -1.90 -16.90 7.19
CA PRO A 155 -1.94 -17.01 8.66
C PRO A 155 -1.27 -15.84 9.36
N ARG A 156 -1.94 -15.36 10.40
CA ARG A 156 -1.36 -14.32 11.25
C ARG A 156 -0.20 -14.88 12.06
N GLN A 157 0.89 -14.13 12.12
CA GLN A 157 2.10 -14.58 12.79
C GLN A 157 2.22 -13.95 14.18
N MET A 158 2.73 -14.74 15.12
CA MET A 158 3.06 -14.26 16.45
C MET A 158 4.46 -14.73 16.82
N ASP A 159 5.07 -14.01 17.75
CA ASP A 159 6.47 -14.24 18.07
C ASP A 159 6.66 -15.60 18.76
N VAL A 160 7.93 -16.01 18.85
CA VAL A 160 8.26 -17.29 19.47
C VAL A 160 7.84 -17.30 20.94
N LYS A 161 8.11 -16.19 21.65
CA LYS A 161 7.73 -16.12 23.06
C LYS A 161 6.22 -16.19 23.23
N GLU A 162 5.47 -15.57 22.32
CA GLU A 162 4.01 -15.58 22.42
C GLU A 162 3.45 -16.99 22.27
N ILE A 163 4.10 -17.85 21.49
CA ILE A 163 3.66 -19.22 21.36
C ILE A 163 3.86 -19.97 22.68
N VAL A 164 4.93 -19.65 23.41
CA VAL A 164 5.33 -20.44 24.57
C VAL A 164 4.25 -20.41 25.65
N GLU A 165 3.72 -19.23 25.96
CA GLU A 165 2.77 -19.13 27.06
C GLU A 165 1.49 -19.90 26.78
N LYS A 166 1.01 -19.85 25.54
CA LYS A 166 -0.20 -20.60 25.19
C LYS A 166 0.04 -22.10 25.17
N LEU A 167 1.27 -22.52 24.85
CA LEU A 167 1.58 -23.94 24.80
C LEU A 167 1.58 -24.58 26.18
N LYS A 168 1.75 -23.79 27.23
CA LYS A 168 1.82 -24.30 28.60
C LYS A 168 0.64 -23.88 29.46
N LYS A 169 -0.43 -23.37 28.85
CA LYS A 169 -1.61 -22.98 29.62
C LYS A 169 -2.30 -24.20 30.21
N GLN A 170 -2.84 -24.02 31.42
CA GLN A 170 -3.47 -25.11 32.14
C GLN A 170 -4.96 -25.24 31.80
N ASP A 171 -5.71 -24.14 31.88
CA ASP A 171 -7.16 -24.17 31.66
C ASP A 171 -7.48 -24.02 30.17
N ASN A 172 -6.97 -24.96 29.39
CA ASN A 172 -7.26 -24.99 27.96
C ASN A 172 -8.65 -25.56 27.66
N ASP A 173 -9.25 -26.28 28.60
CA ASP A 173 -10.57 -26.86 28.37
C ASP A 173 -11.64 -25.77 28.26
N SER A 174 -11.53 -24.72 29.07
CA SER A 174 -12.53 -23.66 29.04
C SER A 174 -12.49 -22.87 27.74
N ASP A 175 -11.37 -22.87 27.03
CA ASP A 175 -11.23 -22.15 25.78
C ASP A 175 -11.41 -23.05 24.56
N GLN A 176 -11.84 -24.29 24.76
CA GLN A 176 -12.06 -25.26 23.68
C GLN A 176 -10.79 -25.54 22.89
N PHE A 177 -9.63 -25.36 23.54
CA PHE A 177 -8.32 -25.65 22.95
C PHE A 177 -8.07 -24.87 21.67
N VAL A 178 -8.71 -23.69 21.54
CA VAL A 178 -8.53 -22.87 20.35
C VAL A 178 -7.12 -22.31 20.28
N GLY A 179 -6.65 -21.73 21.38
CA GLY A 179 -5.31 -21.15 21.39
C GLY A 179 -4.22 -22.21 21.27
N TYR A 180 -4.43 -23.36 21.92
CA TYR A 180 -3.47 -24.45 21.79
C TYR A 180 -3.39 -24.95 20.36
N ALA A 181 -4.54 -25.08 19.69
CA ALA A 181 -4.54 -25.50 18.29
C ALA A 181 -3.85 -24.47 17.40
N ALA A 182 -4.08 -23.18 17.66
CA ALA A 182 -3.41 -22.14 16.89
C ALA A 182 -1.90 -22.19 17.09
N ALA A 183 -1.46 -22.40 18.34
CA ALA A 183 -0.04 -22.49 18.62
C ALA A 183 0.57 -23.71 17.91
N VAL A 184 -0.12 -24.84 17.93
CA VAL A 184 0.36 -26.03 17.24
C VAL A 184 0.45 -25.77 15.74
N ALA A 185 -0.55 -25.09 15.18
CA ALA A 185 -0.56 -24.82 13.75
C ALA A 185 0.61 -23.92 13.36
N ASN A 186 0.87 -22.87 14.15
CA ASN A 186 1.99 -21.99 13.82
C ASN A 186 3.34 -22.68 14.05
N VAL A 187 3.42 -23.59 15.04
CA VAL A 187 4.63 -24.39 15.21
C VAL A 187 4.87 -25.25 13.97
N LEU A 188 3.79 -25.85 13.45
CA LEU A 188 3.91 -26.63 12.21
C LEU A 188 4.34 -25.75 11.03
N ARG A 189 3.88 -24.50 11.00
CA ARG A 189 4.23 -23.60 9.92
C ARG A 189 5.72 -23.31 9.88
N ARG A 190 6.35 -23.12 11.04
CA ARG A 190 7.78 -22.83 11.08
C ARG A 190 8.63 -24.04 10.69
N CYS A 191 8.06 -25.24 10.75
CA CYS A 191 8.81 -26.45 10.42
C CYS A 191 9.04 -26.54 8.92
N ASP A 192 10.05 -27.31 8.55
CA ASP A 192 10.39 -27.53 7.14
C ASP A 192 9.59 -28.72 6.60
N ALA A 193 9.95 -29.19 5.40
CA ALA A 193 9.18 -30.24 4.76
C ALA A 193 9.24 -31.55 5.54
N GLU A 194 10.42 -31.92 6.03
CA GLU A 194 10.59 -33.20 6.72
C GLU A 194 10.21 -33.12 8.20
N THR A 195 10.60 -32.04 8.88
CA THR A 195 10.27 -31.92 10.30
C THR A 195 8.77 -31.85 10.52
N ALA A 196 8.06 -31.10 9.67
CA ALA A 196 6.61 -31.01 9.79
C ALA A 196 5.95 -32.37 9.55
N GLN A 197 6.43 -33.12 8.56
CA GLN A 197 5.86 -34.44 8.29
C GLN A 197 6.09 -35.40 9.44
N LYS A 198 7.31 -35.41 9.99
CA LYS A 198 7.59 -36.28 11.13
C LYS A 198 6.78 -35.87 12.35
N ILE A 199 6.62 -34.57 12.58
CA ILE A 199 5.80 -34.08 13.67
C ILE A 199 4.36 -34.52 13.49
N THR A 200 3.85 -34.43 12.25
CA THR A 200 2.49 -34.86 11.96
C THR A 200 2.30 -36.35 12.22
N GLN A 201 3.29 -37.16 11.80
CA GLN A 201 3.19 -38.60 12.03
C GLN A 201 3.17 -38.91 13.52
N ALA A 202 4.04 -38.24 14.29
CA ALA A 202 4.01 -38.42 15.74
C ALA A 202 2.69 -37.92 16.33
N ILE A 203 2.15 -36.85 15.76
CA ILE A 203 0.87 -36.30 16.21
C ILE A 203 -0.21 -37.36 16.11
N THR A 204 -0.32 -37.97 14.93
CA THR A 204 -1.35 -38.98 14.71
C THR A 204 -1.09 -40.22 15.54
N ALA A 205 0.18 -40.62 15.69
CA ALA A 205 0.49 -41.81 16.47
C ALA A 205 0.09 -41.63 17.93
N THR A 206 0.43 -40.49 18.53
CA THR A 206 0.11 -40.27 19.93
C THR A 206 -1.37 -39.98 20.14
N ILE A 207 -2.05 -39.44 19.12
CA ILE A 207 -3.50 -39.25 19.23
C ILE A 207 -4.21 -40.60 19.18
N GLU A 208 -3.81 -41.47 18.24
CA GLU A 208 -4.44 -42.79 18.12
C GLU A 208 -4.16 -43.66 19.33
N LYS A 209 -2.93 -43.61 19.85
CA LYS A 209 -2.58 -44.47 20.98
C LYS A 209 -3.40 -44.13 22.22
N GLU A 210 -3.59 -42.84 22.48
CA GLU A 210 -4.25 -42.41 23.72
C GLU A 210 -5.77 -42.31 23.60
N ALA A 211 -6.32 -42.33 22.40
CA ALA A 211 -7.76 -42.21 22.19
C ALA A 211 -8.24 -43.31 21.23
N PRO A 212 -8.23 -44.57 21.67
CA PRO A 212 -8.73 -45.64 20.80
C PRO A 212 -10.21 -45.53 20.51
N SER A 213 -11.01 -45.00 21.45
CA SER A 213 -12.45 -44.92 21.25
C SER A 213 -12.82 -43.96 20.14
N ILE A 214 -12.03 -42.92 19.93
CA ILE A 214 -12.34 -41.93 18.91
C ILE A 214 -11.73 -42.28 17.56
N VAL A 215 -10.52 -42.84 17.54
CA VAL A 215 -9.80 -43.11 16.30
C VAL A 215 -10.12 -44.51 15.76
N ASN A 216 -10.02 -45.53 16.61
CA ASN A 216 -10.23 -46.92 16.18
C ASN A 216 -11.73 -47.15 16.01
N CYS A 217 -12.21 -46.91 14.80
CA CYS A 217 -13.61 -47.11 14.47
C CYS A 217 -13.77 -48.12 13.34
N ASP B 20 37.39 35.41 -22.13
CA ASP B 20 37.05 36.14 -20.91
C ASP B 20 36.94 35.19 -19.73
N ASN B 21 38.04 34.48 -19.44
CA ASN B 21 38.15 33.55 -18.33
C ASN B 21 37.17 32.37 -18.49
N ILE B 22 36.58 32.24 -19.66
CA ILE B 22 35.66 31.14 -19.97
C ILE B 22 36.42 30.11 -20.78
N PRO B 23 36.49 28.85 -20.33
CA PRO B 23 37.18 27.82 -21.11
C PRO B 23 36.53 27.63 -22.47
N ASP B 24 37.37 27.35 -23.48
CA ASP B 24 36.87 27.16 -24.84
C ASP B 24 36.02 25.91 -24.98
N PHE B 25 36.15 24.95 -24.06
CA PHE B 25 35.34 23.73 -24.16
C PHE B 25 33.87 24.04 -23.92
N VAL B 26 33.55 25.01 -23.06
CA VAL B 26 32.17 25.43 -22.90
C VAL B 26 31.62 25.96 -24.21
N LYS B 27 32.40 26.80 -24.89
CA LYS B 27 31.95 27.38 -26.15
C LYS B 27 31.77 26.31 -27.23
N GLU B 28 32.69 25.35 -27.32
CA GLU B 28 32.56 24.33 -28.34
C GLU B 28 31.39 23.40 -28.05
N THR B 29 31.15 23.08 -26.77
CA THR B 29 29.97 22.29 -26.42
C THR B 29 28.68 23.04 -26.74
N VAL B 30 28.66 24.36 -26.49
CA VAL B 30 27.49 25.16 -26.82
C VAL B 30 27.26 25.15 -28.32
N GLU B 31 28.33 25.31 -29.10
CA GLU B 31 28.20 25.29 -30.56
C GLU B 31 27.70 23.94 -31.07
N ARG B 32 28.23 22.85 -30.50
CA ARG B 32 27.80 21.52 -30.92
C ARG B 32 26.35 21.25 -30.54
N SER B 33 25.91 21.76 -29.38
CA SER B 33 24.54 21.54 -28.95
C SER B 33 23.54 22.28 -29.82
N GLY B 34 23.97 23.31 -30.56
CA GLY B 34 23.07 24.06 -31.42
C GLY B 34 22.16 25.04 -30.72
N LYS B 35 22.44 25.36 -29.45
CA LYS B 35 21.60 26.27 -28.69
C LYS B 35 22.49 27.29 -27.98
N ASN B 36 21.87 28.42 -27.64
CA ASN B 36 22.59 29.47 -26.93
C ASN B 36 22.96 29.01 -25.52
N PRO B 37 23.99 29.62 -24.92
CA PRO B 37 24.38 29.22 -23.57
C PRO B 37 23.26 29.35 -22.55
N MET B 38 22.36 30.32 -22.72
CA MET B 38 21.22 30.46 -21.81
C MET B 38 20.34 29.21 -21.85
N SER B 39 20.03 28.71 -23.04
CA SER B 39 19.19 27.53 -23.16
C SER B 39 19.86 26.30 -22.57
N LEU B 40 21.16 26.11 -22.84
CA LEU B 40 21.88 24.97 -22.29
C LEU B 40 21.95 25.04 -20.77
N PHE B 41 22.21 26.22 -20.22
CA PHE B 41 22.25 26.37 -18.77
C PHE B 41 20.89 26.11 -18.16
N SER B 42 19.82 26.59 -18.79
CA SER B 42 18.48 26.34 -18.29
C SER B 42 18.14 24.85 -18.31
N GLU B 43 18.50 24.16 -19.39
CA GLU B 43 18.23 22.73 -19.46
C GLU B 43 19.02 21.96 -18.40
N LEU B 44 20.29 22.33 -18.21
CA LEU B 44 21.10 21.68 -17.18
C LEU B 44 20.53 21.92 -15.79
N TYR B 45 20.08 23.15 -15.51
CA TYR B 45 19.48 23.44 -14.22
C TYR B 45 18.19 22.66 -14.02
N VAL B 46 17.37 22.55 -15.07
CA VAL B 46 16.12 21.81 -14.98
C VAL B 46 16.39 20.34 -14.70
N HIS B 47 17.41 19.77 -15.34
CA HIS B 47 17.75 18.37 -15.08
C HIS B 47 18.36 18.19 -13.68
N MET B 48 19.14 19.16 -13.20
CA MET B 48 19.80 19.01 -11.92
C MET B 48 18.84 19.19 -10.75
N THR B 49 17.95 20.17 -10.80
CA THR B 49 17.08 20.49 -9.68
C THR B 49 15.62 20.36 -10.12
N GLY B 50 14.72 20.73 -9.21
CA GLY B 50 13.30 20.65 -9.49
C GLY B 50 12.60 22.00 -9.54
N ASN B 51 13.38 23.07 -9.73
CA ASN B 51 12.84 24.43 -9.74
C ASN B 51 13.51 25.21 -10.86
N THR B 52 13.31 26.53 -10.84
CA THR B 52 13.81 27.43 -11.87
C THR B 52 14.90 28.34 -11.31
N PRO B 53 15.84 28.77 -12.15
CA PRO B 53 16.91 29.65 -11.66
C PRO B 53 16.39 31.01 -11.24
N VAL B 54 17.12 31.64 -10.31
CA VAL B 54 16.81 32.97 -9.81
C VAL B 54 17.93 33.91 -10.28
N PHE B 55 17.53 35.03 -10.89
CA PHE B 55 18.46 35.96 -11.49
C PHE B 55 18.38 37.31 -10.81
N ASP B 56 19.51 38.02 -10.81
CA ASP B 56 19.59 39.37 -10.27
C ASP B 56 20.55 40.18 -11.12
N PHE B 57 20.38 41.50 -11.08
CA PHE B 57 21.18 42.41 -11.89
C PHE B 57 21.56 43.63 -11.08
N TYR B 58 22.68 44.25 -11.44
CA TYR B 58 23.15 45.47 -10.82
C TYR B 58 23.56 46.46 -11.90
N ASN B 59 23.34 47.74 -11.60
CA ASN B 59 23.73 48.84 -12.48
C ASN B 59 24.77 49.70 -11.77
N ARG B 60 25.91 49.92 -12.44
CA ARG B 60 27.00 50.68 -11.86
C ARG B 60 27.53 51.68 -12.88
N ASN B 61 28.01 52.82 -12.38
CA ASN B 61 28.61 53.84 -13.23
C ASN B 61 30.10 53.58 -13.39
N GLN B 62 30.71 54.29 -14.34
CA GLN B 62 32.12 54.14 -14.64
C GLN B 62 32.79 55.51 -14.67
N PRO B 63 34.10 55.56 -14.41
CA PRO B 63 34.79 56.86 -14.43
C PRO B 63 34.72 57.57 -15.77
N ASN B 64 34.61 56.84 -16.87
CA ASN B 64 34.56 57.44 -18.20
C ASN B 64 33.15 57.84 -18.62
N GLY B 65 32.16 57.69 -17.74
CA GLY B 65 30.80 58.05 -18.04
C GLY B 65 29.97 56.97 -18.70
N SER B 66 30.52 55.78 -18.88
CA SER B 66 29.78 54.67 -19.48
C SER B 66 28.97 53.93 -18.42
N MET B 67 28.06 53.08 -18.88
CA MET B 67 27.20 52.29 -18.02
C MET B 67 27.42 50.82 -18.31
N LYS B 68 27.57 50.03 -17.24
CA LYS B 68 27.81 48.60 -17.35
C LYS B 68 26.84 47.84 -16.45
N PHE B 69 26.61 46.58 -16.79
CA PHE B 69 25.67 45.73 -16.08
C PHE B 69 26.37 44.48 -15.56
N ILE B 70 25.94 44.03 -14.38
CA ILE B 70 26.48 42.85 -13.73
C ILE B 70 25.32 41.92 -13.40
N CYS B 71 25.47 40.64 -13.75
CA CYS B 71 24.42 39.64 -13.54
C CYS B 71 24.85 38.63 -12.49
N VAL B 72 23.90 38.24 -11.65
CA VAL B 72 24.14 37.28 -10.56
C VAL B 72 23.09 36.20 -10.64
N VAL B 73 23.52 34.94 -10.55
CA VAL B 73 22.64 33.79 -10.56
C VAL B 73 22.97 32.88 -9.39
N ILE B 74 22.01 32.04 -9.02
CA ILE B 74 22.16 31.08 -7.93
C ILE B 74 22.11 29.68 -8.52
N LEU B 75 23.17 28.91 -8.30
CA LEU B 75 23.26 27.54 -8.79
C LEU B 75 23.56 26.62 -7.63
N ASN B 76 22.67 25.65 -7.38
CA ASN B 76 22.82 24.67 -6.31
C ASN B 76 23.02 25.34 -4.95
N GLY B 77 22.35 26.47 -4.75
CA GLY B 77 22.47 27.20 -3.50
C GLY B 77 23.72 28.04 -3.37
N GLU B 78 24.53 28.13 -4.41
CA GLU B 78 25.78 28.89 -4.38
C GLU B 78 25.63 30.13 -5.28
N ARG B 79 26.03 31.28 -4.75
CA ARG B 79 25.93 32.52 -5.51
C ARG B 79 27.00 32.58 -6.59
N ILE B 80 26.58 32.90 -7.81
CA ILE B 80 27.49 33.04 -8.95
C ILE B 80 27.25 34.41 -9.58
N GLU B 81 28.32 35.17 -9.74
CA GLU B 81 28.27 36.51 -10.30
C GLU B 81 29.06 36.54 -11.61
N GLY B 82 28.43 37.08 -12.66
CA GLY B 82 29.07 37.15 -13.97
C GLY B 82 30.03 38.32 -14.09
N ASN B 83 30.71 38.36 -15.22
CA ASN B 83 31.67 39.42 -15.50
C ASN B 83 30.96 40.72 -15.84
N VAL B 84 31.73 41.81 -15.80
CA VAL B 84 31.18 43.12 -16.12
C VAL B 84 30.98 43.23 -17.63
N LYS B 85 29.76 43.60 -18.04
CA LYS B 85 29.42 43.70 -19.44
C LYS B 85 28.63 44.98 -19.69
N SER B 86 28.68 45.45 -20.93
CA SER B 86 28.00 46.68 -21.32
C SER B 86 26.50 46.51 -21.51
N LYS B 87 26.02 45.27 -21.63
CA LYS B 87 24.60 45.01 -21.82
C LYS B 87 24.12 43.99 -20.80
N LYS B 88 22.82 44.06 -20.49
CA LYS B 88 22.24 43.09 -19.56
C LYS B 88 22.31 41.68 -20.13
N LYS B 89 22.04 41.53 -21.44
CA LYS B 89 22.10 40.21 -22.06
C LYS B 89 23.51 39.64 -22.03
N GLU B 90 24.52 40.48 -22.28
CA GLU B 90 25.90 40.01 -22.23
C GLU B 90 26.29 39.57 -20.83
N ALA B 91 25.88 40.34 -19.82
CA ALA B 91 26.16 39.95 -18.44
C ALA B 91 25.47 38.65 -18.08
N LYS B 92 24.22 38.48 -18.52
CA LYS B 92 23.50 37.23 -18.28
C LYS B 92 24.19 36.06 -18.97
N VAL B 93 24.70 36.28 -20.19
CA VAL B 93 25.42 35.23 -20.90
C VAL B 93 26.70 34.86 -20.15
N SER B 94 27.42 35.87 -19.66
CA SER B 94 28.64 35.59 -18.89
C SER B 94 28.32 34.81 -17.61
N CYS B 95 27.26 35.19 -16.92
CA CYS B 95 26.87 34.46 -15.70
C CYS B 95 26.46 33.04 -16.02
N SER B 96 25.75 32.85 -17.14
CA SER B 96 25.36 31.50 -17.57
C SER B 96 26.59 30.67 -17.92
N LEU B 97 27.59 31.28 -18.55
CA LEU B 97 28.83 30.56 -18.85
C LEU B 97 29.56 30.17 -17.58
N LYS B 98 29.58 31.07 -16.58
CA LYS B 98 30.19 30.72 -15.30
C LYS B 98 29.46 29.57 -14.63
N GLY B 99 28.12 29.60 -14.65
CA GLY B 99 27.35 28.48 -14.10
C GLY B 99 27.61 27.19 -14.84
N LEU B 100 27.73 27.27 -16.17
CA LEU B 100 28.08 26.11 -16.98
C LEU B 100 29.43 25.53 -16.56
N GLU B 101 30.44 26.39 -16.44
CA GLU B 101 31.76 25.92 -16.02
C GLU B 101 31.71 25.32 -14.63
N VAL B 102 30.88 25.86 -13.75
CA VAL B 102 30.74 25.30 -12.41
C VAL B 102 30.11 23.91 -12.46
N VAL B 103 29.05 23.76 -13.25
CA VAL B 103 28.30 22.51 -13.23
C VAL B 103 28.98 21.42 -14.06
N LEU B 104 29.84 21.79 -15.00
CA LEU B 104 30.54 20.80 -15.83
C LEU B 104 31.70 20.20 -15.05
N LYS B 105 31.64 18.88 -14.84
CA LYS B 105 32.73 18.17 -14.17
C LYS B 105 33.96 18.03 -15.06
N HIS B 106 33.87 18.38 -16.33
CA HIS B 106 35.03 18.28 -17.22
C HIS B 106 36.20 19.11 -16.73
N VAL B 107 35.92 20.28 -16.16
CA VAL B 107 36.96 21.11 -15.58
C VAL B 107 36.81 21.29 -14.08
N SER B 108 35.66 20.95 -13.49
CA SER B 108 35.47 21.12 -12.06
C SER B 108 36.39 20.19 -11.26
N GLU B 109 36.45 18.91 -11.65
CA GLU B 109 37.29 17.95 -10.96
C GLU B 109 38.41 17.42 -11.85
N TYR B 110 38.07 16.83 -13.00
CA TYR B 110 39.05 16.32 -13.95
C TYR B 110 38.31 15.89 -15.21
N VAL B 111 39.07 15.63 -16.27
CA VAL B 111 38.49 15.08 -17.49
C VAL B 111 38.48 13.55 -17.37
N VAL B 112 39.68 12.97 -17.34
CA VAL B 112 39.88 11.53 -17.14
C VAL B 112 41.17 11.34 -16.36
N PRO B 113 41.15 10.63 -15.23
CA PRO B 113 42.41 10.37 -14.50
C PRO B 113 43.36 9.51 -15.32
N ALA B 114 42.87 8.34 -15.77
CA ALA B 114 43.61 7.46 -16.68
C ALA B 114 45.00 7.12 -16.14
N VAL B 115 45.08 6.89 -14.83
CA VAL B 115 46.34 6.50 -14.20
C VAL B 115 46.04 5.71 -12.92
N LYS B 116 46.67 4.55 -12.78
CA LYS B 116 46.52 3.71 -11.61
C LYS B 116 47.74 2.80 -11.52
N PHE B 117 47.84 2.09 -10.39
CA PHE B 117 48.94 1.17 -10.16
C PHE B 117 48.59 -0.23 -10.66
N GLU B 118 49.55 -0.85 -11.33
CA GLU B 118 49.40 -2.19 -11.88
C GLU B 118 50.09 -3.21 -10.97
N GLU B 119 50.20 -4.45 -11.46
CA GLU B 119 50.89 -5.56 -10.82
C GLU B 119 50.14 -6.13 -9.62
N LYS B 120 48.94 -5.65 -9.33
CA LYS B 120 48.14 -6.13 -8.22
C LYS B 120 46.83 -6.72 -8.72
N THR B 121 46.21 -7.54 -7.86
CA THR B 121 44.95 -8.19 -8.20
C THR B 121 43.80 -7.18 -8.15
N THR B 122 43.78 -6.25 -9.09
CA THR B 122 42.77 -5.20 -9.17
C THR B 122 42.16 -5.16 -10.56
N PHE B 123 41.77 -6.33 -11.07
CA PHE B 123 41.20 -6.43 -12.41
C PHE B 123 39.89 -5.64 -12.52
N PHE B 124 39.16 -5.49 -11.41
CA PHE B 124 37.94 -4.71 -11.42
C PHE B 124 38.19 -3.21 -11.54
N GLU B 125 39.40 -2.76 -11.22
CA GLU B 125 39.75 -1.36 -11.46
C GLU B 125 39.70 -1.04 -12.95
N MET B 126 40.12 -1.99 -13.79
CA MET B 126 40.03 -1.79 -15.23
C MET B 126 38.58 -1.64 -15.68
N LEU B 127 37.68 -2.47 -15.13
CA LEU B 127 36.27 -2.35 -15.45
C LEU B 127 35.70 -1.01 -15.00
N ARG B 128 36.08 -0.57 -13.80
CA ARG B 128 35.62 0.73 -13.31
C ARG B 128 36.09 1.86 -14.20
N GLU B 129 37.37 1.85 -14.59
CA GLU B 129 37.90 2.89 -15.46
C GLU B 129 37.21 2.85 -16.82
N HIS B 130 36.98 1.64 -17.36
CA HIS B 130 36.35 1.53 -18.66
C HIS B 130 34.91 2.02 -18.64
N THR B 131 34.15 1.71 -17.58
CA THR B 131 32.78 2.18 -17.52
C THR B 131 32.72 3.69 -17.27
N TYR B 132 33.65 4.24 -16.50
CA TYR B 132 33.72 5.69 -16.36
C TYR B 132 34.04 6.36 -17.68
N ALA B 133 34.98 5.79 -18.44
CA ALA B 133 35.31 6.33 -19.75
C ALA B 133 34.13 6.26 -20.71
N LYS B 134 33.39 5.15 -20.66
CA LYS B 134 32.20 5.01 -21.50
C LYS B 134 31.14 6.04 -21.12
N PHE B 135 30.93 6.25 -19.83
CA PHE B 135 29.97 7.25 -19.39
C PHE B 135 30.38 8.66 -19.83
N TYR B 136 31.67 8.97 -19.74
CA TYR B 136 32.14 10.27 -20.20
C TYR B 136 32.04 10.41 -21.71
N GLU B 137 32.29 9.33 -22.46
CA GLU B 137 32.13 9.37 -23.91
C GLU B 137 30.68 9.60 -24.30
N LEU B 138 29.75 8.95 -23.61
CA LEU B 138 28.33 9.20 -23.86
C LEU B 138 27.95 10.63 -23.50
N CYS B 139 28.70 11.25 -22.59
CA CYS B 139 28.45 12.63 -22.21
C CYS B 139 28.88 13.63 -23.27
N LYS B 140 29.59 13.17 -24.32
CA LYS B 140 29.96 14.05 -25.42
C LYS B 140 28.87 14.15 -26.48
N ASN B 141 28.22 13.03 -26.81
CA ASN B 141 27.09 13.07 -27.72
C ASN B 141 25.94 13.88 -27.12
N ASN B 142 25.67 13.70 -25.84
CA ASN B 142 24.67 14.48 -25.11
C ASN B 142 25.37 15.19 -23.97
N ALA B 143 25.45 16.52 -24.07
CA ALA B 143 26.16 17.32 -23.07
C ALA B 143 25.30 17.63 -21.85
N LEU B 144 24.05 17.17 -21.83
CA LEU B 144 23.13 17.45 -20.74
C LEU B 144 23.11 16.35 -19.68
N ILE B 145 23.59 15.15 -20.03
CA ILE B 145 23.50 13.99 -19.14
C ILE B 145 24.62 14.02 -18.10
N TYR B 146 25.37 15.11 -18.06
CA TYR B 146 26.36 15.31 -17.01
C TYR B 146 25.68 15.53 -15.66
N GLY B 147 26.33 15.04 -14.61
CA GLY B 147 25.91 15.31 -13.24
C GLY B 147 25.32 14.12 -12.49
N PHE B 148 24.92 13.05 -13.18
CA PHE B 148 24.36 11.88 -12.52
C PHE B 148 25.37 10.75 -12.38
N GLU B 149 26.63 11.08 -12.12
CA GLU B 149 27.69 10.09 -11.91
C GLU B 149 27.86 9.73 -10.43
N LYS B 150 26.91 10.12 -9.57
CA LYS B 150 27.02 9.80 -8.15
C LYS B 150 26.99 8.29 -7.93
N VAL B 151 26.07 7.60 -8.60
CA VAL B 151 25.96 6.15 -8.54
C VAL B 151 25.89 5.61 -9.97
N ILE B 152 26.66 4.57 -10.24
CA ILE B 152 26.74 3.99 -11.58
C ILE B 152 26.70 2.47 -11.47
N ALA B 153 26.30 1.83 -12.56
CA ALA B 153 26.29 0.38 -12.65
C ALA B 153 26.43 -0.02 -14.11
N SER B 154 27.04 -1.18 -14.35
CA SER B 154 27.30 -1.64 -15.70
C SER B 154 27.44 -3.15 -15.70
N VAL B 155 27.25 -3.74 -16.88
CA VAL B 155 27.39 -5.17 -17.09
C VAL B 155 28.40 -5.39 -18.22
N PHE B 156 29.37 -6.27 -17.98
CA PHE B 156 30.43 -6.55 -18.95
C PHE B 156 30.29 -7.99 -19.45
N LEU B 157 30.39 -8.16 -20.76
CA LEU B 157 30.37 -9.48 -21.37
C LEU B 157 31.80 -9.95 -21.58
N LYS B 158 32.10 -11.17 -21.11
CA LYS B 158 33.45 -11.72 -21.16
C LYS B 158 33.45 -13.01 -21.95
N ILE B 159 34.29 -13.08 -22.99
CA ILE B 159 34.55 -14.30 -23.73
C ILE B 159 36.07 -14.42 -23.88
N ASN B 160 36.61 -15.56 -23.43
CA ASN B 160 38.05 -15.78 -23.41
C ASN B 160 38.75 -14.66 -22.65
N GLY B 161 39.61 -13.91 -23.34
CA GLY B 161 40.33 -12.82 -22.72
C GLY B 161 39.84 -11.44 -23.14
N ASN B 162 38.62 -11.37 -23.67
CA ASN B 162 38.06 -10.13 -24.19
C ASN B 162 36.88 -9.69 -23.34
N LEU B 163 36.77 -8.38 -23.11
CA LEU B 163 35.69 -7.79 -22.33
C LEU B 163 34.96 -6.75 -23.16
N GLN B 164 33.65 -6.62 -22.92
CA GLN B 164 32.84 -5.65 -23.63
C GLN B 164 31.68 -5.22 -22.75
N ILE B 165 31.47 -3.92 -22.63
CA ILE B 165 30.37 -3.39 -21.83
C ILE B 165 29.08 -3.44 -22.66
N ILE B 166 27.98 -3.82 -22.00
CA ILE B 166 26.71 -3.99 -22.69
C ILE B 166 25.62 -3.17 -22.01
N ALA B 167 25.88 -2.72 -20.78
CA ALA B 167 24.88 -2.00 -20.01
C ALA B 167 25.51 -0.83 -19.28
N LEU B 168 24.70 0.19 -19.03
CA LEU B 168 25.13 1.38 -18.29
C LEU B 168 23.91 2.18 -17.83
N SER B 169 23.80 2.43 -16.53
CA SER B 169 22.65 3.16 -16.00
C SER B 169 23.01 3.76 -14.65
N THR B 170 22.26 4.79 -14.26
CA THR B 170 22.41 5.48 -12.99
C THR B 170 21.06 5.51 -12.29
N GLY B 171 21.00 6.27 -11.20
CA GLY B 171 19.76 6.45 -10.44
C GLY B 171 19.83 5.75 -9.09
N ASN B 172 19.32 6.44 -8.07
CA ASN B 172 19.32 5.89 -6.71
C ASN B 172 18.02 6.20 -5.98
N LYS B 173 16.93 6.39 -6.70
CA LYS B 173 15.62 6.68 -6.11
C LYS B 173 14.57 5.75 -6.70
N GLY B 174 13.34 5.87 -6.21
CA GLY B 174 12.25 5.01 -6.62
C GLY B 174 11.01 5.80 -6.96
N LEU B 175 10.03 5.08 -7.50
CA LEU B 175 8.77 5.69 -7.94
C LEU B 175 7.97 6.18 -6.74
N ARG B 176 7.34 7.34 -6.90
CA ARG B 176 6.49 7.89 -5.86
C ARG B 176 5.18 7.09 -5.75
N GLY B 177 4.57 7.13 -4.57
CA GLY B 177 3.33 6.40 -4.35
C GLY B 177 2.12 7.01 -5.01
N ASP B 178 2.17 8.31 -5.33
CA ASP B 178 1.05 8.99 -5.94
C ASP B 178 1.09 8.98 -7.46
N LYS B 179 2.14 8.41 -8.06
CA LYS B 179 2.29 8.36 -9.51
C LYS B 179 2.14 6.94 -10.05
N ILE B 180 1.57 6.03 -9.26
CA ILE B 180 1.41 4.65 -9.71
C ILE B 180 0.33 4.57 -10.79
N VAL B 181 0.46 3.57 -11.66
CA VAL B 181 -0.48 3.37 -12.76
C VAL B 181 -0.62 1.87 -12.98
N ASN B 182 -1.79 1.47 -13.51
CA ASN B 182 -2.13 0.07 -13.69
C ASN B 182 -1.80 -0.47 -15.08
N ASP B 183 -1.35 0.39 -16.00
CA ASP B 183 -1.06 -0.05 -17.36
C ASP B 183 0.42 -0.35 -17.59
N GLY B 184 1.26 -0.22 -16.57
CA GLY B 184 2.63 -0.66 -16.66
C GLY B 184 3.56 0.18 -17.50
N THR B 185 3.21 1.45 -17.75
CA THR B 185 4.09 2.35 -18.49
C THR B 185 5.00 3.17 -17.58
N ALA B 186 4.95 2.95 -16.27
CA ALA B 186 5.77 3.68 -15.31
C ALA B 186 6.74 2.72 -14.64
N LEU B 187 8.01 3.10 -14.61
CA LEU B 187 9.02 2.27 -13.96
C LEU B 187 8.81 2.26 -12.45
N ILE B 188 8.99 1.08 -11.85
CA ILE B 188 8.80 0.95 -10.41
C ILE B 188 10.07 1.33 -9.66
N ASP B 189 11.20 0.76 -10.05
CA ASP B 189 12.48 1.03 -9.41
C ASP B 189 13.41 1.67 -10.42
N CYS B 190 14.02 2.79 -10.04
CA CYS B 190 14.94 3.52 -10.91
C CYS B 190 16.38 3.38 -10.47
N HIS B 191 16.70 2.60 -9.45
CA HIS B 191 18.10 2.43 -9.05
C HIS B 191 18.94 1.93 -10.20
N ALA B 192 20.24 1.99 -10.23
CA ALA B 192 21.17 1.70 -11.32
C ALA B 192 21.28 0.20 -11.58
N GLU B 193 21.30 -0.61 -10.52
CA GLU B 193 21.50 -2.05 -10.68
C GLU B 193 20.34 -2.70 -11.44
N ILE B 194 19.11 -2.28 -11.13
CA ILE B 194 17.94 -2.91 -11.75
C ILE B 194 17.86 -2.57 -13.23
N LEU B 195 18.16 -1.32 -13.59
CA LEU B 195 18.11 -0.91 -14.99
C LEU B 195 19.15 -1.65 -15.82
N ALA B 196 20.29 -2.00 -15.22
CA ALA B 196 21.29 -2.80 -15.93
C ALA B 196 20.73 -4.16 -16.31
N ARG B 197 20.03 -4.82 -15.37
CA ARG B 197 19.41 -6.10 -15.68
C ARG B 197 18.30 -5.95 -16.71
N ARG B 198 17.52 -4.86 -16.61
CA ARG B 198 16.47 -4.62 -17.60
C ARG B 198 17.05 -4.46 -19.00
N GLY B 199 18.16 -3.73 -19.12
CA GLY B 199 18.82 -3.62 -20.42
C GLY B 199 19.43 -4.93 -20.87
N LEU B 200 19.96 -5.73 -19.94
CA LEU B 200 20.46 -7.05 -20.27
C LEU B 200 19.35 -7.93 -20.83
N LEU B 201 18.12 -7.75 -20.35
CA LEU B 201 16.99 -8.48 -20.92
C LEU B 201 16.80 -8.13 -22.40
N ARG B 202 16.87 -6.85 -22.74
CA ARG B 202 16.75 -6.43 -24.14
C ARG B 202 17.92 -6.97 -24.97
N PHE B 203 19.13 -6.98 -24.40
CA PHE B 203 20.27 -7.54 -25.09
C PHE B 203 20.07 -9.03 -25.37
N LEU B 204 19.54 -9.76 -24.41
CA LEU B 204 19.24 -11.17 -24.62
C LEU B 204 18.16 -11.36 -25.68
N TYR B 205 17.17 -10.47 -25.71
CA TYR B 205 16.15 -10.53 -26.76
C TYR B 205 16.77 -10.34 -28.14
N SER B 206 17.67 -9.36 -28.28
CA SER B 206 18.37 -9.15 -29.54
C SER B 206 19.21 -10.35 -29.92
N GLU B 207 19.88 -10.96 -28.93
CA GLU B 207 20.67 -12.17 -29.19
C GLU B 207 19.78 -13.32 -29.65
N VAL B 208 18.59 -13.44 -29.07
CA VAL B 208 17.64 -14.47 -29.50
C VAL B 208 17.22 -14.25 -30.94
N LEU B 209 16.94 -13.01 -31.32
CA LEU B 209 16.61 -12.72 -32.72
C LEU B 209 17.79 -13.02 -33.64
N LYS B 210 19.00 -12.70 -33.21
CA LYS B 210 20.17 -13.04 -34.02
C LYS B 210 20.30 -14.55 -34.19
N PHE B 211 20.04 -15.31 -33.13
CA PHE B 211 20.04 -16.76 -33.24
C PHE B 211 18.93 -17.26 -34.14
N SER B 212 17.81 -16.53 -34.21
CA SER B 212 16.68 -16.97 -35.04
C SER B 212 17.01 -16.94 -36.53
N THR B 213 18.07 -16.23 -36.93
CA THR B 213 18.43 -16.14 -38.33
C THR B 213 19.87 -16.57 -38.56
N GLU B 214 20.76 -16.29 -37.61
CA GLU B 214 22.18 -16.62 -37.72
C GLU B 214 22.64 -17.32 -36.45
N PRO B 215 22.37 -18.61 -36.34
CA PRO B 215 22.83 -19.38 -35.16
C PRO B 215 24.34 -19.31 -34.98
N PRO B 216 25.16 -19.41 -36.04
CA PRO B 216 26.61 -19.29 -35.83
C PRO B 216 27.04 -17.96 -35.25
N ASN B 217 26.37 -16.87 -35.61
CA ASN B 217 26.78 -15.53 -35.16
C ASN B 217 26.24 -15.17 -33.78
N SER B 218 25.36 -15.98 -33.22
CA SER B 218 24.75 -15.67 -31.93
C SER B 218 25.48 -16.39 -30.80
N ILE B 219 25.22 -15.93 -29.58
CA ILE B 219 25.81 -16.53 -28.38
C ILE B 219 25.06 -17.77 -27.93
N PHE B 220 23.91 -18.07 -28.50
CA PHE B 220 23.11 -19.22 -28.11
C PHE B 220 23.38 -20.40 -29.02
N THR B 221 23.03 -21.59 -28.54
CA THR B 221 23.15 -22.82 -29.30
C THR B 221 21.89 -23.66 -29.09
N LYS B 222 21.62 -24.54 -30.05
CA LYS B 222 20.41 -25.37 -30.02
C LYS B 222 20.70 -26.58 -29.13
N GLY B 223 20.52 -26.38 -27.82
CA GLY B 223 20.66 -27.46 -26.88
C GLY B 223 19.31 -28.05 -26.47
N LYS B 224 19.38 -29.15 -25.73
CA LYS B 224 18.18 -29.78 -25.22
C LYS B 224 17.52 -28.89 -24.16
N ASN B 225 16.19 -28.96 -24.10
CA ASN B 225 15.38 -28.13 -23.20
C ASN B 225 15.70 -26.65 -23.41
N ALA B 226 15.34 -26.18 -24.61
CA ALA B 226 15.47 -24.79 -25.03
C ALA B 226 16.93 -24.38 -25.21
N LEU B 227 17.17 -23.10 -25.49
CA LEU B 227 18.49 -22.64 -25.85
C LEU B 227 19.45 -22.73 -24.66
N VAL B 228 20.74 -22.89 -24.98
CA VAL B 228 21.80 -23.01 -24.00
C VAL B 228 22.92 -22.06 -24.38
N LEU B 229 23.43 -21.31 -23.40
CA LEU B 229 24.52 -20.37 -23.67
C LEU B 229 25.77 -21.11 -24.11
N LYS B 230 26.49 -20.53 -25.05
CA LYS B 230 27.71 -21.14 -25.55
C LYS B 230 28.79 -21.15 -24.46
N PRO B 231 29.64 -22.16 -24.43
CA PRO B 231 30.70 -22.23 -23.42
C PRO B 231 31.66 -21.06 -23.54
N GLY B 232 32.18 -20.63 -22.40
CA GLY B 232 33.13 -19.54 -22.34
C GLY B 232 32.53 -18.16 -22.23
N ILE B 233 31.21 -18.04 -22.27
CA ILE B 233 30.54 -16.74 -22.21
C ILE B 233 30.01 -16.54 -20.79
N SER B 234 30.34 -15.39 -20.20
CA SER B 234 29.95 -15.08 -18.84
C SER B 234 29.60 -13.60 -18.74
N PHE B 235 28.86 -13.26 -17.69
CA PHE B 235 28.42 -11.90 -17.43
C PHE B 235 28.99 -11.42 -16.10
N HIS B 236 29.43 -10.17 -16.06
CA HIS B 236 30.00 -9.57 -14.87
C HIS B 236 29.29 -8.25 -14.57
N LEU B 237 29.03 -8.00 -13.29
CA LEU B 237 28.32 -6.81 -12.84
C LEU B 237 29.22 -5.98 -11.95
N PHE B 238 29.23 -4.67 -12.20
CA PHE B 238 30.01 -3.73 -11.40
C PHE B 238 29.07 -2.67 -10.82
N ILE B 239 29.25 -2.36 -9.53
CA ILE B 239 28.45 -1.37 -8.84
C ILE B 239 29.38 -0.33 -8.24
N ASN B 240 29.05 0.95 -8.43
CA ASN B 240 29.91 2.02 -7.93
C ASN B 240 29.96 2.04 -6.40
N THR B 241 28.83 1.79 -5.74
CA THR B 241 28.76 1.83 -4.29
C THR B 241 28.09 0.56 -3.77
N ALA B 242 28.21 0.35 -2.47
CA ALA B 242 27.62 -0.84 -1.86
C ALA B 242 26.09 -0.77 -1.97
N PRO B 243 25.43 -1.86 -2.36
CA PRO B 243 23.97 -1.83 -2.49
C PRO B 243 23.29 -1.66 -1.14
N CYS B 244 22.10 -1.09 -1.16
CA CYS B 244 21.32 -0.93 0.02
C CYS B 244 21.03 -2.22 0.65
N GLY B 245 20.62 -2.23 1.89
CA GLY B 245 20.14 -3.44 2.54
C GLY B 245 21.07 -3.95 3.62
N VAL B 246 21.49 -5.22 3.49
CA VAL B 246 22.39 -5.82 4.46
C VAL B 246 23.72 -5.09 4.48
N ALA B 247 24.27 -4.83 3.29
CA ALA B 247 25.56 -4.16 3.17
C ALA B 247 25.38 -2.66 3.33
N ARG B 248 26.46 -1.91 3.13
CA ARG B 248 26.47 -0.44 3.22
C ARG B 248 26.00 0.03 4.60
N ILE B 249 26.78 -0.34 5.61
CA ILE B 249 26.53 0.08 6.99
C ILE B 249 27.60 1.10 7.37
N ASP B 250 27.17 2.27 7.82
CA ASP B 250 28.08 3.35 8.19
C ASP B 250 27.63 4.00 9.49
N LYS B 251 27.25 3.18 10.46
CA LYS B 251 26.82 3.66 11.77
C LYS B 251 27.89 3.34 12.80
N LYS B 252 28.28 4.35 13.58
CA LYS B 252 29.32 4.19 14.58
C LYS B 252 28.81 3.57 15.88
N LEU B 253 27.49 3.34 15.99
CA LEU B 253 26.94 2.75 17.20
C LEU B 253 27.34 1.29 17.37
N LYS B 254 27.75 0.62 16.28
CA LYS B 254 28.21 -0.77 16.26
C LYS B 254 27.09 -1.74 16.57
N PRO B 255 27.19 -3.00 16.13
CA PRO B 255 26.14 -3.98 16.43
C PRO B 255 26.03 -4.24 17.92
N GLY B 256 24.82 -4.55 18.36
CA GLY B 256 24.54 -4.76 19.77
C GLY B 256 24.48 -6.22 20.18
N THR B 257 23.33 -6.64 20.71
CA THR B 257 23.17 -7.99 21.23
C THR B 257 22.88 -8.95 20.07
N SER B 258 22.47 -10.18 20.43
CA SER B 258 22.22 -11.20 19.41
C SER B 258 21.01 -10.85 18.54
N ASP B 259 20.04 -10.11 19.09
CA ASP B 259 18.90 -9.70 18.28
C ASP B 259 19.33 -8.79 17.13
N ASP B 260 20.24 -7.87 17.40
CA ASP B 260 20.77 -7.02 16.33
C ASP B 260 21.64 -7.82 15.36
N LEU B 261 22.34 -8.83 15.86
CA LEU B 261 23.12 -9.71 14.97
C LEU B 261 22.20 -10.45 14.00
N GLN B 262 21.05 -10.92 14.49
CA GLN B 262 20.09 -11.56 13.61
C GLN B 262 19.53 -10.58 12.59
N ASN B 263 19.44 -9.29 12.95
CA ASN B 263 18.96 -8.29 12.02
C ASN B 263 19.91 -8.04 10.86
N SER B 264 21.16 -8.50 10.96
CA SER B 264 22.11 -8.33 9.86
C SER B 264 21.80 -9.21 8.66
N SER B 265 20.88 -10.17 8.79
CA SER B 265 20.49 -11.03 7.68
C SER B 265 19.00 -10.94 7.37
N ARG B 266 18.24 -10.15 8.11
CA ARG B 266 16.81 -10.03 7.85
C ARG B 266 16.54 -9.27 6.55
N LEU B 267 15.40 -9.56 5.95
CA LEU B 267 15.02 -8.91 4.70
C LEU B 267 14.73 -7.43 4.96
N ARG B 268 15.14 -6.58 4.02
CA ARG B 268 14.94 -5.15 4.15
C ARG B 268 14.23 -4.59 2.91
N PHE B 269 13.43 -3.55 3.14
CA PHE B 269 12.58 -2.95 2.11
C PHE B 269 12.87 -1.47 2.00
N LYS B 270 12.56 -0.90 0.84
CA LYS B 270 12.70 0.52 0.60
C LYS B 270 11.43 1.26 0.99
N ILE B 271 11.55 2.59 1.07
CA ILE B 271 10.44 3.46 1.42
C ILE B 271 10.33 4.56 0.38
N ASP B 272 9.13 4.76 -0.15
CA ASP B 272 8.91 5.80 -1.15
C ASP B 272 9.03 7.19 -0.52
N LYS B 273 9.56 8.14 -1.29
CA LYS B 273 9.73 9.52 -0.86
C LYS B 273 10.65 9.63 0.36
N GLY B 274 11.39 8.56 0.65
CA GLY B 274 12.30 8.54 1.77
C GLY B 274 13.74 8.27 1.34
N MET B 275 14.56 7.89 2.33
CA MET B 275 15.95 7.57 2.09
C MET B 275 16.34 6.37 2.93
N GLY B 276 17.33 5.62 2.44
CA GLY B 276 17.78 4.46 3.17
C GLY B 276 16.80 3.30 3.11
N THR B 277 16.97 2.36 4.02
CA THR B 277 16.12 1.18 4.12
C THR B 277 15.63 1.02 5.54
N VAL B 278 14.51 0.33 5.69
CA VAL B 278 13.89 0.09 6.99
C VAL B 278 13.93 -1.40 7.29
N LEU B 279 13.84 -1.73 8.57
CA LEU B 279 13.88 -3.11 9.03
C LEU B 279 12.46 -3.63 9.24
N GLY B 280 12.19 -4.81 8.70
CA GLY B 280 10.87 -5.40 8.80
C GLY B 280 10.54 -5.85 10.22
N GLY B 281 9.29 -6.25 10.40
CA GLY B 281 8.80 -6.68 11.69
C GLY B 281 8.02 -5.65 12.47
N ALA B 282 7.73 -4.49 11.88
CA ALA B 282 6.97 -3.46 12.57
C ALA B 282 5.49 -3.85 12.63
N SER B 283 4.68 -2.94 13.17
CA SER B 283 3.25 -3.18 13.35
C SER B 283 2.43 -2.77 12.13
N GLU B 284 3.05 -2.63 10.96
CA GLU B 284 2.34 -2.24 9.75
C GLU B 284 2.69 -3.09 8.53
N PHE B 285 3.72 -3.94 8.60
CA PHE B 285 4.13 -4.75 7.45
C PHE B 285 3.19 -5.91 7.17
N GLU B 286 2.22 -6.18 8.04
CA GLU B 286 1.27 -7.25 7.78
C GLU B 286 0.33 -6.87 6.64
N ALA B 287 -0.24 -7.90 6.00
CA ALA B 287 -1.19 -7.82 4.89
C ALA B 287 -0.53 -7.28 3.62
N PRO B 288 -0.93 -7.74 2.45
CA PRO B 288 -0.32 -7.25 1.20
C PRO B 288 -0.75 -5.83 0.90
N GLN B 289 0.05 -5.17 0.07
CA GLN B 289 -0.25 -3.81 -0.36
C GLN B 289 -1.46 -3.80 -1.30
N THR B 290 -2.13 -2.66 -1.34
CA THR B 290 -3.31 -2.48 -2.18
C THR B 290 -3.13 -1.28 -3.09
N PHE B 291 -3.76 -1.34 -4.26
CA PHE B 291 -3.68 -0.24 -5.21
C PHE B 291 -4.38 1.01 -4.68
N ASP B 292 -5.62 0.87 -4.22
CA ASP B 292 -6.37 2.02 -3.74
C ASP B 292 -5.77 2.60 -2.47
N GLY B 293 -5.30 1.74 -1.56
CA GLY B 293 -4.68 2.23 -0.34
C GLY B 293 -3.41 3.01 -0.62
N ILE B 294 -2.56 2.50 -1.51
CA ILE B 294 -1.35 3.21 -1.89
C ILE B 294 -1.70 4.51 -2.61
N MET B 295 -2.80 4.51 -3.37
CA MET B 295 -3.20 5.71 -4.10
C MET B 295 -3.44 6.89 -3.17
N MET B 296 -4.09 6.65 -2.02
CA MET B 296 -4.43 7.73 -1.11
C MET B 296 -3.34 8.06 -0.10
N GLY B 297 -2.22 7.33 -0.10
CA GLY B 297 -1.10 7.71 0.74
C GLY B 297 -0.41 6.60 1.51
N GLU B 298 -0.83 5.35 1.31
CA GLU B 298 -0.15 4.25 1.98
C GLU B 298 1.25 4.06 1.39
N ARG B 299 2.22 3.79 2.27
CA ARG B 299 3.59 3.63 1.84
C ARG B 299 3.76 2.35 1.02
N MET B 300 4.43 2.47 -0.12
CA MET B 300 4.69 1.33 -1.00
C MET B 300 6.04 0.71 -0.64
N ARG B 301 6.06 -0.60 -0.45
CA ARG B 301 7.26 -1.31 -0.03
C ARG B 301 7.97 -1.88 -1.26
N THR B 302 9.26 -1.60 -1.38
CA THR B 302 10.07 -2.10 -2.48
C THR B 302 11.28 -2.83 -1.91
N MET B 303 11.60 -3.98 -2.49
CA MET B 303 12.72 -4.78 -2.00
C MET B 303 14.03 -4.04 -2.21
N SER B 304 14.94 -4.18 -1.25
CA SER B 304 16.21 -3.48 -1.32
C SER B 304 17.11 -4.08 -2.40
N CYS B 305 18.19 -3.35 -2.69
CA CYS B 305 19.09 -3.76 -3.78
C CYS B 305 19.77 -5.09 -3.47
N SER B 306 20.24 -5.28 -2.24
CA SER B 306 20.88 -6.53 -1.88
C SER B 306 19.89 -7.69 -1.93
N ASP B 307 18.64 -7.45 -1.53
CA ASP B 307 17.60 -8.46 -1.62
C ASP B 307 17.37 -8.88 -3.07
N LYS B 308 17.25 -7.89 -3.97
CA LYS B 308 17.04 -8.20 -5.38
C LYS B 308 18.27 -8.85 -5.99
N LEU B 309 19.47 -8.50 -5.51
CA LEU B 309 20.67 -9.21 -5.94
C LEU B 309 20.62 -10.67 -5.54
N LEU B 310 20.15 -10.95 -4.32
CA LEU B 310 20.00 -12.34 -3.89
C LEU B 310 18.99 -13.08 -4.77
N ARG B 311 17.87 -12.43 -5.08
CA ARG B 311 16.87 -13.06 -5.94
C ARG B 311 17.44 -13.34 -7.33
N ALA B 312 18.18 -12.40 -7.89
CA ALA B 312 18.79 -12.59 -9.20
C ALA B 312 19.83 -13.71 -9.18
N ASN B 313 20.61 -13.78 -8.09
CA ASN B 313 21.62 -14.83 -7.98
C ASN B 313 20.97 -16.21 -7.86
N VAL B 314 19.85 -16.31 -7.14
CA VAL B 314 19.22 -17.60 -6.92
C VAL B 314 18.44 -18.05 -8.15
N LEU B 315 17.52 -17.21 -8.62
CA LEU B 315 16.59 -17.59 -9.68
C LEU B 315 17.04 -17.17 -11.07
N GLY B 316 18.20 -16.53 -11.20
CA GLY B 316 18.67 -16.07 -12.49
C GLY B 316 18.28 -14.63 -12.77
N VAL B 317 18.94 -14.06 -13.78
CA VAL B 317 18.71 -12.67 -14.15
C VAL B 317 17.84 -12.52 -15.40
N GLN B 318 17.49 -13.62 -16.07
CA GLN B 318 16.67 -13.53 -17.27
C GLN B 318 15.21 -13.27 -16.97
N GLY B 319 14.78 -13.44 -15.72
CA GLY B 319 13.39 -13.24 -15.36
C GLY B 319 12.53 -14.45 -15.69
N ALA B 320 11.23 -14.26 -15.50
CA ALA B 320 10.25 -15.32 -15.74
C ALA B 320 9.80 -15.39 -17.20
N ILE B 321 9.63 -14.24 -17.84
CA ILE B 321 9.13 -14.21 -19.21
C ILE B 321 10.14 -14.84 -20.17
N LEU B 322 11.42 -14.51 -20.01
CA LEU B 322 12.45 -15.02 -20.90
C LEU B 322 12.80 -16.48 -20.62
N SER B 323 12.32 -17.05 -19.52
CA SER B 323 12.63 -18.44 -19.20
C SER B 323 12.05 -19.43 -20.20
N HIS B 324 11.08 -19.00 -21.00
CA HIS B 324 10.48 -19.89 -21.99
C HIS B 324 11.43 -20.23 -23.13
N PHE B 325 12.44 -19.39 -23.38
CA PHE B 325 13.34 -19.56 -24.51
C PHE B 325 14.76 -19.96 -24.14
N ILE B 326 15.28 -19.46 -23.02
CA ILE B 326 16.69 -19.66 -22.68
C ILE B 326 16.78 -20.24 -21.27
N ASP B 327 17.92 -20.89 -21.01
CA ASP B 327 18.23 -21.45 -19.70
C ASP B 327 18.62 -20.34 -18.73
N PRO B 328 18.56 -20.63 -17.42
CA PRO B 328 18.93 -19.60 -16.44
C PRO B 328 20.37 -19.14 -16.61
N ILE B 329 20.58 -17.84 -16.39
CA ILE B 329 21.89 -17.21 -16.52
C ILE B 329 22.22 -16.53 -15.20
N TYR B 330 23.43 -16.74 -14.70
CA TYR B 330 23.87 -16.21 -13.42
C TYR B 330 25.11 -15.36 -13.61
N TYR B 331 25.28 -14.37 -12.73
CA TYR B 331 26.46 -13.51 -12.76
C TYR B 331 27.69 -14.29 -12.35
N SER B 332 28.85 -13.79 -12.77
CA SER B 332 30.13 -14.42 -12.46
C SER B 332 30.92 -13.68 -11.38
N SER B 333 30.84 -12.36 -11.33
CA SER B 333 31.56 -11.59 -10.33
C SER B 333 30.85 -10.27 -10.09
N ILE B 334 30.96 -9.78 -8.86
CA ILE B 334 30.37 -8.51 -8.45
C ILE B 334 31.46 -7.67 -7.79
N ALA B 335 31.59 -6.42 -8.24
CA ALA B 335 32.61 -5.50 -7.74
C ALA B 335 31.96 -4.24 -7.21
N VAL B 336 32.44 -3.79 -6.05
CA VAL B 336 31.97 -2.57 -5.41
C VAL B 336 33.16 -1.68 -5.12
N ALA B 337 33.08 -0.41 -5.52
CA ALA B 337 34.21 0.50 -5.36
C ALA B 337 34.27 1.10 -3.96
N GLU B 338 33.23 1.83 -3.57
CA GLU B 338 33.19 2.52 -2.30
C GLU B 338 32.37 1.76 -1.28
N LEU B 339 32.80 1.82 -0.02
CA LEU B 339 32.13 1.14 1.08
C LEU B 339 32.04 -0.37 0.82
N ASN B 340 33.13 -0.94 0.32
CA ASN B 340 33.16 -2.36 -0.03
C ASN B 340 33.75 -3.17 1.12
N ASN B 341 33.01 -4.21 1.53
CA ASN B 341 33.48 -5.16 2.53
C ASN B 341 33.34 -6.56 1.94
N ALA B 342 34.46 -7.28 1.85
CA ALA B 342 34.44 -8.61 1.24
C ALA B 342 33.58 -9.57 2.05
N ASP B 343 33.69 -9.54 3.37
CA ASP B 343 32.91 -10.45 4.21
C ASP B 343 31.43 -10.10 4.16
N ARG B 344 31.10 -8.82 4.28
CA ARG B 344 29.68 -8.41 4.32
C ARG B 344 29.00 -8.65 2.98
N LEU B 345 29.68 -8.35 1.87
CA LEU B 345 29.06 -8.51 0.56
C LEU B 345 28.75 -9.97 0.27
N ARG B 346 29.66 -10.88 0.64
CA ARG B 346 29.40 -12.30 0.44
C ARG B 346 28.23 -12.78 1.27
N LYS B 347 28.14 -12.32 2.53
CA LYS B 347 27.04 -12.72 3.40
C LYS B 347 25.70 -12.19 2.87
N ALA B 348 25.70 -10.99 2.30
CA ALA B 348 24.45 -10.38 1.85
C ALA B 348 23.84 -11.15 0.69
N VAL B 349 24.65 -11.65 -0.23
CA VAL B 349 24.15 -12.21 -1.48
C VAL B 349 24.36 -13.71 -1.60
N TYR B 350 25.30 -14.30 -0.86
CA TYR B 350 25.61 -15.71 -1.03
C TYR B 350 25.41 -16.54 0.23
N SER B 351 25.94 -16.08 1.38
CA SER B 351 26.00 -16.93 2.56
C SER B 351 24.60 -17.24 3.11
N ARG B 352 23.71 -16.25 3.11
CA ARG B 352 22.40 -16.45 3.75
C ARG B 352 21.48 -17.36 2.95
N ALA B 353 21.84 -17.73 1.71
CA ALA B 353 21.01 -18.65 0.94
C ALA B 353 21.82 -19.80 0.35
N ALA B 354 23.01 -20.08 0.88
CA ALA B 354 23.83 -21.16 0.34
C ALA B 354 23.21 -22.52 0.64
N THR B 355 22.58 -22.68 1.80
CA THR B 355 22.01 -23.96 2.19
C THR B 355 20.75 -24.30 1.40
N PHE B 356 20.16 -23.33 0.71
CA PHE B 356 18.95 -23.58 -0.07
C PHE B 356 19.28 -24.46 -1.27
N LYS B 357 18.32 -25.33 -1.62
CA LYS B 357 18.46 -26.28 -2.73
C LYS B 357 17.29 -26.08 -3.68
N PRO B 358 17.38 -25.13 -4.62
CA PRO B 358 16.29 -24.94 -5.56
C PRO B 358 16.17 -26.11 -6.51
N PRO B 359 14.98 -26.36 -7.06
CA PRO B 359 14.81 -27.47 -8.00
C PRO B 359 15.58 -27.24 -9.29
N ALA B 360 15.89 -28.35 -9.96
CA ALA B 360 16.64 -28.29 -11.20
C ALA B 360 15.83 -27.56 -12.27
N PRO B 361 16.49 -26.85 -13.20
CA PRO B 361 17.94 -26.68 -13.33
C PRO B 361 18.49 -25.52 -12.49
N PHE B 362 17.65 -24.88 -11.69
CA PHE B 362 18.10 -23.77 -10.87
C PHE B 362 19.05 -24.25 -9.78
N HIS B 363 20.08 -23.45 -9.50
CA HIS B 363 21.06 -23.77 -8.48
C HIS B 363 21.64 -22.48 -7.93
N VAL B 364 22.23 -22.59 -6.74
CA VAL B 364 22.85 -21.43 -6.09
C VAL B 364 24.24 -21.21 -6.69
N GLN B 365 24.49 -19.99 -7.16
CA GLN B 365 25.75 -19.65 -7.80
C GLN B 365 26.69 -18.99 -6.79
N ASP B 366 27.91 -19.50 -6.71
CA ASP B 366 28.93 -18.93 -5.82
C ASP B 366 29.62 -17.79 -6.56
N VAL B 367 28.99 -16.62 -6.55
CA VAL B 367 29.51 -15.47 -7.26
C VAL B 367 30.78 -14.98 -6.58
N GLU B 368 31.73 -14.54 -7.39
CA GLU B 368 32.98 -14.00 -6.87
C GLU B 368 32.79 -12.57 -6.36
N ILE B 369 33.39 -12.27 -5.22
CA ILE B 369 33.32 -10.96 -4.61
C ILE B 369 34.65 -10.25 -4.86
N GLY B 370 34.60 -9.07 -5.48
CA GLY B 370 35.78 -8.33 -5.83
C GLY B 370 35.77 -6.94 -5.25
N GLU B 371 36.97 -6.37 -5.07
CA GLU B 371 37.14 -5.03 -4.54
C GLU B 371 38.11 -4.26 -5.42
N CYS B 372 37.90 -2.95 -5.52
CA CYS B 372 38.76 -2.09 -6.32
C CYS B 372 39.97 -1.64 -5.50
N GLN B 373 40.77 -0.75 -6.09
CA GLN B 373 42.04 -0.34 -5.50
C GLN B 373 41.98 1.01 -4.81
N VAL B 374 41.28 1.99 -5.39
CA VAL B 374 41.30 3.37 -4.90
C VAL B 374 40.00 3.68 -4.18
N GLU B 375 40.12 4.37 -3.05
CA GLU B 375 38.96 4.81 -2.28
C GLU B 375 39.40 5.94 -1.35
N ASP B 376 38.71 7.07 -1.42
CA ASP B 376 39.03 8.22 -0.59
C ASP B 376 37.73 8.91 -0.21
N THR B 377 37.42 8.92 1.09
CA THR B 377 36.14 9.46 1.55
C THR B 377 36.07 10.97 1.37
N GLU B 378 37.20 11.67 1.57
CA GLU B 378 37.19 13.13 1.53
C GLU B 378 36.78 13.65 0.16
N GLN B 379 37.30 13.05 -0.90
CA GLN B 379 36.97 13.46 -2.26
C GLN B 379 35.87 12.60 -2.88
N SER B 380 35.25 11.73 -2.09
CA SER B 380 34.22 10.84 -2.61
C SER B 380 32.95 11.62 -2.94
N THR B 381 32.15 11.06 -3.85
CA THR B 381 30.87 11.64 -4.26
C THR B 381 29.74 10.65 -4.01
N SER B 382 29.73 10.04 -2.82
CA SER B 382 28.79 8.96 -2.55
C SER B 382 27.43 9.50 -2.14
N ALA B 383 27.36 10.21 -1.02
CA ALA B 383 26.08 10.66 -0.49
C ALA B 383 26.02 12.14 -0.18
N ALA B 384 27.12 12.74 0.26
CA ALA B 384 27.11 14.12 0.71
C ALA B 384 26.93 15.12 -0.43
N ALA B 385 27.03 14.69 -1.68
CA ALA B 385 26.89 15.59 -2.81
C ALA B 385 25.43 15.91 -3.08
N ARG B 386 25.19 16.79 -4.04
CA ARG B 386 23.83 17.16 -4.40
C ARG B 386 23.10 15.99 -5.05
N SER B 387 21.80 15.92 -4.81
CA SER B 387 20.95 14.86 -5.34
C SER B 387 20.23 15.33 -6.59
N THR B 388 19.85 14.38 -7.44
CA THR B 388 19.18 14.66 -8.69
C THR B 388 17.88 13.86 -8.76
N ILE B 389 16.97 14.33 -9.64
CA ILE B 389 15.66 13.70 -9.78
C ILE B 389 15.55 12.82 -11.01
N SER B 390 16.43 12.99 -12.00
CA SER B 390 16.37 12.22 -13.24
C SER B 390 17.49 11.19 -13.26
N SER B 391 17.26 10.13 -14.03
CA SER B 391 18.22 9.05 -14.20
C SER B 391 18.32 8.69 -15.67
N MET B 392 19.45 8.11 -16.06
CA MET B 392 19.73 7.76 -17.44
C MET B 392 20.12 6.30 -17.54
N ASN B 393 19.87 5.71 -18.72
CA ASN B 393 20.25 4.34 -19.00
C ASN B 393 20.72 4.24 -20.44
N TRP B 394 21.68 3.34 -20.66
CA TRP B 394 22.23 3.10 -21.99
C TRP B 394 22.29 1.60 -22.24
N ASN B 395 22.05 1.19 -23.48
CA ASN B 395 22.02 -0.21 -23.84
C ASN B 395 22.75 -0.43 -25.16
N LEU B 396 23.48 -1.55 -25.23
CA LEU B 396 24.17 -1.90 -26.47
C LEU B 396 23.19 -2.24 -27.58
N ALA B 397 22.09 -2.92 -27.24
CA ALA B 397 21.11 -3.29 -28.25
C ALA B 397 20.45 -2.07 -28.87
N ASP B 398 20.13 -1.06 -28.07
CA ASP B 398 19.51 0.16 -28.58
C ASP B 398 20.53 1.11 -29.18
N GLY B 399 21.69 1.27 -28.54
CA GLY B 399 22.75 2.13 -29.03
C GLY B 399 22.58 3.60 -28.73
N ASN B 400 21.53 3.99 -28.02
CA ASN B 400 21.30 5.38 -27.67
C ASN B 400 20.85 5.47 -26.22
N THR B 401 21.14 6.62 -25.60
CA THR B 401 20.82 6.85 -24.21
C THR B 401 19.38 7.32 -24.05
N GLU B 402 18.80 7.02 -22.89
CA GLU B 402 17.44 7.42 -22.56
C GLU B 402 17.43 8.04 -21.17
N VAL B 403 16.72 9.16 -21.04
CA VAL B 403 16.63 9.89 -19.78
C VAL B 403 15.17 9.89 -19.32
N VAL B 404 14.94 9.46 -18.08
CA VAL B 404 13.60 9.40 -17.51
C VAL B 404 13.60 10.15 -16.18
N ARG B 405 12.41 10.51 -15.73
CA ARG B 405 12.21 11.18 -14.45
C ARG B 405 11.75 10.15 -13.43
N THR B 406 12.46 10.10 -12.29
CA THR B 406 12.19 9.09 -11.29
C THR B 406 10.80 9.26 -10.67
N SER B 407 10.33 10.50 -10.54
CA SER B 407 9.05 10.76 -9.87
C SER B 407 7.90 10.03 -10.53
N ASP B 408 7.94 9.85 -11.86
CA ASP B 408 6.91 9.14 -12.58
C ASP B 408 7.42 7.97 -13.40
N GLY B 409 8.73 7.84 -13.58
CA GLY B 409 9.27 6.76 -14.40
C GLY B 409 8.85 6.83 -15.85
N MET B 410 8.70 8.04 -16.39
CA MET B 410 8.21 8.23 -17.75
C MET B 410 9.10 9.24 -18.46
N VAL B 411 9.27 9.05 -19.77
CA VAL B 411 10.13 9.92 -20.57
C VAL B 411 9.37 11.21 -20.88
N HIS B 412 10.03 12.34 -20.65
CA HIS B 412 9.46 13.65 -20.90
C HIS B 412 10.20 14.32 -22.06
N ASP B 413 9.44 15.01 -22.90
CA ASP B 413 10.01 15.70 -24.07
C ASP B 413 9.21 16.97 -24.33
N LYS B 414 9.73 17.78 -25.25
CA LYS B 414 9.11 19.05 -25.60
C LYS B 414 9.00 19.17 -27.11
N ASP B 415 7.94 19.82 -27.57
CA ASP B 415 7.73 20.06 -28.99
C ASP B 415 7.17 21.47 -29.19
N MET B 416 7.42 22.01 -30.38
CA MET B 416 6.98 23.36 -30.75
C MET B 416 7.37 24.39 -29.70
N SER B 417 8.55 24.19 -29.09
CA SER B 417 9.08 25.08 -28.06
C SER B 417 8.08 25.27 -26.91
N GLY B 418 7.45 24.18 -26.49
CA GLY B 418 6.48 24.26 -25.41
C GLY B 418 5.80 22.93 -25.11
N ALA B 419 4.60 23.02 -24.50
CA ALA B 419 3.80 21.85 -24.15
C ALA B 419 4.53 20.91 -23.21
N ASP B 420 4.00 19.70 -23.02
CA ASP B 420 4.61 18.72 -22.14
C ASP B 420 4.17 17.34 -22.61
N ILE B 421 5.11 16.53 -23.10
CA ILE B 421 4.83 15.21 -23.64
C ILE B 421 5.34 14.15 -22.67
N THR B 422 4.49 13.17 -22.39
CA THR B 422 4.85 12.05 -21.53
C THR B 422 4.93 10.78 -22.36
N THR B 423 6.06 10.08 -22.28
CA THR B 423 6.32 8.92 -23.11
C THR B 423 6.78 7.76 -22.24
N PRO B 424 6.25 6.55 -22.45
CA PRO B 424 6.72 5.40 -21.66
C PRO B 424 8.18 5.09 -21.94
N SER B 425 8.88 4.64 -20.90
CA SER B 425 10.28 4.29 -21.03
C SER B 425 10.44 2.95 -21.76
N ARG B 426 11.61 2.76 -22.35
CA ARG B 426 11.90 1.53 -23.07
C ARG B 426 12.02 0.32 -22.14
N LEU B 427 12.28 0.54 -20.87
CA LEU B 427 12.46 -0.54 -19.90
C LEU B 427 11.17 -0.87 -19.15
N CYS B 428 10.05 -0.24 -19.50
CA CYS B 428 8.80 -0.49 -18.81
C CYS B 428 8.28 -1.89 -19.14
N LYS B 429 7.33 -2.35 -18.32
CA LYS B 429 6.75 -3.67 -18.53
C LYS B 429 6.00 -3.76 -19.85
N LYS B 430 5.29 -2.70 -20.23
CA LYS B 430 4.55 -2.70 -21.48
C LYS B 430 5.48 -2.84 -22.68
N ASN B 431 6.62 -2.13 -22.65
CA ASN B 431 7.57 -2.23 -23.75
C ASN B 431 8.13 -3.65 -23.85
N MET B 432 8.43 -4.27 -22.71
CA MET B 432 8.88 -5.66 -22.72
C MET B 432 7.81 -6.59 -23.26
N ALA B 433 6.54 -6.33 -22.92
CA ALA B 433 5.45 -7.14 -23.44
C ALA B 433 5.34 -7.05 -24.95
N GLU B 434 5.40 -5.82 -25.49
CA GLU B 434 5.37 -5.66 -26.94
C GLU B 434 6.59 -6.31 -27.59
N LEU B 435 7.75 -6.19 -26.95
CA LEU B 435 8.95 -6.83 -27.49
C LEU B 435 8.80 -8.35 -27.55
N MET B 436 8.24 -8.94 -26.50
CA MET B 436 8.02 -10.39 -26.49
C MET B 436 6.98 -10.79 -27.53
N ILE B 437 5.92 -9.98 -27.70
CA ILE B 437 4.91 -10.29 -28.71
C ILE B 437 5.53 -10.28 -30.10
N THR B 438 6.36 -9.28 -30.39
CA THR B 438 7.07 -9.25 -31.67
C THR B 438 8.04 -10.42 -31.78
N ILE B 439 8.67 -10.79 -30.66
CA ILE B 439 9.59 -11.93 -30.64
C ILE B 439 8.87 -13.20 -31.10
N CYS B 440 7.70 -13.45 -30.53
CA CYS B 440 6.93 -14.65 -30.86
C CYS B 440 6.37 -14.59 -32.27
N THR B 441 5.84 -13.43 -32.68
CA THR B 441 5.24 -13.31 -34.01
C THR B 441 6.29 -13.48 -35.10
N LEU B 442 7.47 -12.88 -34.93
CA LEU B 442 8.53 -13.00 -35.93
C LEU B 442 9.08 -14.42 -35.98
N THR B 443 9.00 -15.16 -34.88
CA THR B 443 9.52 -16.53 -34.81
C THR B 443 8.46 -17.55 -35.20
N LYS B 444 7.26 -17.11 -35.59
CA LYS B 444 6.17 -18.00 -35.98
C LYS B 444 5.79 -18.98 -34.87
N THR B 445 5.81 -18.52 -33.63
CA THR B 445 5.39 -19.31 -32.49
C THR B 445 4.05 -18.79 -31.99
N SER B 446 3.04 -19.65 -32.02
CA SER B 446 1.69 -19.22 -31.64
C SER B 446 1.58 -19.04 -30.14
N VAL B 447 0.87 -17.99 -29.72
CA VAL B 447 0.62 -17.70 -28.32
C VAL B 447 -0.88 -17.56 -28.12
N ASP B 448 -1.34 -17.93 -26.94
CA ASP B 448 -2.76 -17.83 -26.61
C ASP B 448 -3.21 -16.38 -26.59
N TYR B 449 -4.39 -16.12 -27.14
CA TYR B 449 -4.96 -14.79 -27.16
C TYR B 449 -6.42 -14.83 -26.72
N PRO B 450 -6.85 -13.89 -25.89
CA PRO B 450 -6.08 -12.79 -25.28
C PRO B 450 -5.27 -13.25 -24.09
N ILE B 451 -4.22 -12.52 -23.71
CA ILE B 451 -3.38 -12.87 -22.57
C ILE B 451 -2.92 -11.59 -21.90
N SER B 452 -2.77 -11.66 -20.58
CA SER B 452 -2.32 -10.53 -19.78
C SER B 452 -0.88 -10.74 -19.33
N TYR B 453 -0.32 -9.69 -18.74
CA TYR B 453 1.06 -9.76 -18.26
C TYR B 453 1.20 -10.76 -17.13
N GLU B 454 0.23 -10.78 -16.20
CA GLU B 454 0.29 -11.72 -15.09
C GLU B 454 0.22 -13.17 -15.57
N GLU B 455 -0.67 -13.45 -16.52
CA GLU B 455 -0.80 -14.82 -17.03
C GLU B 455 0.42 -15.22 -17.84
N LEU B 456 1.01 -14.28 -18.58
CA LEU B 456 2.17 -14.60 -19.40
C LEU B 456 3.36 -15.01 -18.55
N LYS B 457 3.59 -14.32 -17.43
CA LYS B 457 4.69 -14.67 -16.56
C LYS B 457 4.48 -16.03 -15.89
N ALA B 458 3.23 -16.35 -15.56
CA ALA B 458 2.91 -17.62 -14.91
C ALA B 458 3.05 -18.82 -15.85
N GLY B 459 3.23 -18.59 -17.15
CA GLY B 459 3.34 -19.70 -18.08
C GLY B 459 4.54 -20.59 -17.80
N SER B 460 5.64 -20.00 -17.35
CA SER B 460 6.85 -20.76 -17.03
C SER B 460 6.62 -21.56 -15.75
N GLN B 461 6.32 -22.84 -15.91
CA GLN B 461 6.05 -23.68 -14.74
C GLN B 461 7.30 -23.83 -13.87
N GLU B 462 8.46 -24.04 -14.50
CA GLU B 462 9.68 -24.29 -13.72
C GLU B 462 10.09 -23.05 -12.94
N TYR B 463 10.02 -21.87 -13.56
CA TYR B 463 10.45 -20.65 -12.86
C TYR B 463 9.49 -20.29 -11.74
N ALA B 464 8.18 -20.42 -11.98
CA ALA B 464 7.21 -20.09 -10.94
C ALA B 464 7.34 -21.00 -9.73
N ALA B 465 7.53 -22.30 -9.97
CA ALA B 465 7.70 -23.24 -8.86
C ALA B 465 8.97 -22.93 -8.08
N ALA B 466 10.06 -22.62 -8.78
CA ALA B 466 11.31 -22.28 -8.11
C ALA B 466 11.16 -21.01 -7.28
N LYS B 467 10.49 -20.00 -7.82
CA LYS B 467 10.28 -18.76 -7.07
C LYS B 467 9.42 -19.00 -5.84
N LYS B 468 8.36 -19.79 -5.98
CA LYS B 468 7.51 -20.11 -4.82
C LYS B 468 8.28 -20.87 -3.76
N SER B 469 9.10 -21.84 -4.18
CA SER B 469 9.90 -22.59 -3.23
C SER B 469 10.91 -21.69 -2.52
N PHE B 470 11.53 -20.77 -3.26
CA PHE B 470 12.48 -19.85 -2.64
C PHE B 470 11.78 -18.94 -1.63
N ILE B 471 10.60 -18.44 -1.97
CA ILE B 471 9.85 -17.58 -1.05
C ILE B 471 9.47 -18.36 0.20
N THR B 472 8.99 -19.60 0.02
CA THR B 472 8.60 -20.43 1.16
C THR B 472 9.80 -20.74 2.06
N TRP B 473 10.96 -21.03 1.46
CA TRP B 473 12.16 -21.29 2.24
C TRP B 473 12.62 -20.04 2.98
N LEU B 474 12.50 -18.86 2.35
CA LEU B 474 12.84 -17.62 3.03
C LEU B 474 11.91 -17.40 4.22
N ARG B 475 10.61 -17.69 4.05
CA ARG B 475 9.67 -17.53 5.16
C ARG B 475 9.94 -18.52 6.29
N GLN B 476 10.30 -19.75 5.93
CA GLN B 476 10.51 -20.78 6.96
C GLN B 476 11.71 -20.46 7.84
N LYS B 477 12.78 -19.94 7.25
CA LYS B 477 14.02 -19.69 7.98
C LYS B 477 14.00 -18.37 8.75
N ASP B 478 12.82 -17.79 8.95
CA ASP B 478 12.57 -16.55 9.72
C ASP B 478 13.44 -15.37 9.26
N LEU B 479 13.95 -15.42 8.03
CA LEU B 479 14.67 -14.26 7.50
C LEU B 479 13.75 -13.06 7.31
N GLY B 480 12.52 -13.30 6.86
CA GLY B 480 11.58 -12.21 6.71
C GLY B 480 10.51 -12.55 5.70
N ILE B 481 9.70 -11.54 5.40
CA ILE B 481 8.57 -11.66 4.48
C ILE B 481 8.86 -10.87 3.22
N TRP B 482 8.67 -11.50 2.06
CA TRP B 482 8.83 -10.84 0.78
C TRP B 482 7.54 -10.08 0.45
N GLN B 483 7.66 -8.76 0.26
CA GLN B 483 6.51 -7.91 -0.01
C GLN B 483 6.27 -7.88 -1.51
N ARG B 484 5.28 -8.64 -1.97
CA ARG B 484 4.92 -8.66 -3.38
C ARG B 484 4.05 -7.46 -3.74
N LYS B 485 4.21 -6.99 -4.96
CA LYS B 485 3.43 -5.87 -5.45
C LYS B 485 1.96 -6.29 -5.65
N PRO B 486 1.04 -5.34 -5.58
CA PRO B 486 -0.38 -5.69 -5.81
C PRO B 486 -0.60 -6.21 -7.22
N ARG B 487 -1.60 -7.09 -7.34
CA ARG B 487 -1.88 -7.74 -8.62
C ARG B 487 -2.30 -6.73 -9.68
N GLU B 488 -2.90 -5.61 -9.28
CA GLU B 488 -3.42 -4.64 -10.23
C GLU B 488 -2.33 -4.05 -11.13
N PHE B 489 -1.06 -4.13 -10.72
CA PHE B 489 0.02 -3.61 -11.53
C PHE B 489 0.28 -4.41 -12.79
N GLN B 490 -0.22 -5.65 -12.87
CA GLN B 490 0.07 -6.52 -14.00
C GLN B 490 -1.18 -7.12 -14.64
N MET B 491 -2.35 -6.53 -14.43
CA MET B 491 -3.59 -7.03 -15.02
C MET B 491 -3.88 -6.46 -16.40
N PHE B 492 -3.03 -5.57 -16.91
CA PHE B 492 -3.28 -4.98 -18.22
C PHE B 492 -3.16 -6.04 -19.32
N THR B 493 -4.08 -5.98 -20.28
CA THR B 493 -4.11 -6.95 -21.36
C THR B 493 -3.06 -6.61 -22.42
N ILE B 494 -2.35 -7.64 -22.89
CA ILE B 494 -1.32 -7.49 -23.91
C ILE B 494 -1.95 -7.78 -25.26
N ASN B 495 -1.82 -6.83 -26.19
CA ASN B 495 -2.39 -6.99 -27.53
C ASN B 495 -1.30 -7.31 -28.55
N ASP C 20 4.20 17.33 43.35
CA ASP C 20 5.04 17.76 42.25
C ASP C 20 4.51 19.03 41.60
N ASN C 21 5.25 19.54 40.61
CA ASN C 21 4.84 20.75 39.90
C ASN C 21 3.80 20.48 38.83
N ILE C 22 3.52 19.23 38.51
CA ILE C 22 2.57 18.86 37.45
C ILE C 22 1.27 18.44 38.11
N PRO C 23 0.15 19.11 37.84
CA PRO C 23 -1.13 18.67 38.42
C PRO C 23 -1.53 17.29 37.90
N ASP C 24 -2.25 16.56 38.75
CA ASP C 24 -2.67 15.21 38.39
C ASP C 24 -3.73 15.23 37.30
N PHE C 25 -4.51 16.31 37.19
CA PHE C 25 -5.51 16.40 36.13
C PHE C 25 -4.86 16.41 34.75
N VAL C 26 -3.69 17.03 34.63
CA VAL C 26 -2.99 17.02 33.35
C VAL C 26 -2.59 15.60 32.97
N LYS C 27 -2.08 14.83 33.94
CA LYS C 27 -1.71 13.45 33.66
C LYS C 27 -2.93 12.61 33.32
N GLU C 28 -4.06 12.85 33.99
CA GLU C 28 -5.30 12.14 33.67
C GLU C 28 -5.75 12.46 32.25
N THR C 29 -5.65 13.73 31.84
CA THR C 29 -5.99 14.11 30.48
C THR C 29 -5.07 13.44 29.46
N VAL C 30 -3.77 13.36 29.78
CA VAL C 30 -2.82 12.70 28.89
C VAL C 30 -3.18 11.23 28.74
N GLU C 31 -3.49 10.57 29.85
CA GLU C 31 -3.85 9.15 29.80
C GLU C 31 -5.14 8.94 29.02
N ARG C 32 -6.13 9.82 29.20
CA ARG C 32 -7.39 9.67 28.48
C ARG C 32 -7.23 9.92 26.98
N SER C 33 -6.35 10.86 26.61
CA SER C 33 -6.16 11.16 25.20
C SER C 33 -5.54 10.00 24.44
N GLY C 34 -4.67 9.23 25.09
CA GLY C 34 -4.02 8.10 24.45
C GLY C 34 -2.78 8.42 23.65
N LYS C 35 -2.40 9.69 23.56
CA LYS C 35 -1.21 10.12 22.85
C LYS C 35 -0.11 10.50 23.83
N ASN C 36 1.13 10.44 23.35
CA ASN C 36 2.24 10.87 24.17
C ASN C 36 2.16 12.38 24.41
N PRO C 37 2.65 12.85 25.57
CA PRO C 37 2.52 14.29 25.88
C PRO C 37 3.13 15.21 24.83
N MET C 38 4.28 14.83 24.26
CA MET C 38 4.95 15.68 23.30
C MET C 38 4.11 15.87 22.04
N SER C 39 3.56 14.78 21.50
CA SER C 39 2.77 14.88 20.28
C SER C 39 1.50 15.69 20.51
N LEU C 40 0.79 15.45 21.61
CA LEU C 40 -0.42 16.21 21.89
C LEU C 40 -0.12 17.69 22.11
N PHE C 41 0.96 17.99 22.83
CA PHE C 41 1.34 19.38 23.05
C PHE C 41 1.69 20.06 21.73
N SER C 42 2.42 19.38 20.86
CA SER C 42 2.76 19.95 19.56
C SER C 42 1.51 20.17 18.71
N GLU C 43 0.58 19.21 18.74
CA GLU C 43 -0.65 19.37 17.98
C GLU C 43 -1.46 20.56 18.47
N LEU C 44 -1.57 20.73 19.79
CA LEU C 44 -2.30 21.88 20.33
C LEU C 44 -1.59 23.19 20.01
N TYR C 45 -0.25 23.19 20.06
CA TYR C 45 0.50 24.39 19.69
C TYR C 45 0.25 24.76 18.24
N VAL C 46 0.22 23.77 17.36
CA VAL C 46 -0.11 24.02 15.96
C VAL C 46 -1.56 24.50 15.82
N HIS C 47 -2.45 23.99 16.66
CA HIS C 47 -3.86 24.38 16.56
C HIS C 47 -4.07 25.84 16.92
N MET C 48 -3.54 26.29 18.06
CA MET C 48 -3.77 27.67 18.46
C MET C 48 -2.78 28.68 17.88
N THR C 49 -1.57 28.25 17.52
CA THR C 49 -0.56 29.16 16.99
C THR C 49 -0.08 28.66 15.63
N GLY C 50 0.56 29.56 14.89
CA GLY C 50 1.02 29.25 13.55
C GLY C 50 2.44 28.74 13.50
N ASN C 51 2.97 28.28 14.63
CA ASN C 51 4.34 27.81 14.72
C ASN C 51 4.36 26.39 15.28
N THR C 52 5.55 25.79 15.31
CA THR C 52 5.76 24.45 15.81
C THR C 52 6.76 24.51 16.97
N PRO C 53 6.51 23.83 18.08
CA PRO C 53 7.42 23.91 19.23
C PRO C 53 8.82 23.43 18.87
N VAL C 54 9.82 24.15 19.38
CA VAL C 54 11.23 23.80 19.22
C VAL C 54 11.86 23.85 20.60
N PHE C 55 12.41 22.74 21.05
CA PHE C 55 13.01 22.66 22.37
C PHE C 55 14.37 23.34 22.41
N ASP C 56 14.77 23.76 23.61
CA ASP C 56 16.07 24.36 23.85
C ASP C 56 16.79 23.57 24.93
N PHE C 57 18.12 23.51 24.81
CA PHE C 57 18.93 22.62 25.64
C PHE C 57 20.11 23.37 26.24
N TYR C 58 19.85 24.53 26.85
CA TYR C 58 20.90 25.26 27.54
C TYR C 58 21.44 24.43 28.70
N ASN C 59 22.75 24.51 28.91
CA ASN C 59 23.43 23.71 29.92
C ASN C 59 23.69 24.52 31.18
N ARG C 60 23.71 23.81 32.30
CA ARG C 60 24.06 24.39 33.60
C ARG C 60 25.33 23.73 34.10
N ASN C 61 26.30 24.55 34.50
CA ASN C 61 27.63 24.08 34.87
C ASN C 61 27.79 24.11 36.38
N GLN C 62 28.02 22.94 36.96
CA GLN C 62 28.38 22.83 38.36
C GLN C 62 29.87 23.12 38.53
N PRO C 63 30.31 23.41 39.77
CA PRO C 63 31.75 23.63 39.98
C PRO C 63 32.61 22.44 39.56
N ASN C 64 32.11 21.22 39.67
CA ASN C 64 32.82 20.04 39.21
C ASN C 64 32.44 19.62 37.80
N GLY C 65 31.54 20.35 37.15
CA GLY C 65 31.14 20.03 35.79
C GLY C 65 29.89 19.17 35.71
N SER C 66 28.93 19.58 34.88
CA SER C 66 27.69 18.83 34.74
C SER C 66 27.07 19.15 33.38
N MET C 67 26.14 18.29 32.97
CA MET C 67 25.36 18.48 31.75
C MET C 67 23.89 18.41 32.10
N LYS C 68 23.11 19.37 31.61
CA LYS C 68 21.71 19.50 31.99
C LYS C 68 20.85 19.78 30.76
N PHE C 69 19.56 19.49 30.88
CA PHE C 69 18.59 19.76 29.84
C PHE C 69 17.31 20.29 30.49
N ILE C 70 16.68 21.27 29.84
CA ILE C 70 15.52 21.93 30.42
C ILE C 70 14.31 21.83 29.49
N CYS C 71 14.42 22.42 28.29
CA CYS C 71 13.33 22.56 27.34
C CYS C 71 12.28 23.54 27.88
N VAL C 72 11.92 24.55 27.09
CA VAL C 72 11.03 25.59 27.59
C VAL C 72 9.77 25.71 26.75
N VAL C 73 9.94 26.12 25.48
CA VAL C 73 8.84 26.43 24.56
C VAL C 73 8.05 27.62 25.08
N ILE C 74 7.60 28.50 24.18
CA ILE C 74 6.84 29.69 24.55
C ILE C 74 5.45 29.54 23.94
N LEU C 75 4.44 29.38 24.80
CA LEU C 75 3.03 29.29 24.39
C LEU C 75 2.23 30.28 25.23
N ASN C 76 1.49 31.15 24.54
CA ASN C 76 0.62 32.14 25.16
C ASN C 76 1.39 33.09 26.08
N GLY C 77 2.69 33.24 25.83
CA GLY C 77 3.49 34.19 26.58
C GLY C 77 3.86 33.76 27.99
N GLU C 78 3.62 32.51 28.34
CA GLU C 78 3.93 32.01 29.68
C GLU C 78 5.27 31.28 29.65
N ARG C 79 6.04 31.41 30.73
CA ARG C 79 7.32 30.72 30.86
C ARG C 79 7.04 29.26 31.19
N ILE C 80 7.27 28.37 30.22
CA ILE C 80 7.01 26.94 30.38
C ILE C 80 8.33 26.24 30.63
N GLU C 81 9.32 26.97 31.16
CA GLU C 81 10.62 26.39 31.47
C GLU C 81 10.48 25.22 32.43
N GLY C 82 10.94 24.05 32.01
CA GLY C 82 10.84 22.86 32.82
C GLY C 82 11.93 22.76 33.86
N ASN C 83 11.86 21.68 34.64
CA ASN C 83 12.85 21.44 35.68
C ASN C 83 14.20 21.09 35.07
N VAL C 84 15.27 21.56 35.71
CA VAL C 84 16.62 21.27 35.25
C VAL C 84 16.96 19.83 35.65
N LYS C 85 17.16 18.98 34.65
CA LYS C 85 17.36 17.56 34.88
C LYS C 85 18.56 17.08 34.06
N SER C 86 19.03 15.87 34.37
CA SER C 86 20.29 15.39 33.82
C SER C 86 20.16 15.00 32.35
N LYS C 87 19.10 14.28 32.00
CA LYS C 87 18.97 13.69 30.67
C LYS C 87 17.83 14.33 29.90
N LYS C 88 17.75 13.96 28.61
CA LYS C 88 16.79 14.57 27.71
C LYS C 88 15.37 14.12 28.00
N LYS C 89 15.18 12.84 28.34
CA LYS C 89 13.85 12.26 28.41
C LYS C 89 13.00 12.93 29.49
N GLU C 90 13.52 12.98 30.72
CA GLU C 90 12.73 13.54 31.82
C GLU C 90 12.49 15.04 31.62
N ALA C 91 13.50 15.76 31.13
CA ALA C 91 13.33 17.19 30.88
C ALA C 91 12.25 17.43 29.82
N LYS C 92 12.26 16.65 28.74
CA LYS C 92 11.31 16.87 27.67
C LYS C 92 9.90 16.48 28.09
N VAL C 93 9.76 15.39 28.87
CA VAL C 93 8.42 15.03 29.33
C VAL C 93 7.90 16.04 30.34
N SER C 94 8.78 16.60 31.18
CA SER C 94 8.36 17.64 32.10
C SER C 94 7.91 18.90 31.35
N CYS C 95 8.66 19.27 30.30
CA CYS C 95 8.26 20.42 29.49
C CYS C 95 6.93 20.17 28.80
N SER C 96 6.73 18.96 28.27
CA SER C 96 5.46 18.63 27.64
C SER C 96 4.31 18.68 28.62
N LEU C 97 4.52 18.16 29.83
CA LEU C 97 3.47 18.19 30.85
C LEU C 97 3.15 19.63 31.27
N LYS C 98 4.18 20.48 31.38
CA LYS C 98 3.93 21.89 31.70
C LYS C 98 3.15 22.58 30.59
N GLY C 99 3.51 22.32 29.33
CA GLY C 99 2.76 22.88 28.23
C GLY C 99 1.33 22.38 28.17
N LEU C 100 1.12 21.12 28.55
CA LEU C 100 -0.24 20.59 28.62
C LEU C 100 -1.04 21.22 29.76
N GLU C 101 -0.39 21.51 30.88
CA GLU C 101 -1.05 22.30 31.92
C GLU C 101 -1.42 23.68 31.39
N VAL C 102 -0.54 24.28 30.59
CA VAL C 102 -0.83 25.59 30.01
C VAL C 102 -2.05 25.52 29.09
N VAL C 103 -2.13 24.51 28.23
CA VAL C 103 -3.27 24.43 27.31
C VAL C 103 -4.55 24.08 28.06
N LEU C 104 -4.48 23.25 29.10
CA LEU C 104 -5.66 23.05 29.95
C LEU C 104 -6.11 24.36 30.57
N LYS C 105 -5.17 25.22 30.98
CA LYS C 105 -5.51 26.59 31.33
C LYS C 105 -5.97 27.33 30.08
N HIS C 106 -6.84 28.33 30.29
CA HIS C 106 -7.41 29.12 29.19
C HIS C 106 -8.11 28.22 28.18
N VAL C 107 -9.20 27.61 28.66
CA VAL C 107 -9.91 26.58 27.89
C VAL C 107 -10.32 27.13 26.53
N SER C 108 -9.78 26.53 25.47
CA SER C 108 -10.10 26.89 24.10
C SER C 108 -9.75 25.71 23.22
N GLU C 109 -10.25 25.75 21.98
CA GLU C 109 -10.02 24.65 21.05
C GLU C 109 -10.11 25.16 19.63
N TYR C 110 -9.66 24.32 18.70
CA TYR C 110 -9.60 24.68 17.29
C TYR C 110 -11.00 24.90 16.72
N VAL C 111 -11.20 26.06 16.09
CA VAL C 111 -12.47 26.42 15.47
C VAL C 111 -12.18 27.24 14.21
N VAL C 112 -12.98 27.03 13.17
CA VAL C 112 -12.80 27.74 11.91
C VAL C 112 -14.16 28.20 11.38
N PRO C 113 -14.34 29.50 11.12
CA PRO C 113 -15.59 29.98 10.53
C PRO C 113 -15.77 29.44 9.12
N ALA C 114 -17.02 29.28 8.72
CA ALA C 114 -17.38 28.69 7.43
C ALA C 114 -17.75 29.78 6.43
N VAL C 115 -17.30 29.59 5.19
CA VAL C 115 -17.66 30.47 4.09
C VAL C 115 -17.96 29.60 2.87
N LYS C 116 -18.85 30.09 2.01
CA LYS C 116 -19.30 29.31 0.87
C LYS C 116 -19.74 30.23 -0.26
N PHE C 117 -19.63 29.73 -1.49
CA PHE C 117 -20.16 30.42 -2.64
C PHE C 117 -21.57 29.93 -2.93
N GLU C 118 -22.42 30.84 -3.39
CA GLU C 118 -23.84 30.52 -3.59
C GLU C 118 -24.24 30.88 -5.02
N GLU C 119 -25.54 30.76 -5.27
CA GLU C 119 -26.20 30.90 -6.58
C GLU C 119 -25.87 29.77 -7.53
N LYS C 120 -25.03 28.81 -7.13
CA LYS C 120 -24.72 27.62 -7.89
C LYS C 120 -25.35 26.41 -7.21
N THR C 121 -25.07 25.22 -7.72
CA THR C 121 -25.56 24.00 -7.10
C THR C 121 -24.77 23.73 -5.81
N THR C 122 -25.30 24.20 -4.67
CA THR C 122 -24.61 24.12 -3.40
C THR C 122 -25.51 23.53 -2.32
N PHE C 123 -26.50 22.71 -2.71
CA PHE C 123 -27.37 22.08 -1.73
C PHE C 123 -26.60 21.11 -0.84
N PHE C 124 -25.68 20.34 -1.43
CA PHE C 124 -24.90 19.38 -0.66
C PHE C 124 -23.82 20.06 0.18
N GLU C 125 -23.36 21.24 -0.22
CA GLU C 125 -22.42 21.99 0.60
C GLU C 125 -23.03 22.36 1.94
N MET C 126 -24.33 22.69 1.96
CA MET C 126 -25.02 22.95 3.22
C MET C 126 -25.00 21.72 4.11
N LEU C 127 -25.22 20.54 3.53
CA LEU C 127 -25.16 19.30 4.30
C LEU C 127 -23.76 19.06 4.84
N ARG C 128 -22.74 19.33 4.02
CA ARG C 128 -21.36 19.14 4.46
C ARG C 128 -21.02 20.06 5.64
N GLU C 129 -21.34 21.35 5.51
CA GLU C 129 -21.00 22.31 6.55
C GLU C 129 -21.77 22.04 7.84
N HIS C 130 -23.04 21.70 7.73
CA HIS C 130 -23.85 21.43 8.93
C HIS C 130 -23.38 20.18 9.64
N THR C 131 -22.89 19.18 8.90
CA THR C 131 -22.38 17.97 9.53
C THR C 131 -21.17 18.27 10.42
N TYR C 132 -20.25 19.10 9.94
CA TYR C 132 -19.11 19.49 10.76
C TYR C 132 -19.55 20.36 11.94
N ALA C 133 -20.52 21.25 11.73
CA ALA C 133 -21.01 22.09 12.80
C ALA C 133 -21.65 21.25 13.91
N LYS C 134 -22.44 20.25 13.52
CA LYS C 134 -23.02 19.34 14.51
C LYS C 134 -21.94 18.49 15.18
N PHE C 135 -20.86 18.18 14.45
CA PHE C 135 -19.77 17.40 15.04
C PHE C 135 -19.11 18.16 16.19
N TYR C 136 -18.89 19.46 16.02
CA TYR C 136 -18.26 20.25 17.07
C TYR C 136 -19.18 20.48 18.25
N GLU C 137 -20.50 20.49 18.02
CA GLU C 137 -21.44 20.67 19.12
C GLU C 137 -21.33 19.53 20.12
N LEU C 138 -21.25 18.29 19.64
CA LEU C 138 -21.03 17.16 20.53
C LEU C 138 -19.63 17.17 21.11
N CYS C 139 -18.67 17.75 20.38
CA CYS C 139 -17.30 17.82 20.88
C CYS C 139 -17.20 18.70 22.12
N LYS C 140 -17.95 19.80 22.14
CA LYS C 140 -17.94 20.68 23.32
C LYS C 140 -18.54 20.01 24.55
N ASN C 141 -19.44 19.05 24.37
CA ASN C 141 -19.98 18.29 25.48
C ASN C 141 -19.04 17.17 25.93
N ASN C 142 -18.42 16.48 24.98
CA ASN C 142 -17.47 15.41 25.27
C ASN C 142 -16.21 15.70 24.46
N ALA C 143 -15.18 16.25 25.12
CA ALA C 143 -13.95 16.62 24.44
C ALA C 143 -13.08 15.42 24.06
N LEU C 144 -13.43 14.21 24.53
CA LEU C 144 -12.61 13.04 24.26
C LEU C 144 -12.72 12.57 22.82
N ILE C 145 -13.69 13.08 22.05
CA ILE C 145 -13.92 12.61 20.68
C ILE C 145 -13.24 13.51 19.65
N TYR C 146 -12.35 14.41 20.09
CA TYR C 146 -11.64 15.27 19.15
C TYR C 146 -10.65 14.46 18.33
N GLY C 147 -10.39 14.94 17.11
CA GLY C 147 -9.48 14.28 16.20
C GLY C 147 -10.08 13.17 15.36
N PHE C 148 -11.39 12.96 15.44
CA PHE C 148 -12.07 11.92 14.68
C PHE C 148 -12.65 12.44 13.36
N GLU C 149 -12.04 13.45 12.77
CA GLU C 149 -12.52 14.05 11.54
C GLU C 149 -12.02 13.34 10.28
N LYS C 150 -11.25 12.27 10.44
CA LYS C 150 -10.69 11.59 9.26
C LYS C 150 -11.78 11.01 8.39
N VAL C 151 -12.76 10.33 8.98
CA VAL C 151 -13.88 9.75 8.25
C VAL C 151 -15.16 10.20 8.93
N ILE C 152 -16.04 10.85 8.17
CA ILE C 152 -17.28 11.40 8.70
C ILE C 152 -18.41 11.07 7.74
N ALA C 153 -19.50 10.51 8.26
CA ALA C 153 -20.69 10.23 7.48
C ALA C 153 -21.91 10.67 8.27
N SER C 154 -22.98 11.01 7.55
CA SER C 154 -24.20 11.48 8.18
C SER C 154 -25.40 11.14 7.30
N VAL C 155 -26.57 11.13 7.93
CA VAL C 155 -27.83 10.87 7.24
C VAL C 155 -28.77 12.03 7.53
N PHE C 156 -29.36 12.59 6.46
CA PHE C 156 -30.26 13.73 6.58
C PHE C 156 -31.66 13.34 6.11
N LEU C 157 -32.67 13.86 6.80
CA LEU C 157 -34.06 13.60 6.49
C LEU C 157 -34.70 14.90 6.03
N LYS C 158 -35.30 14.88 4.84
CA LYS C 158 -35.88 16.06 4.22
C LYS C 158 -37.40 15.94 4.17
N ILE C 159 -38.10 16.97 4.64
CA ILE C 159 -39.56 17.01 4.64
C ILE C 159 -39.97 18.35 4.07
N ASN C 160 -40.26 18.38 2.76
CA ASN C 160 -40.81 19.55 2.08
C ASN C 160 -39.92 20.78 2.27
N GLY C 161 -38.64 20.63 1.96
CA GLY C 161 -37.69 21.72 2.04
C GLY C 161 -37.05 21.93 3.40
N ASN C 162 -37.47 21.18 4.41
CA ASN C 162 -36.87 21.24 5.73
C ASN C 162 -36.06 19.98 5.99
N LEU C 163 -34.80 20.15 6.39
CA LEU C 163 -33.89 19.04 6.58
C LEU C 163 -33.41 18.99 8.03
N GLN C 164 -33.36 17.78 8.58
CA GLN C 164 -32.89 17.57 9.95
C GLN C 164 -31.92 16.40 9.96
N ILE C 165 -30.78 16.58 10.65
CA ILE C 165 -29.80 15.51 10.74
C ILE C 165 -30.35 14.39 11.61
N ILE C 166 -29.96 13.15 11.29
CA ILE C 166 -30.46 11.96 11.97
C ILE C 166 -29.32 11.20 12.65
N ALA C 167 -28.27 10.89 11.90
CA ALA C 167 -27.16 10.09 12.41
C ALA C 167 -25.83 10.72 12.03
N LEU C 168 -24.81 10.41 12.82
CA LEU C 168 -23.46 10.89 12.58
C LEU C 168 -22.49 9.92 13.24
N SER C 169 -21.47 9.48 12.50
CA SER C 169 -20.56 8.47 13.00
C SER C 169 -19.22 8.58 12.30
N THR C 170 -18.20 7.99 12.91
CA THR C 170 -16.84 7.97 12.39
C THR C 170 -16.29 6.56 12.44
N GLY C 171 -15.12 6.36 11.83
CA GLY C 171 -14.45 5.08 11.85
C GLY C 171 -14.12 4.53 10.48
N ASN C 172 -12.92 3.95 10.34
CA ASN C 172 -12.50 3.37 9.07
C ASN C 172 -11.76 2.05 9.27
N LYS C 173 -12.00 1.36 10.38
CA LYS C 173 -11.32 0.12 10.69
C LYS C 173 -12.35 -0.99 10.89
N GLY C 174 -11.84 -2.21 11.08
CA GLY C 174 -12.71 -3.36 11.23
C GLY C 174 -12.26 -4.25 12.39
N LEU C 175 -13.10 -5.24 12.69
CA LEU C 175 -12.82 -6.15 13.78
C LEU C 175 -11.67 -7.09 13.42
N ARG C 176 -10.81 -7.35 14.41
CA ARG C 176 -9.69 -8.26 14.21
C ARG C 176 -10.18 -9.71 14.25
N GLY C 177 -9.43 -10.59 13.59
CA GLY C 177 -9.84 -11.97 13.47
C GLY C 177 -9.91 -12.71 14.79
N ASP C 178 -8.92 -12.47 15.66
CA ASP C 178 -8.83 -13.21 16.91
C ASP C 178 -9.82 -12.74 17.97
N LYS C 179 -10.48 -11.59 17.76
CA LYS C 179 -11.42 -11.05 18.72
C LYS C 179 -12.87 -11.36 18.38
N ILE C 180 -13.12 -12.22 17.39
CA ILE C 180 -14.48 -12.55 17.01
C ILE C 180 -15.12 -13.44 18.07
N VAL C 181 -16.44 -13.30 18.24
CA VAL C 181 -17.20 -14.09 19.20
C VAL C 181 -18.46 -14.61 18.51
N ASN C 182 -19.00 -15.69 19.06
CA ASN C 182 -20.20 -16.31 18.53
C ASN C 182 -21.48 -15.75 19.15
N ASP C 183 -21.36 -14.85 20.12
CA ASP C 183 -22.54 -14.27 20.77
C ASP C 183 -23.03 -12.98 20.13
N GLY C 184 -22.27 -12.41 19.18
CA GLY C 184 -22.74 -11.27 18.42
C GLY C 184 -22.78 -9.95 19.17
N THR C 185 -22.02 -9.80 20.24
CA THR C 185 -21.94 -8.53 20.95
C THR C 185 -20.76 -7.67 20.48
N ALA C 186 -19.99 -8.14 19.51
CA ALA C 186 -18.84 -7.40 18.99
C ALA C 186 -19.13 -6.95 17.57
N LEU C 187 -18.93 -5.67 17.31
CA LEU C 187 -19.16 -5.12 15.97
C LEU C 187 -18.11 -5.65 15.01
N ILE C 188 -18.55 -5.98 13.79
CA ILE C 188 -17.66 -6.52 12.76
C ILE C 188 -17.06 -5.39 11.93
N ASP C 189 -17.89 -4.51 11.40
CA ASP C 189 -17.45 -3.39 10.58
C ASP C 189 -17.72 -2.08 11.32
N CYS C 190 -16.69 -1.24 11.42
CA CYS C 190 -16.78 0.03 12.13
C CYS C 190 -16.72 1.22 11.18
N HIS C 191 -16.98 1.01 9.90
CA HIS C 191 -16.97 2.11 8.94
C HIS C 191 -18.11 3.08 9.21
N ALA C 192 -17.86 4.36 8.91
CA ALA C 192 -18.83 5.41 9.22
C ALA C 192 -20.13 5.22 8.43
N GLU C 193 -20.02 4.85 7.15
CA GLU C 193 -21.20 4.69 6.31
C GLU C 193 -22.06 3.49 6.71
N ILE C 194 -21.56 2.60 7.55
CA ILE C 194 -22.34 1.49 8.08
C ILE C 194 -22.91 1.80 9.46
N LEU C 195 -22.11 2.48 10.30
CA LEU C 195 -22.62 2.91 11.60
C LEU C 195 -23.73 3.94 11.44
N ALA C 196 -23.64 4.79 10.41
CA ALA C 196 -24.74 5.70 10.11
C ALA C 196 -26.01 4.94 9.74
N ARG C 197 -25.87 3.87 8.96
CA ARG C 197 -27.03 3.05 8.62
C ARG C 197 -27.60 2.38 9.87
N ARG C 198 -26.73 1.92 10.78
CA ARG C 198 -27.22 1.33 12.02
C ARG C 198 -27.98 2.36 12.86
N GLY C 199 -27.46 3.58 12.95
CA GLY C 199 -28.20 4.64 13.63
C GLY C 199 -29.52 4.96 12.94
N LEU C 200 -29.54 4.88 11.62
CA LEU C 200 -30.79 5.08 10.89
C LEU C 200 -31.80 3.99 11.22
N LEU C 201 -31.34 2.74 11.34
CA LEU C 201 -32.26 1.66 11.74
C LEU C 201 -32.75 1.86 13.17
N ARG C 202 -31.89 2.35 14.06
CA ARG C 202 -32.35 2.65 15.42
C ARG C 202 -33.41 3.75 15.41
N PHE C 203 -33.20 4.79 14.62
CA PHE C 203 -34.19 5.86 14.49
C PHE C 203 -35.48 5.32 13.88
N LEU C 204 -35.38 4.37 12.96
CA LEU C 204 -36.58 3.74 12.39
C LEU C 204 -37.31 2.93 13.45
N TYR C 205 -36.58 2.24 14.33
CA TYR C 205 -37.22 1.54 15.44
C TYR C 205 -37.97 2.52 16.33
N SER C 206 -37.35 3.65 16.64
CA SER C 206 -38.02 4.67 17.45
C SER C 206 -39.26 5.21 16.73
N GLU C 207 -39.16 5.41 15.42
CA GLU C 207 -40.29 5.90 14.65
C GLU C 207 -41.43 4.89 14.63
N VAL C 208 -41.11 3.59 14.52
CA VAL C 208 -42.12 2.56 14.56
C VAL C 208 -42.80 2.54 15.92
N LEU C 209 -42.02 2.69 16.99
CA LEU C 209 -42.62 2.77 18.33
C LEU C 209 -43.55 3.97 18.45
N LYS C 210 -43.12 5.12 17.91
CA LYS C 210 -43.97 6.32 17.94
C LYS C 210 -45.26 6.10 17.17
N PHE C 211 -45.17 5.43 16.01
CA PHE C 211 -46.39 5.10 15.26
C PHE C 211 -47.28 4.16 16.06
N SER C 212 -46.67 3.22 16.78
CA SER C 212 -47.46 2.31 17.62
C SER C 212 -48.17 3.07 18.74
N THR C 213 -47.57 4.14 19.26
CA THR C 213 -48.22 4.91 20.31
C THR C 213 -48.93 6.15 19.80
N GLU C 214 -48.47 6.77 18.72
CA GLU C 214 -49.10 7.97 18.18
C GLU C 214 -48.92 7.99 16.67
N PRO C 215 -49.86 7.41 15.93
CA PRO C 215 -49.76 7.41 14.45
C PRO C 215 -49.69 8.81 13.85
N PRO C 216 -50.49 9.79 14.33
CA PRO C 216 -50.41 11.12 13.69
C PRO C 216 -49.06 11.78 13.80
N ASN C 217 -48.32 11.56 14.90
CA ASN C 217 -47.03 12.20 15.11
C ASN C 217 -45.88 11.46 14.45
N SER C 218 -46.14 10.33 13.80
CA SER C 218 -45.10 9.51 13.20
C SER C 218 -45.03 9.74 11.69
N ILE C 219 -43.87 9.39 11.12
CA ILE C 219 -43.69 9.50 9.67
C ILE C 219 -44.28 8.32 8.93
N PHE C 220 -44.60 7.23 9.63
CA PHE C 220 -45.16 6.05 9.00
C PHE C 220 -46.68 6.13 8.94
N THR C 221 -47.25 5.46 7.95
CA THR C 221 -48.70 5.35 7.80
C THR C 221 -49.05 3.92 7.44
N LYS C 222 -50.29 3.54 7.74
CA LYS C 222 -50.74 2.18 7.50
C LYS C 222 -50.95 1.94 6.01
N GLY C 223 -50.25 0.95 5.45
CA GLY C 223 -50.39 0.58 4.07
C GLY C 223 -51.24 -0.66 3.87
N LYS C 224 -51.22 -1.15 2.63
CA LYS C 224 -51.98 -2.35 2.30
C LYS C 224 -51.43 -3.58 3.02
N ASN C 225 -50.11 -3.73 3.06
CA ASN C 225 -49.46 -4.88 3.69
C ASN C 225 -48.60 -4.52 4.88
N ALA C 226 -47.87 -3.41 4.81
CA ALA C 226 -46.98 -3.00 5.90
C ALA C 226 -46.95 -1.48 5.97
N LEU C 227 -46.20 -0.96 6.94
CA LEU C 227 -46.10 0.49 7.11
C LEU C 227 -45.38 1.12 5.93
N VAL C 228 -45.87 2.26 5.48
CA VAL C 228 -45.33 2.98 4.34
C VAL C 228 -45.00 4.40 4.78
N LEU C 229 -43.89 4.93 4.26
CA LEU C 229 -43.50 6.30 4.58
C LEU C 229 -44.52 7.28 4.02
N LYS C 230 -44.74 8.37 4.77
CA LYS C 230 -45.66 9.40 4.32
C LYS C 230 -45.08 10.12 3.10
N PRO C 231 -45.94 10.68 2.24
CA PRO C 231 -45.44 11.43 1.09
C PRO C 231 -44.57 12.60 1.52
N GLY C 232 -43.52 12.85 0.74
CA GLY C 232 -42.57 13.90 1.04
C GLY C 232 -41.42 13.50 1.94
N ILE C 233 -41.42 12.28 2.48
CA ILE C 233 -40.34 11.83 3.33
C ILE C 233 -39.23 11.24 2.48
N SER C 234 -38.01 11.75 2.67
CA SER C 234 -36.86 11.28 1.92
C SER C 234 -35.63 11.34 2.81
N PHE C 235 -34.68 10.45 2.56
CA PHE C 235 -33.45 10.35 3.32
C PHE C 235 -32.25 10.60 2.42
N HIS C 236 -31.29 11.38 2.90
CA HIS C 236 -30.10 11.72 2.16
C HIS C 236 -28.86 11.30 2.95
N LEU C 237 -27.90 10.71 2.25
CA LEU C 237 -26.66 10.23 2.85
C LEU C 237 -25.49 11.07 2.35
N PHE C 238 -24.65 11.54 3.27
CA PHE C 238 -23.48 12.33 2.93
C PHE C 238 -22.24 11.69 3.53
N ILE C 239 -21.21 11.53 2.70
CA ILE C 239 -19.93 11.00 3.13
C ILE C 239 -18.84 11.99 2.71
N ASN C 240 -17.92 12.28 3.63
CA ASN C 240 -16.85 13.23 3.35
C ASN C 240 -15.77 12.68 2.43
N THR C 241 -15.79 11.39 2.13
CA THR C 241 -14.82 10.79 1.23
C THR C 241 -15.49 9.68 0.45
N ALA C 242 -14.89 9.34 -0.69
CA ALA C 242 -15.43 8.27 -1.52
C ALA C 242 -15.32 6.93 -0.79
N PRO C 243 -16.35 6.10 -0.84
CA PRO C 243 -16.28 4.80 -0.18
C PRO C 243 -15.24 3.90 -0.80
N CYS C 244 -14.64 3.05 0.02
CA CYS C 244 -13.62 2.12 -0.46
C CYS C 244 -14.24 1.08 -1.37
N GLY C 245 -13.48 0.67 -2.38
CA GLY C 245 -13.95 -0.36 -3.29
C GLY C 245 -13.82 0.03 -4.76
N VAL C 246 -14.91 -0.14 -5.51
CA VAL C 246 -14.88 0.11 -6.95
C VAL C 246 -14.68 1.60 -7.23
N ALA C 247 -15.29 2.46 -6.41
CA ALA C 247 -15.28 3.89 -6.67
C ALA C 247 -13.91 4.52 -6.50
N ARG C 248 -12.94 3.82 -5.92
CA ARG C 248 -11.62 4.38 -5.67
C ARG C 248 -10.50 3.63 -6.38
N ILE C 249 -10.83 2.76 -7.34
CA ILE C 249 -9.81 1.97 -8.02
C ILE C 249 -8.92 2.86 -8.89
N ASP C 250 -9.53 3.70 -9.71
CA ASP C 250 -8.78 4.47 -10.70
C ASP C 250 -9.55 5.75 -11.05
N LYS C 251 -8.81 6.69 -11.64
CA LYS C 251 -9.38 7.95 -12.10
C LYS C 251 -9.29 8.11 -13.62
N LYS C 252 -9.01 7.04 -14.35
CA LYS C 252 -8.85 7.13 -15.79
C LYS C 252 -10.18 7.47 -16.46
N LEU C 253 -10.11 8.33 -17.48
CA LEU C 253 -11.31 8.75 -18.19
C LEU C 253 -11.93 7.60 -18.99
N LYS C 254 -11.09 6.81 -19.66
CA LYS C 254 -11.58 5.72 -20.49
C LYS C 254 -10.84 4.44 -20.15
N PRO C 255 -11.52 3.28 -20.24
CA PRO C 255 -10.85 2.01 -19.96
C PRO C 255 -9.99 1.54 -21.13
N GLY C 256 -10.40 1.88 -22.34
CA GLY C 256 -9.69 1.49 -23.55
C GLY C 256 -10.07 0.13 -24.12
N THR C 257 -10.31 -0.84 -23.24
CA THR C 257 -10.68 -2.19 -23.64
C THR C 257 -11.88 -2.65 -22.83
N SER C 258 -12.63 -3.59 -23.41
CA SER C 258 -13.80 -4.13 -22.73
C SER C 258 -13.41 -4.94 -21.49
N ASP C 259 -12.26 -5.64 -21.54
CA ASP C 259 -11.82 -6.41 -20.39
C ASP C 259 -11.51 -5.52 -19.20
N ASP C 260 -10.89 -4.36 -19.46
CA ASP C 260 -10.56 -3.44 -18.36
C ASP C 260 -11.83 -2.91 -17.69
N LEU C 261 -12.86 -2.62 -18.48
CA LEU C 261 -14.12 -2.16 -17.90
C LEU C 261 -14.75 -3.23 -17.01
N GLN C 262 -14.72 -4.48 -17.47
CA GLN C 262 -15.26 -5.57 -16.66
C GLN C 262 -14.47 -5.78 -15.38
N ASN C 263 -13.13 -5.71 -15.47
CA ASN C 263 -12.30 -5.92 -14.29
C ASN C 263 -12.51 -4.83 -13.25
N SER C 264 -12.65 -3.58 -13.69
CA SER C 264 -12.78 -2.47 -12.75
C SER C 264 -14.11 -2.47 -12.01
N SER C 265 -15.14 -3.12 -12.56
CA SER C 265 -16.46 -3.15 -11.95
C SER C 265 -16.68 -4.36 -11.06
N ARG C 266 -15.67 -5.21 -10.89
CA ARG C 266 -15.84 -6.43 -10.12
C ARG C 266 -15.78 -6.14 -8.62
N LEU C 267 -16.34 -7.07 -7.84
CA LEU C 267 -16.44 -6.88 -6.40
C LEU C 267 -15.08 -6.99 -5.73
N ARG C 268 -14.98 -6.39 -4.54
CA ARG C 268 -13.76 -6.42 -3.75
C ARG C 268 -14.13 -6.63 -2.28
N PHE C 269 -13.14 -7.03 -1.50
CA PHE C 269 -13.34 -7.29 -0.08
C PHE C 269 -12.21 -6.67 0.73
N LYS C 270 -12.51 -6.35 1.98
CA LYS C 270 -11.57 -5.77 2.91
C LYS C 270 -11.00 -6.85 3.83
N ILE C 271 -9.84 -6.55 4.41
CA ILE C 271 -9.17 -7.45 5.34
C ILE C 271 -8.78 -6.66 6.58
N ASP C 272 -9.21 -7.14 7.75
CA ASP C 272 -8.96 -6.55 9.07
C ASP C 272 -8.89 -5.02 9.05
N LYS C 273 -7.84 -4.43 9.62
CA LYS C 273 -7.68 -2.98 9.64
C LYS C 273 -7.08 -2.43 8.35
N GLY C 274 -6.90 -3.28 7.34
CA GLY C 274 -6.33 -2.85 6.07
C GLY C 274 -7.10 -1.72 5.41
N MET C 275 -6.38 -0.70 4.98
CA MET C 275 -7.00 0.49 4.40
C MET C 275 -7.52 0.26 2.99
N GLY C 276 -6.93 -0.69 2.24
CA GLY C 276 -7.31 -0.94 0.88
C GLY C 276 -8.25 -2.12 0.74
N THR C 277 -8.36 -2.64 -0.49
CA THR C 277 -9.22 -3.74 -0.80
C THR C 277 -8.50 -4.73 -1.70
N VAL C 278 -8.98 -5.96 -1.71
CA VAL C 278 -8.40 -7.05 -2.50
C VAL C 278 -9.45 -7.57 -3.47
N LEU C 279 -9.05 -7.75 -4.72
CA LEU C 279 -9.94 -8.19 -5.79
C LEU C 279 -9.69 -9.67 -6.06
N GLY C 280 -10.77 -10.44 -6.12
CA GLY C 280 -10.69 -11.86 -6.40
C GLY C 280 -11.25 -12.17 -7.77
N GLY C 281 -10.69 -13.21 -8.39
CA GLY C 281 -11.11 -13.62 -9.71
C GLY C 281 -12.31 -14.55 -9.67
N ALA C 282 -12.63 -15.09 -10.84
CA ALA C 282 -13.75 -16.03 -10.95
C ALA C 282 -13.41 -17.33 -10.24
N SER C 283 -14.38 -17.85 -9.48
CA SER C 283 -14.24 -19.07 -8.70
C SER C 283 -13.00 -19.05 -7.81
N GLU C 284 -12.70 -17.89 -7.22
CA GLU C 284 -11.67 -17.76 -6.19
C GLU C 284 -12.32 -17.50 -4.84
N PHE C 285 -11.72 -18.08 -3.79
CA PHE C 285 -12.26 -18.02 -2.44
C PHE C 285 -13.69 -18.60 -2.41
N GLU C 286 -13.89 -19.67 -3.18
CA GLU C 286 -15.21 -20.29 -3.25
C GLU C 286 -15.56 -21.01 -1.95
N ALA C 287 -14.55 -21.56 -1.27
CA ALA C 287 -14.81 -22.27 -0.02
C ALA C 287 -15.32 -21.31 1.04
N PRO C 288 -16.45 -21.61 1.68
CA PRO C 288 -16.98 -20.70 2.71
C PRO C 288 -16.05 -20.58 3.90
N GLN C 289 -16.07 -19.41 4.53
CA GLN C 289 -15.24 -19.19 5.72
C GLN C 289 -15.74 -20.03 6.88
N THR C 290 -14.80 -20.45 7.73
CA THR C 290 -15.11 -21.30 8.87
C THR C 290 -14.73 -20.58 10.16
N PHE C 291 -15.54 -20.81 11.20
CA PHE C 291 -15.27 -20.20 12.50
C PHE C 291 -13.95 -20.69 13.08
N ASP C 292 -13.69 -21.99 12.98
CA ASP C 292 -12.45 -22.54 13.52
C ASP C 292 -11.24 -22.07 12.72
N GLY C 293 -11.39 -21.98 11.39
CA GLY C 293 -10.27 -21.55 10.56
C GLY C 293 -9.83 -20.13 10.85
N ILE C 294 -10.78 -19.24 11.13
CA ILE C 294 -10.43 -17.86 11.45
C ILE C 294 -9.61 -17.81 12.73
N MET C 295 -10.02 -18.59 13.75
CA MET C 295 -9.27 -18.64 15.00
C MET C 295 -7.87 -19.23 14.82
N MET C 296 -7.67 -20.07 13.81
CA MET C 296 -6.36 -20.66 13.55
C MET C 296 -5.39 -19.66 12.93
N GLY C 297 -5.86 -18.50 12.49
CA GLY C 297 -5.03 -17.49 11.86
C GLY C 297 -5.53 -16.98 10.53
N GLU C 298 -6.62 -17.54 9.99
CA GLU C 298 -7.16 -17.07 8.73
C GLU C 298 -7.72 -15.66 8.87
N ARG C 299 -7.43 -14.82 7.89
CA ARG C 299 -7.88 -13.44 7.92
C ARG C 299 -9.33 -13.34 7.47
N MET C 300 -10.10 -12.52 8.18
CA MET C 300 -11.51 -12.32 7.84
C MET C 300 -11.65 -11.45 6.60
N ARG C 301 -12.63 -11.77 5.78
CA ARG C 301 -12.91 -11.02 4.55
C ARG C 301 -14.27 -10.34 4.68
N THR C 302 -14.29 -9.02 4.45
CA THR C 302 -15.52 -8.24 4.53
C THR C 302 -15.62 -7.38 3.28
N MET C 303 -16.83 -7.32 2.70
CA MET C 303 -17.04 -6.55 1.48
C MET C 303 -16.80 -5.07 1.71
N SER C 304 -16.31 -4.40 0.67
CA SER C 304 -16.04 -2.98 0.73
C SER C 304 -17.34 -2.18 0.81
N CYS C 305 -17.19 -0.88 1.06
CA CYS C 305 -18.37 -0.03 1.27
C CYS C 305 -19.13 0.19 -0.02
N SER C 306 -18.46 0.13 -1.18
CA SER C 306 -19.16 0.32 -2.44
C SER C 306 -20.16 -0.82 -2.71
N ASP C 307 -19.73 -2.07 -2.51
CA ASP C 307 -20.63 -3.19 -2.69
C ASP C 307 -21.74 -3.18 -1.65
N LYS C 308 -21.44 -2.76 -0.42
CA LYS C 308 -22.48 -2.65 0.59
C LYS C 308 -23.50 -1.59 0.22
N LEU C 309 -23.05 -0.46 -0.34
CA LEU C 309 -23.99 0.56 -0.80
C LEU C 309 -24.84 0.04 -1.96
N LEU C 310 -24.22 -0.70 -2.88
CA LEU C 310 -24.99 -1.31 -3.95
C LEU C 310 -26.06 -2.25 -3.42
N ARG C 311 -25.70 -3.09 -2.46
CA ARG C 311 -26.65 -4.02 -1.85
C ARG C 311 -27.77 -3.28 -1.14
N ALA C 312 -27.42 -2.21 -0.41
CA ALA C 312 -28.44 -1.41 0.28
C ALA C 312 -29.39 -0.75 -0.70
N ASN C 313 -28.86 -0.24 -1.82
CA ASN C 313 -29.73 0.38 -2.82
C ASN C 313 -30.66 -0.66 -3.43
N VAL C 314 -30.13 -1.85 -3.73
CA VAL C 314 -30.94 -2.88 -4.39
C VAL C 314 -32.02 -3.40 -3.46
N LEU C 315 -31.66 -3.72 -2.21
CA LEU C 315 -32.55 -4.41 -1.30
C LEU C 315 -33.13 -3.52 -0.21
N GLY C 316 -32.87 -2.21 -0.24
CA GLY C 316 -33.34 -1.33 0.80
C GLY C 316 -32.39 -1.27 1.98
N VAL C 317 -32.56 -0.22 2.79
CA VAL C 317 -31.71 -0.01 3.96
C VAL C 317 -32.37 -0.47 5.25
N GLN C 318 -33.64 -0.91 5.20
CA GLN C 318 -34.33 -1.35 6.40
C GLN C 318 -33.83 -2.71 6.89
N GLY C 319 -33.21 -3.50 6.03
CA GLY C 319 -32.71 -4.80 6.42
C GLY C 319 -33.81 -5.86 6.46
N ALA C 320 -33.39 -7.07 6.82
CA ALA C 320 -34.31 -8.19 6.87
C ALA C 320 -35.24 -8.13 8.07
N ILE C 321 -34.73 -7.73 9.23
CA ILE C 321 -35.52 -7.77 10.46
C ILE C 321 -36.64 -6.73 10.40
N LEU C 322 -36.32 -5.51 9.99
CA LEU C 322 -37.31 -4.45 9.94
C LEU C 322 -38.29 -4.62 8.78
N SER C 323 -38.03 -5.52 7.85
CA SER C 323 -38.95 -5.76 6.74
C SER C 323 -40.26 -6.40 7.20
N HIS C 324 -40.31 -6.93 8.42
CA HIS C 324 -41.54 -7.53 8.93
C HIS C 324 -42.62 -6.50 9.22
N PHE C 325 -42.25 -5.24 9.40
CA PHE C 325 -43.20 -4.20 9.77
C PHE C 325 -43.29 -3.05 8.77
N ILE C 326 -42.19 -2.66 8.15
CA ILE C 326 -42.16 -1.48 7.29
C ILE C 326 -41.76 -1.88 5.87
N ASP C 327 -42.12 -1.03 4.92
CA ASP C 327 -41.77 -1.21 3.53
C ASP C 327 -40.30 -0.86 3.30
N PRO C 328 -39.70 -1.36 2.22
CA PRO C 328 -38.29 -1.04 1.94
C PRO C 328 -38.09 0.46 1.76
N ILE C 329 -36.94 0.93 2.25
CA ILE C 329 -36.58 2.34 2.20
C ILE C 329 -35.23 2.46 1.50
N TYR C 330 -35.12 3.40 0.56
CA TYR C 330 -33.90 3.61 -0.20
C TYR C 330 -33.45 5.06 -0.05
N TYR C 331 -32.14 5.26 -0.17
CA TYR C 331 -31.57 6.60 -0.10
C TYR C 331 -32.02 7.43 -1.31
N SER C 332 -32.25 8.71 -1.08
CA SER C 332 -32.69 9.61 -2.15
C SER C 332 -31.53 10.32 -2.84
N SER C 333 -30.45 10.60 -2.11
CA SER C 333 -29.30 11.27 -2.69
C SER C 333 -28.04 10.88 -1.91
N ILE C 334 -26.92 10.83 -2.62
CA ILE C 334 -25.61 10.54 -2.03
C ILE C 334 -24.66 11.66 -2.42
N ALA C 335 -24.02 12.25 -1.42
CA ALA C 335 -23.10 13.36 -1.62
C ALA C 335 -21.71 12.97 -1.12
N VAL C 336 -20.71 13.17 -1.97
CA VAL C 336 -19.31 12.91 -1.63
C VAL C 336 -18.51 14.16 -1.93
N ALA C 337 -17.69 14.59 -0.97
CA ALA C 337 -16.92 15.83 -1.10
C ALA C 337 -15.64 15.56 -1.90
N GLU C 338 -15.84 15.26 -3.18
CA GLU C 338 -14.72 15.07 -4.10
C GLU C 338 -15.03 15.79 -5.40
N LEU C 339 -13.97 16.25 -6.05
CA LEU C 339 -14.11 17.09 -7.24
C LEU C 339 -14.56 16.33 -8.47
N ASN C 340 -14.07 15.11 -8.69
CA ASN C 340 -14.42 14.37 -9.89
C ASN C 340 -15.84 13.82 -9.79
N ASN C 341 -16.06 12.89 -8.85
CA ASN C 341 -17.37 12.32 -8.56
C ASN C 341 -18.10 11.91 -9.84
N ALA C 342 -19.41 12.19 -9.88
CA ALA C 342 -20.24 11.99 -11.07
C ALA C 342 -20.23 10.55 -11.54
N ASP C 343 -19.66 10.31 -12.72
CA ASP C 343 -19.75 8.99 -13.34
C ASP C 343 -19.00 7.93 -12.54
N ARG C 344 -17.92 8.30 -11.86
CA ARG C 344 -17.13 7.32 -11.12
C ARG C 344 -17.95 6.65 -10.02
N LEU C 345 -18.66 7.45 -9.22
CA LEU C 345 -19.44 6.86 -8.13
C LEU C 345 -20.74 6.26 -8.66
N ARG C 346 -21.31 6.83 -9.71
CA ARG C 346 -22.51 6.26 -10.32
C ARG C 346 -22.25 4.86 -10.86
N LYS C 347 -21.11 4.65 -11.51
CA LYS C 347 -20.81 3.33 -12.06
C LYS C 347 -20.73 2.27 -10.97
N ALA C 348 -20.23 2.64 -9.78
CA ALA C 348 -20.14 1.69 -8.68
C ALA C 348 -21.48 1.50 -7.98
N VAL C 349 -22.31 2.55 -7.95
CA VAL C 349 -23.53 2.50 -7.15
C VAL C 349 -24.77 2.01 -7.90
N TYR C 350 -24.95 2.38 -9.15
CA TYR C 350 -26.19 2.08 -9.85
C TYR C 350 -25.96 1.27 -11.13
N SER C 351 -24.92 1.59 -11.90
CA SER C 351 -24.76 1.02 -13.22
C SER C 351 -24.59 -0.50 -13.18
N ARG C 352 -23.96 -1.01 -12.11
CA ARG C 352 -23.73 -2.45 -12.02
C ARG C 352 -25.04 -3.23 -11.90
N ALA C 353 -26.00 -2.71 -11.13
CA ALA C 353 -27.27 -3.40 -10.92
C ALA C 353 -28.42 -2.75 -11.71
N ALA C 354 -28.10 -1.97 -12.74
CA ALA C 354 -29.14 -1.31 -13.53
C ALA C 354 -29.98 -2.33 -14.30
N THR C 355 -29.34 -3.36 -14.85
CA THR C 355 -30.04 -4.37 -15.65
C THR C 355 -30.76 -5.42 -14.80
N PHE C 356 -30.49 -5.47 -13.51
CA PHE C 356 -31.14 -6.46 -12.65
C PHE C 356 -32.63 -6.13 -12.50
N LYS C 357 -33.44 -7.19 -12.47
CA LYS C 357 -34.90 -7.07 -12.32
C LYS C 357 -35.30 -7.82 -11.07
N PRO C 358 -35.38 -7.15 -9.92
CA PRO C 358 -35.80 -7.81 -8.69
C PRO C 358 -37.28 -8.15 -8.73
N PRO C 359 -37.74 -9.04 -7.85
CA PRO C 359 -39.18 -9.32 -7.77
C PRO C 359 -39.94 -8.16 -7.12
N ALA C 360 -41.23 -8.37 -6.85
CA ALA C 360 -42.04 -7.38 -6.14
C ALA C 360 -42.36 -7.88 -4.75
N PRO C 361 -42.10 -7.09 -3.69
CA PRO C 361 -41.55 -5.72 -3.69
C PRO C 361 -40.04 -5.68 -3.86
N PHE C 362 -39.42 -4.56 -3.46
CA PHE C 362 -38.00 -4.25 -3.67
C PHE C 362 -37.73 -3.98 -5.15
N HIS C 363 -36.88 -2.98 -5.43
CA HIS C 363 -36.57 -2.60 -6.80
C HIS C 363 -35.29 -1.78 -6.80
N VAL C 364 -34.73 -1.61 -8.00
CA VAL C 364 -33.54 -0.79 -8.17
C VAL C 364 -33.92 0.68 -8.08
N GLN C 365 -33.12 1.45 -7.33
CA GLN C 365 -33.39 2.86 -7.10
C GLN C 365 -32.36 3.71 -7.84
N ASP C 366 -32.83 4.69 -8.60
CA ASP C 366 -31.96 5.65 -9.27
C ASP C 366 -31.67 6.78 -8.29
N VAL C 367 -30.74 6.51 -7.38
CA VAL C 367 -30.36 7.50 -6.37
C VAL C 367 -29.65 8.67 -7.03
N GLU C 368 -30.04 9.89 -6.64
CA GLU C 368 -29.38 11.08 -7.17
C GLU C 368 -27.96 11.17 -6.67
N ILE C 369 -27.05 11.53 -7.58
CA ILE C 369 -25.63 11.62 -7.27
C ILE C 369 -25.23 13.08 -7.35
N GLY C 370 -24.66 13.59 -6.26
CA GLY C 370 -24.30 14.99 -6.22
C GLY C 370 -22.85 15.24 -5.85
N GLU C 371 -22.29 16.34 -6.35
CA GLU C 371 -20.92 16.72 -6.08
C GLU C 371 -20.90 17.99 -5.22
N CYS C 372 -20.03 17.99 -4.22
CA CYS C 372 -19.88 19.12 -3.32
C CYS C 372 -19.25 20.30 -4.06
N GLN C 373 -19.58 21.51 -3.61
CA GLN C 373 -19.11 22.73 -4.24
C GLN C 373 -17.59 22.82 -4.27
N VAL C 374 -16.99 22.95 -3.10
CA VAL C 374 -15.55 23.21 -2.96
C VAL C 374 -15.14 22.53 -1.66
N GLU C 375 -13.87 22.69 -1.27
CA GLU C 375 -13.38 22.19 0.02
C GLU C 375 -13.35 20.67 0.07
N ASP C 376 -12.70 20.06 -0.92
CA ASP C 376 -12.45 18.63 -0.91
C ASP C 376 -11.66 18.23 0.34
N THR C 377 -12.09 17.16 1.00
CA THR C 377 -11.47 16.72 2.26
C THR C 377 -10.61 15.50 1.97
N GLU C 378 -9.36 15.73 1.60
CA GLU C 378 -8.38 14.66 1.42
C GLU C 378 -7.10 14.89 2.20
N GLN C 379 -6.74 16.15 2.46
CA GLN C 379 -5.54 16.42 3.24
C GLN C 379 -5.73 16.04 4.70
N SER C 380 -6.90 16.35 5.27
CA SER C 380 -7.16 16.03 6.67
C SER C 380 -7.77 14.66 6.87
N THR C 381 -7.93 13.87 5.80
CA THR C 381 -8.56 12.56 5.88
C THR C 381 -7.57 11.47 5.45
N SER C 382 -6.40 11.89 4.97
CA SER C 382 -5.42 10.93 4.46
C SER C 382 -4.00 11.31 4.85
N ALA C 383 -3.82 11.93 6.02
CA ALA C 383 -2.49 12.35 6.44
C ALA C 383 -2.37 12.20 7.96
N ALA C 384 -1.72 11.12 8.39
CA ALA C 384 -1.31 10.92 9.77
C ALA C 384 -2.48 10.76 10.74
N ALA C 385 -3.71 10.80 10.22
CA ALA C 385 -4.88 10.62 11.08
C ALA C 385 -5.35 9.17 11.13
N ARG C 386 -4.69 8.26 10.42
CA ARG C 386 -5.06 6.85 10.43
C ARG C 386 -4.60 6.12 11.68
N SER C 387 -3.78 6.76 12.52
CA SER C 387 -3.28 6.10 13.73
C SER C 387 -4.37 5.87 14.77
N THR C 388 -5.49 6.57 14.66
CA THR C 388 -6.57 6.39 15.63
C THR C 388 -7.21 5.02 15.47
N ILE C 389 -7.63 4.44 16.60
CA ILE C 389 -8.25 3.12 16.63
C ILE C 389 -9.66 3.16 17.22
N SER C 390 -10.12 4.31 17.70
CA SER C 390 -11.43 4.42 18.34
C SER C 390 -12.40 5.12 17.39
N SER C 391 -13.58 4.52 17.22
CA SER C 391 -14.64 5.07 16.40
C SER C 391 -15.78 5.55 17.29
N MET C 392 -16.56 6.50 16.77
CA MET C 392 -17.66 7.10 17.51
C MET C 392 -18.91 7.09 16.65
N ASN C 393 -20.06 6.87 17.28
CA ASN C 393 -21.35 6.88 16.62
C ASN C 393 -22.33 7.73 17.40
N TRP C 394 -23.27 8.35 16.67
CA TRP C 394 -24.28 9.19 17.28
C TRP C 394 -25.57 9.10 16.47
N ASN C 395 -26.69 9.17 17.17
CA ASN C 395 -28.00 9.14 16.54
C ASN C 395 -28.96 10.03 17.31
N LEU C 396 -29.99 10.50 16.61
CA LEU C 396 -30.96 11.40 17.24
C LEU C 396 -31.89 10.64 18.19
N ALA C 397 -32.12 9.35 17.93
CA ALA C 397 -33.01 8.57 18.79
C ALA C 397 -32.47 8.45 20.20
N ASP C 398 -31.16 8.23 20.34
CA ASP C 398 -30.55 8.12 21.66
C ASP C 398 -30.17 9.47 22.24
N GLY C 399 -29.65 10.38 21.42
CA GLY C 399 -29.29 11.70 21.88
C GLY C 399 -27.98 11.80 22.61
N ASN C 400 -27.19 10.72 22.67
CA ASN C 400 -25.91 10.74 23.34
C ASN C 400 -24.86 10.08 22.46
N THR C 401 -23.61 10.48 22.65
CA THR C 401 -22.50 9.96 21.87
C THR C 401 -21.92 8.71 22.51
N GLU C 402 -21.40 7.82 21.66
CA GLU C 402 -20.78 6.58 22.11
C GLU C 402 -19.51 6.35 21.32
N VAL C 403 -18.47 5.88 22.02
CA VAL C 403 -17.18 5.57 21.40
C VAL C 403 -16.96 4.07 21.46
N VAL C 404 -16.52 3.50 20.35
CA VAL C 404 -16.31 2.06 20.24
C VAL C 404 -14.89 1.82 19.72
N ARG C 405 -14.16 0.95 20.41
CA ARG C 405 -12.82 0.57 19.97
C ARG C 405 -12.92 -0.38 18.78
N THR C 406 -12.29 -0.01 17.67
CA THR C 406 -12.37 -0.83 16.46
C THR C 406 -11.58 -2.13 16.58
N SER C 407 -10.65 -2.22 17.53
CA SER C 407 -9.86 -3.44 17.68
C SER C 407 -10.73 -4.62 18.07
N ASP C 408 -11.69 -4.41 18.97
CA ASP C 408 -12.57 -5.48 19.43
C ASP C 408 -14.05 -5.20 19.24
N GLY C 409 -14.43 -4.01 18.79
CA GLY C 409 -15.83 -3.69 18.59
C GLY C 409 -16.61 -3.47 19.86
N MET C 410 -15.93 -3.20 20.98
CA MET C 410 -16.58 -3.00 22.26
C MET C 410 -16.09 -1.69 22.88
N VAL C 411 -16.91 -1.11 23.75
CA VAL C 411 -16.57 0.11 24.46
C VAL C 411 -15.90 -0.25 25.78
N HIS C 412 -14.82 0.44 26.09
CA HIS C 412 -14.06 0.21 27.32
C HIS C 412 -14.22 1.40 28.25
N ASP C 413 -14.35 1.12 29.54
CA ASP C 413 -14.55 2.16 30.55
C ASP C 413 -13.82 1.76 31.82
N LYS C 414 -13.72 2.72 32.74
CA LYS C 414 -13.07 2.50 34.03
C LYS C 414 -14.15 2.40 35.11
N ASP C 415 -14.05 1.37 35.94
CA ASP C 415 -15.03 1.13 37.00
C ASP C 415 -14.70 2.02 38.20
N MET C 416 -15.35 1.75 39.33
CA MET C 416 -15.11 2.53 40.54
C MET C 416 -13.69 2.34 41.05
N SER C 417 -13.11 1.16 40.86
CA SER C 417 -11.75 0.87 41.31
C SER C 417 -10.70 1.18 40.26
N GLY C 418 -11.10 1.71 39.10
CA GLY C 418 -10.15 2.04 38.05
C GLY C 418 -9.78 0.90 37.13
N ALA C 419 -10.37 -0.28 37.32
CA ALA C 419 -10.09 -1.42 36.46
C ALA C 419 -10.88 -1.32 35.16
N ASP C 420 -10.45 -2.09 34.17
CA ASP C 420 -11.10 -2.10 32.87
C ASP C 420 -12.40 -2.89 32.92
N ILE C 421 -13.47 -2.32 32.38
CA ILE C 421 -14.77 -2.97 32.28
C ILE C 421 -15.29 -2.80 30.87
N THR C 422 -15.84 -3.88 30.31
CA THR C 422 -16.32 -3.88 28.93
C THR C 422 -17.80 -4.26 28.89
N THR C 423 -18.56 -3.54 28.08
CA THR C 423 -19.96 -3.80 27.86
C THR C 423 -20.25 -3.71 26.36
N PRO C 424 -21.21 -4.51 25.86
CA PRO C 424 -21.52 -4.45 24.44
C PRO C 424 -22.07 -3.10 24.01
N SER C 425 -21.78 -2.74 22.76
CA SER C 425 -22.26 -1.48 22.21
C SER C 425 -23.77 -1.54 21.98
N ARG C 426 -24.38 -0.36 21.93
CA ARG C 426 -25.83 -0.28 21.77
C ARG C 426 -26.29 -0.68 20.38
N LEU C 427 -25.39 -0.73 19.40
CA LEU C 427 -25.73 -1.10 18.03
C LEU C 427 -25.29 -2.51 17.68
N CYS C 428 -24.91 -3.32 18.67
CA CYS C 428 -24.52 -4.70 18.41
C CYS C 428 -25.75 -5.54 18.08
N LYS C 429 -25.50 -6.75 17.58
CA LYS C 429 -26.60 -7.62 17.17
C LYS C 429 -27.49 -8.00 18.35
N LYS C 430 -26.88 -8.28 19.50
CA LYS C 430 -27.67 -8.66 20.68
C LYS C 430 -28.59 -7.53 21.12
N ASN C 431 -28.08 -6.30 21.12
CA ASN C 431 -28.91 -5.16 21.51
C ASN C 431 -30.04 -4.92 20.52
N MET C 432 -29.77 -5.08 19.22
CA MET C 432 -30.84 -4.96 18.23
C MET C 432 -31.90 -6.04 18.43
N ALA C 433 -31.47 -7.27 18.72
CA ALA C 433 -32.43 -8.34 18.98
C ALA C 433 -33.25 -8.05 20.23
N GLU C 434 -32.61 -7.52 21.28
CA GLU C 434 -33.32 -7.16 22.49
C GLU C 434 -34.36 -6.07 22.22
N LEU C 435 -33.99 -5.07 21.43
CA LEU C 435 -34.94 -4.02 21.07
C LEU C 435 -36.09 -4.58 20.24
N MET C 436 -35.79 -5.50 19.33
CA MET C 436 -36.83 -6.06 18.47
C MET C 436 -37.82 -6.88 19.31
N ILE C 437 -37.29 -7.64 20.29
CA ILE C 437 -38.15 -8.40 21.20
C ILE C 437 -38.95 -7.46 22.10
N THR C 438 -38.35 -6.34 22.51
CA THR C 438 -39.10 -5.34 23.27
C THR C 438 -40.24 -4.77 22.44
N ILE C 439 -40.02 -4.58 21.14
CA ILE C 439 -41.08 -4.17 20.22
C ILE C 439 -42.17 -5.24 20.18
N CYS C 440 -41.76 -6.52 20.14
CA CYS C 440 -42.73 -7.61 20.20
C CYS C 440 -43.61 -7.50 21.45
N THR C 441 -42.97 -7.32 22.60
CA THR C 441 -43.70 -7.30 23.87
C THR C 441 -44.61 -6.09 24.02
N LEU C 442 -44.12 -4.90 23.65
CA LEU C 442 -44.87 -3.66 23.86
C LEU C 442 -46.15 -3.63 23.02
N THR C 443 -46.07 -4.07 21.77
CA THR C 443 -47.21 -4.03 20.86
C THR C 443 -47.98 -5.33 20.82
N LYS C 444 -47.82 -6.18 21.84
CA LYS C 444 -48.53 -7.45 21.96
C LYS C 444 -48.32 -8.34 20.73
N THR C 445 -47.11 -8.33 20.18
CA THR C 445 -46.78 -9.15 19.01
C THR C 445 -46.10 -10.42 19.50
N SER C 446 -46.90 -11.49 19.65
CA SER C 446 -46.35 -12.76 20.11
C SER C 446 -45.47 -13.38 19.02
N VAL C 447 -44.39 -14.02 19.44
CA VAL C 447 -43.43 -14.64 18.53
C VAL C 447 -43.14 -16.05 19.02
N ASP C 448 -42.57 -16.86 18.13
CA ASP C 448 -42.20 -18.23 18.47
C ASP C 448 -41.07 -18.24 19.49
N TYR C 449 -40.98 -19.34 20.23
CA TYR C 449 -39.97 -19.48 21.27
C TYR C 449 -39.59 -20.95 21.40
N PRO C 450 -38.29 -21.26 21.48
CA PRO C 450 -37.13 -20.36 21.33
C PRO C 450 -36.80 -20.10 19.86
N ILE C 451 -36.22 -18.93 19.55
CA ILE C 451 -35.78 -18.60 18.20
C ILE C 451 -34.38 -18.02 18.27
N SER C 452 -33.58 -18.30 17.24
CA SER C 452 -32.24 -17.77 17.15
C SER C 452 -32.21 -16.54 16.25
N TYR C 453 -31.05 -15.86 16.24
CA TYR C 453 -30.90 -14.66 15.41
C TYR C 453 -30.99 -15.01 13.92
N GLU C 454 -30.38 -16.13 13.52
CA GLU C 454 -30.44 -16.55 12.13
C GLU C 454 -31.87 -16.91 11.72
N GLU C 455 -32.60 -17.59 12.61
CA GLU C 455 -33.98 -17.95 12.31
C GLU C 455 -34.87 -16.72 12.17
N LEU C 456 -34.65 -15.72 13.03
CA LEU C 456 -35.46 -14.50 12.97
C LEU C 456 -35.26 -13.77 11.64
N LYS C 457 -34.02 -13.68 11.17
CA LYS C 457 -33.76 -13.03 9.89
C LYS C 457 -34.36 -13.82 8.73
N ALA C 458 -34.32 -15.16 8.81
CA ALA C 458 -34.86 -16.00 7.76
C ALA C 458 -36.38 -15.98 7.71
N GLY C 459 -37.05 -15.38 8.70
CA GLY C 459 -38.50 -15.35 8.69
C GLY C 459 -39.08 -14.48 7.59
N SER C 460 -38.31 -13.49 7.13
CA SER C 460 -38.74 -12.62 6.04
C SER C 460 -38.55 -13.38 4.73
N GLN C 461 -39.63 -14.01 4.25
CA GLN C 461 -39.55 -14.81 3.03
C GLN C 461 -39.22 -13.94 1.82
N GLU C 462 -39.89 -12.80 1.69
CA GLU C 462 -39.66 -11.94 0.53
C GLU C 462 -38.24 -11.39 0.51
N TYR C 463 -37.76 -10.91 1.66
CA TYR C 463 -36.41 -10.36 1.71
C TYR C 463 -35.36 -11.44 1.43
N ALA C 464 -35.53 -12.62 2.02
CA ALA C 464 -34.59 -13.71 1.78
C ALA C 464 -34.58 -14.13 0.31
N ALA C 465 -35.77 -14.24 -0.29
CA ALA C 465 -35.85 -14.61 -1.70
C ALA C 465 -35.19 -13.56 -2.58
N ALA C 466 -35.43 -12.27 -2.30
CA ALA C 466 -34.82 -11.21 -3.08
C ALA C 466 -33.30 -11.23 -2.94
N LYS C 467 -32.80 -11.43 -1.71
CA LYS C 467 -31.36 -11.49 -1.50
C LYS C 467 -30.74 -12.67 -2.23
N LYS C 468 -31.39 -13.84 -2.17
CA LYS C 468 -30.88 -15.01 -2.87
C LYS C 468 -30.87 -14.79 -4.39
N SER C 469 -31.93 -14.18 -4.92
CA SER C 469 -31.98 -13.89 -6.35
C SER C 469 -30.89 -12.90 -6.74
N PHE C 470 -30.65 -11.89 -5.92
CA PHE C 470 -29.60 -10.92 -6.22
C PHE C 470 -28.24 -11.58 -6.20
N ILE C 471 -27.98 -12.46 -5.23
CA ILE C 471 -26.71 -13.16 -5.16
C ILE C 471 -26.53 -14.06 -6.37
N THR C 472 -27.58 -14.78 -6.76
CA THR C 472 -27.51 -15.65 -7.92
C THR C 472 -27.25 -14.86 -9.20
N TRP C 473 -27.90 -13.70 -9.35
CA TRP C 473 -27.67 -12.87 -10.52
C TRP C 473 -26.26 -12.28 -10.52
N LEU C 474 -25.73 -11.92 -9.35
CA LEU C 474 -24.36 -11.44 -9.26
C LEU C 474 -23.38 -12.54 -9.68
N ARG C 475 -23.63 -13.77 -9.24
CA ARG C 475 -22.79 -14.89 -9.65
C ARG C 475 -22.89 -15.14 -11.15
N GLN C 476 -24.10 -15.05 -11.71
CA GLN C 476 -24.28 -15.30 -13.13
C GLN C 476 -23.54 -14.29 -13.99
N LYS C 477 -23.54 -13.02 -13.58
CA LYS C 477 -22.87 -11.96 -14.30
C LYS C 477 -21.37 -11.87 -13.99
N ASP C 478 -20.80 -12.96 -13.45
CA ASP C 478 -19.36 -13.11 -13.20
C ASP C 478 -18.73 -11.89 -12.53
N LEU C 479 -19.53 -11.12 -11.80
CA LEU C 479 -19.02 -9.93 -11.14
C LEU C 479 -18.20 -10.29 -9.90
N GLY C 480 -18.54 -11.38 -9.25
CA GLY C 480 -17.80 -11.80 -8.07
C GLY C 480 -18.58 -12.83 -7.28
N ILE C 481 -17.97 -13.24 -6.18
CA ILE C 481 -18.54 -14.22 -5.27
C ILE C 481 -18.67 -13.59 -3.89
N TRP C 482 -19.86 -13.65 -3.31
CA TRP C 482 -20.08 -13.05 -2.00
C TRP C 482 -19.50 -13.94 -0.91
N GLN C 483 -18.63 -13.37 -0.08
CA GLN C 483 -18.00 -14.08 1.02
C GLN C 483 -18.87 -13.92 2.25
N ARG C 484 -19.87 -14.80 2.36
CA ARG C 484 -20.79 -14.74 3.49
C ARG C 484 -20.08 -15.10 4.79
N LYS C 485 -20.47 -14.42 5.87
CA LYS C 485 -19.89 -14.69 7.17
C LYS C 485 -20.28 -16.08 7.65
N PRO C 486 -19.46 -16.71 8.49
CA PRO C 486 -19.81 -18.01 9.03
C PRO C 486 -21.11 -17.96 9.82
N ARG C 487 -21.87 -19.06 9.76
CA ARG C 487 -23.16 -19.11 10.41
C ARG C 487 -23.06 -18.96 11.92
N GLU C 488 -21.91 -19.27 12.52
CA GLU C 488 -21.76 -19.20 13.96
C GLU C 488 -21.87 -17.78 14.49
N PHE C 489 -21.69 -16.78 13.63
CA PHE C 489 -21.82 -15.39 14.08
C PHE C 489 -23.25 -15.02 14.43
N GLN C 490 -24.23 -15.80 13.98
CA GLN C 490 -25.64 -15.52 14.24
C GLN C 490 -26.35 -16.69 14.88
N MET C 491 -25.62 -17.59 15.55
CA MET C 491 -26.20 -18.80 16.09
C MET C 491 -26.67 -18.64 17.54
N PHE C 492 -26.43 -17.47 18.15
CA PHE C 492 -26.84 -17.26 19.53
C PHE C 492 -28.36 -17.18 19.64
N THR C 493 -28.90 -17.76 20.71
CA THR C 493 -30.33 -17.77 20.94
C THR C 493 -30.79 -16.42 21.49
N ILE C 494 -32.00 -16.03 21.11
CA ILE C 494 -32.59 -14.77 21.55
C ILE C 494 -33.36 -15.01 22.84
N ASN C 495 -33.07 -14.22 23.86
CA ASN C 495 -33.74 -14.35 25.15
C ASN C 495 -34.59 -13.12 25.45
N THR D 66 -23.68 40.76 -4.75
CA THR D 66 -24.71 40.11 -5.55
C THR D 66 -25.97 40.97 -5.61
N ASP D 67 -26.75 40.94 -4.54
CA ASP D 67 -28.00 41.71 -4.45
C ASP D 67 -28.30 42.05 -3.00
N GLU D 68 -29.52 42.51 -2.71
CA GLU D 68 -29.87 42.85 -1.34
C GLU D 68 -30.76 41.75 -0.75
N THR D 69 -31.78 41.32 -1.49
CA THR D 69 -32.58 40.17 -1.07
C THR D 69 -31.72 38.91 -0.96
N ALA D 70 -30.86 38.70 -1.96
CA ALA D 70 -29.98 37.55 -1.98
C ALA D 70 -29.00 37.61 -0.80
N ARG D 71 -28.47 38.81 -0.53
CA ARG D 71 -27.53 38.95 0.58
C ARG D 71 -28.21 38.72 1.92
N LYS D 72 -29.45 39.20 2.07
CA LYS D 72 -30.19 38.96 3.31
C LYS D 72 -30.46 37.47 3.49
N ALA D 73 -30.84 36.77 2.41
CA ALA D 73 -31.06 35.34 2.50
C ALA D 73 -29.76 34.61 2.86
N ALA D 74 -28.64 35.03 2.26
CA ALA D 74 -27.36 34.41 2.58
C ALA D 74 -26.99 34.63 4.05
N THR D 75 -27.19 35.85 4.55
CA THR D 75 -26.88 36.13 5.95
C THR D 75 -27.75 35.29 6.87
N GLN D 76 -29.02 35.12 6.52
CA GLN D 76 -29.90 34.25 7.31
C GLN D 76 -29.39 32.82 7.28
N LEU D 77 -28.92 32.35 6.12
CA LEU D 77 -28.43 30.98 6.01
C LEU D 77 -27.19 30.75 6.87
N LEU D 78 -26.22 31.68 6.81
CA LEU D 78 -25.04 31.52 7.64
C LEU D 78 -25.37 31.70 9.13
N ASP D 79 -26.36 32.55 9.45
CA ASP D 79 -26.78 32.66 10.84
C ASP D 79 -27.39 31.35 11.35
N GLN D 80 -28.20 30.69 10.51
CA GLN D 80 -28.73 29.39 10.87
C GLN D 80 -27.63 28.36 11.00
N ILE D 81 -26.61 28.43 10.13
CA ILE D 81 -25.47 27.52 10.22
C ILE D 81 -24.75 27.70 11.54
N GLN D 82 -24.52 28.95 11.93
CA GLN D 82 -23.72 29.22 13.14
C GLN D 82 -24.51 28.92 14.40
N ASP D 83 -25.81 29.21 14.42
CA ASP D 83 -26.59 29.14 15.64
C ASP D 83 -27.18 27.75 15.89
N THR D 84 -27.78 27.14 14.87
CA THR D 84 -28.50 25.88 15.02
C THR D 84 -27.98 24.85 14.03
N PRO D 85 -26.89 24.16 14.37
CA PRO D 85 -26.41 23.08 13.51
C PRO D 85 -27.43 21.94 13.45
N GLY D 86 -27.49 21.28 12.30
CA GLY D 86 -28.39 20.17 12.08
C GLY D 86 -29.79 20.53 11.67
N ARG D 87 -30.11 21.83 11.55
CA ARG D 87 -31.43 22.28 11.15
C ARG D 87 -31.30 23.16 9.92
N ILE D 88 -32.07 22.83 8.88
CA ILE D 88 -32.03 23.54 7.61
C ILE D 88 -33.42 24.10 7.32
N SER D 89 -33.49 25.39 7.01
CA SER D 89 -34.73 26.06 6.65
C SER D 89 -34.51 26.84 5.36
N LEU D 90 -35.33 26.56 4.36
CA LEU D 90 -35.23 27.21 3.06
C LEU D 90 -36.43 28.13 2.82
N ASN D 91 -36.32 28.94 1.78
CA ASN D 91 -37.35 29.90 1.41
C ASN D 91 -37.82 29.62 -0.01
N PHE D 92 -39.14 29.63 -0.20
CA PHE D 92 -39.72 29.34 -1.50
C PHE D 92 -40.76 30.35 -1.98
N GLU D 93 -41.29 31.22 -1.12
CA GLU D 93 -42.31 32.16 -1.53
C GLU D 93 -41.77 33.27 -2.42
N THR D 94 -40.46 33.44 -2.49
CA THR D 94 -39.84 34.46 -3.32
C THR D 94 -38.96 33.80 -4.37
N PRO D 95 -39.16 34.10 -5.65
CA PRO D 95 -38.30 33.48 -6.68
C PRO D 95 -36.83 33.83 -6.53
N GLU D 96 -36.51 35.05 -6.08
CA GLU D 96 -35.12 35.40 -5.84
C GLU D 96 -34.55 34.62 -4.67
N ALA D 97 -35.35 34.41 -3.61
CA ALA D 97 -34.89 33.64 -2.46
C ALA D 97 -34.73 32.16 -2.78
N ALA D 98 -35.38 31.67 -3.85
CA ALA D 98 -35.23 30.28 -4.24
C ALA D 98 -34.08 30.05 -5.20
N SER D 99 -33.44 31.12 -5.68
CA SER D 99 -32.34 30.98 -6.63
C SER D 99 -30.97 30.94 -5.95
N VAL D 100 -30.86 31.48 -4.73
CA VAL D 100 -29.58 31.47 -4.04
C VAL D 100 -29.16 30.04 -3.70
N CYS D 101 -30.10 29.21 -3.26
CA CYS D 101 -29.84 27.81 -2.91
C CYS D 101 -30.83 26.95 -3.69
N PRO D 102 -30.54 26.65 -4.95
CA PRO D 102 -31.47 25.85 -5.75
C PRO D 102 -31.45 24.38 -5.35
N ILE D 103 -32.59 23.73 -5.57
CA ILE D 103 -32.75 22.31 -5.25
C ILE D 103 -32.89 21.54 -6.56
N PRO D 104 -32.24 20.38 -6.71
CA PRO D 104 -32.40 19.61 -7.94
C PRO D 104 -33.85 19.24 -8.18
N THR D 105 -34.25 19.23 -9.46
CA THR D 105 -35.64 19.01 -9.82
C THR D 105 -36.13 17.62 -9.41
N SER D 106 -35.21 16.66 -9.31
CA SER D 106 -35.60 15.30 -8.92
C SER D 106 -35.79 15.15 -7.42
N LEU D 107 -35.35 16.12 -6.63
CA LEU D 107 -35.47 16.05 -5.18
C LEU D 107 -36.38 17.14 -4.59
N ASN D 108 -36.86 18.07 -5.42
CA ASN D 108 -37.74 19.13 -4.93
C ASN D 108 -39.04 18.54 -4.35
N GLN D 109 -39.85 17.94 -5.22
CA GLN D 109 -41.07 17.22 -4.85
C GLN D 109 -41.90 18.00 -3.83
N ILE D 110 -42.35 19.18 -4.24
CA ILE D 110 -43.20 19.99 -3.39
C ILE D 110 -44.55 19.28 -3.20
N VAL D 111 -44.99 19.19 -1.95
CA VAL D 111 -46.21 18.48 -1.59
C VAL D 111 -46.87 19.18 -0.42
N ASN D 112 -48.16 18.89 -0.22
CA ASN D 112 -48.94 19.46 0.87
C ASN D 112 -49.12 18.38 1.94
N THR D 113 -48.72 18.70 3.17
CA THR D 113 -48.83 17.74 4.27
C THR D 113 -48.92 18.51 5.58
N LYS D 114 -49.37 17.82 6.62
CA LYS D 114 -49.51 18.41 7.94
C LYS D 114 -48.33 18.12 8.86
N TRP D 115 -47.49 17.14 8.54
CA TRP D 115 -46.35 16.82 9.39
C TRP D 115 -45.30 17.91 9.29
N THR D 116 -44.45 17.97 10.32
CA THR D 116 -43.42 19.00 10.40
C THR D 116 -42.19 18.44 11.08
N VAL D 117 -41.07 19.16 10.91
CA VAL D 117 -39.80 18.74 11.50
C VAL D 117 -39.87 18.78 13.03
N ASN D 118 -40.62 19.73 13.58
CA ASN D 118 -40.65 19.93 15.03
C ASN D 118 -41.15 18.71 15.79
N GLN D 119 -41.85 17.80 15.11
CA GLN D 119 -42.32 16.58 15.76
C GLN D 119 -41.18 15.68 16.23
N LEU D 120 -39.98 15.83 15.68
CA LEU D 120 -38.83 15.04 16.08
C LEU D 120 -38.18 15.66 17.31
N GLN D 121 -37.86 14.81 18.29
CA GLN D 121 -37.22 15.25 19.53
C GLN D 121 -36.01 14.38 19.80
N GLU D 122 -34.94 15.01 20.27
CA GLU D 122 -33.74 14.26 20.64
C GLU D 122 -34.01 13.40 21.86
N GLY D 123 -33.49 12.17 21.83
CA GLY D 123 -33.74 11.24 22.92
C GLY D 123 -35.15 10.72 23.00
N GLN D 124 -35.89 10.73 21.88
CA GLN D 124 -37.27 10.26 21.89
C GLN D 124 -37.37 8.76 22.18
N LEU D 125 -36.31 8.01 21.87
CA LEU D 125 -36.33 6.57 22.13
C LEU D 125 -36.38 6.28 23.63
N THR D 126 -35.50 6.91 24.41
CA THR D 126 -35.47 6.65 25.86
C THR D 126 -36.78 7.05 26.51
N MET D 127 -37.36 8.17 26.09
CA MET D 127 -38.64 8.61 26.66
C MET D 127 -39.76 7.64 26.35
N LEU D 128 -39.66 6.93 25.22
CA LEU D 128 -40.77 6.10 24.77
C LEU D 128 -40.99 4.89 25.67
N LEU D 129 -39.92 4.22 26.09
CA LEU D 129 -40.07 3.05 26.96
C LEU D 129 -40.56 3.41 28.35
N ALA D 130 -40.56 4.70 28.72
CA ALA D 130 -41.07 5.11 30.02
C ALA D 130 -42.58 4.93 30.15
N GLN D 131 -43.31 4.93 29.04
CA GLN D 131 -44.75 4.74 29.08
C GLN D 131 -45.09 3.28 29.39
N ASP D 132 -46.23 3.08 30.02
CA ASP D 132 -46.66 1.74 30.38
C ASP D 132 -47.37 1.07 29.20
N ALA D 133 -47.84 -0.15 29.44
CA ALA D 133 -48.28 -1.01 28.34
C ALA D 133 -49.59 -0.54 27.71
N ASN D 134 -50.52 -0.03 28.52
CA ASN D 134 -51.89 0.15 28.05
C ASN D 134 -52.03 1.19 26.94
N LYS D 135 -51.04 2.09 26.77
CA LYS D 135 -51.13 3.08 25.70
C LYS D 135 -50.64 2.57 24.36
N PHE D 136 -50.13 1.34 24.29
CA PHE D 136 -49.60 0.78 23.07
C PHE D 136 -50.64 -0.14 22.42
N LYS D 137 -50.80 0.00 21.11
CA LYS D 137 -51.80 -0.76 20.35
C LYS D 137 -51.09 -1.75 19.43
N SER D 138 -51.75 -2.88 19.21
CA SER D 138 -51.19 -3.93 18.37
C SER D 138 -51.20 -3.50 16.90
N LEU D 139 -50.20 -3.97 16.16
CA LEU D 139 -50.08 -3.68 14.74
C LEU D 139 -50.67 -4.76 13.85
N GLY D 140 -51.15 -5.86 14.42
CA GLY D 140 -51.72 -6.94 13.63
C GLY D 140 -50.74 -7.64 12.72
N VAL D 141 -49.53 -7.91 13.20
CA VAL D 141 -48.50 -8.59 12.44
C VAL D 141 -48.07 -9.84 13.18
N LYS D 142 -48.02 -10.96 12.46
CA LYS D 142 -47.68 -12.25 13.04
C LYS D 142 -46.34 -12.71 12.48
N ASN D 143 -45.46 -13.19 13.36
CA ASN D 143 -44.12 -13.61 12.98
C ASN D 143 -43.98 -15.09 13.28
N ILE D 144 -43.59 -15.86 12.26
CA ILE D 144 -43.37 -17.31 12.38
C ILE D 144 -41.96 -17.61 11.90
N LYS D 145 -41.21 -18.35 12.71
CA LYS D 145 -39.89 -18.80 12.32
C LYS D 145 -39.98 -19.87 11.24
N LYS D 146 -39.08 -19.77 10.25
CA LYS D 146 -39.07 -20.69 9.12
C LYS D 146 -37.78 -20.52 8.33
N GLY D 147 -37.58 -21.37 7.32
CA GLY D 147 -36.39 -21.27 6.50
C GLY D 147 -35.10 -21.62 7.20
N SER D 148 -35.11 -22.67 8.04
CA SER D 148 -33.87 -23.16 8.63
C SER D 148 -32.94 -23.64 7.53
N VAL D 149 -31.71 -23.12 7.50
CA VAL D 149 -30.80 -23.36 6.39
C VAL D 149 -30.52 -24.85 6.20
N GLU D 150 -29.87 -25.48 7.17
CA GLU D 150 -29.56 -26.91 7.13
C GLU D 150 -29.56 -27.45 8.54
N THR D 151 -29.88 -28.75 8.66
CA THR D 151 -29.85 -29.45 9.93
C THR D 151 -28.44 -29.77 10.40
N GLN D 152 -27.42 -29.20 9.76
CA GLN D 152 -26.03 -29.29 10.18
C GLN D 152 -25.93 -28.86 11.64
N ILE D 153 -25.17 -29.62 12.45
CA ILE D 153 -25.44 -29.75 13.88
C ILE D 153 -25.57 -28.41 14.60
N LEU D 154 -24.46 -27.65 14.71
CA LEU D 154 -24.49 -26.25 15.14
C LEU D 154 -23.05 -25.70 15.24
N PRO D 155 -22.32 -25.83 16.39
CA PRO D 155 -21.10 -25.04 16.54
C PRO D 155 -19.86 -25.73 16.03
N ARG D 156 -19.96 -26.37 14.86
CA ARG D 156 -18.89 -27.22 14.34
C ARG D 156 -18.33 -28.17 15.40
N GLN D 157 -19.19 -28.64 16.30
CA GLN D 157 -18.73 -29.58 17.33
C GLN D 157 -18.50 -30.96 16.75
N MET D 158 -19.19 -31.30 15.65
CA MET D 158 -19.09 -32.63 15.07
C MET D 158 -18.59 -32.52 13.64
N ASP D 159 -17.37 -32.99 13.44
CA ASP D 159 -16.83 -33.26 12.11
C ASP D 159 -16.90 -34.76 11.89
N VAL D 160 -17.58 -35.18 10.82
CA VAL D 160 -17.84 -36.58 10.52
C VAL D 160 -16.54 -37.37 10.63
N LYS D 161 -16.65 -38.61 11.13
CA LYS D 161 -15.46 -39.41 11.41
C LYS D 161 -14.58 -39.58 10.17
N GLU D 162 -15.20 -39.88 9.02
CA GLU D 162 -14.43 -40.03 7.79
C GLU D 162 -13.74 -38.73 7.41
N ILE D 163 -14.44 -37.61 7.56
CA ILE D 163 -13.87 -36.31 7.20
C ILE D 163 -12.67 -35.98 8.08
N VAL D 164 -12.80 -36.20 9.39
CA VAL D 164 -11.70 -35.87 10.29
C VAL D 164 -10.55 -36.85 10.11
N GLU D 165 -10.84 -38.11 9.76
CA GLU D 165 -9.78 -39.06 9.46
C GLU D 165 -9.01 -38.63 8.21
N LYS D 166 -9.73 -38.15 7.19
CA LYS D 166 -9.04 -37.61 6.02
C LYS D 166 -8.21 -36.39 6.38
N LEU D 167 -8.75 -35.50 7.21
CA LEU D 167 -8.03 -34.27 7.56
C LEU D 167 -6.76 -34.58 8.33
N LYS D 168 -6.82 -35.53 9.28
CA LYS D 168 -5.64 -35.85 10.08
C LYS D 168 -4.61 -36.66 9.31
N LYS D 169 -5.04 -37.51 8.39
CA LYS D 169 -4.13 -38.35 7.63
C LYS D 169 -3.74 -37.74 6.27
N GLN D 170 -4.23 -36.56 5.95
CA GLN D 170 -3.92 -35.94 4.67
C GLN D 170 -2.46 -35.51 4.62
N ASP D 171 -1.81 -35.80 3.49
CA ASP D 171 -0.41 -35.43 3.30
C ASP D 171 -0.25 -34.01 2.77
N ASN D 172 -1.08 -33.62 1.80
CA ASN D 172 -1.00 -32.29 1.22
C ASN D 172 -1.41 -31.25 2.26
N ASP D 173 -0.43 -30.50 2.76
CA ASP D 173 -0.64 -29.52 3.82
C ASP D 173 -0.54 -28.09 3.30
N SER D 174 -1.05 -27.86 2.08
CA SER D 174 -1.05 -26.54 1.48
C SER D 174 -2.04 -25.59 2.13
N ASP D 175 -2.91 -26.08 3.02
CA ASP D 175 -3.89 -25.24 3.70
C ASP D 175 -3.32 -24.52 4.92
N GLN D 176 -2.00 -24.41 5.00
CA GLN D 176 -1.31 -23.73 6.11
C GLN D 176 -1.68 -24.35 7.46
N PHE D 177 -1.84 -25.68 7.47
CA PHE D 177 -2.07 -26.47 8.68
C PHE D 177 -3.34 -26.05 9.42
N VAL D 178 -4.25 -25.33 8.76
CA VAL D 178 -5.49 -24.90 9.42
C VAL D 178 -6.38 -26.10 9.70
N GLY D 179 -6.59 -26.96 8.69
CA GLY D 179 -7.43 -28.13 8.89
C GLY D 179 -6.86 -29.09 9.90
N TYR D 180 -5.54 -29.25 9.92
CA TYR D 180 -4.92 -30.16 10.87
C TYR D 180 -5.12 -29.67 12.31
N ALA D 181 -4.95 -28.37 12.53
CA ALA D 181 -5.21 -27.79 13.84
C ALA D 181 -6.66 -27.92 14.23
N ALA D 182 -7.58 -27.71 13.27
CA ALA D 182 -9.00 -27.86 13.56
C ALA D 182 -9.32 -29.29 13.96
N ALA D 183 -8.76 -30.28 13.26
CA ALA D 183 -8.98 -31.67 13.61
C ALA D 183 -8.41 -31.99 14.99
N VAL D 184 -7.23 -31.47 15.30
CA VAL D 184 -6.63 -31.70 16.62
C VAL D 184 -7.50 -31.10 17.72
N ALA D 185 -7.99 -29.88 17.51
CA ALA D 185 -8.86 -29.25 18.50
C ALA D 185 -10.16 -30.02 18.68
N ASN D 186 -10.75 -30.49 17.58
CA ASN D 186 -11.99 -31.26 17.68
C ASN D 186 -11.76 -32.57 18.41
N VAL D 187 -10.63 -33.22 18.17
CA VAL D 187 -10.31 -34.45 18.88
C VAL D 187 -10.12 -34.16 20.37
N LEU D 188 -9.42 -33.07 20.70
CA LEU D 188 -9.16 -32.74 22.08
C LEU D 188 -10.44 -32.36 22.83
N ARG D 189 -11.42 -31.79 22.13
CA ARG D 189 -12.64 -31.36 22.79
C ARG D 189 -13.42 -32.54 23.37
N ARG D 190 -13.49 -33.66 22.65
CA ARG D 190 -14.23 -34.81 23.15
C ARG D 190 -13.51 -35.52 24.28
N CYS D 191 -12.18 -35.43 24.32
CA CYS D 191 -11.42 -36.15 25.33
C CYS D 191 -11.79 -35.64 26.72
N ASP D 192 -11.87 -36.57 27.67
CA ASP D 192 -12.22 -36.20 29.03
C ASP D 192 -11.13 -35.35 29.66
N ALA D 193 -11.44 -34.77 30.83
CA ALA D 193 -10.54 -33.80 31.45
C ALA D 193 -9.20 -34.43 31.78
N GLU D 194 -9.19 -35.66 32.30
CA GLU D 194 -7.94 -36.30 32.69
C GLU D 194 -7.12 -36.72 31.48
N THR D 195 -7.76 -37.35 30.49
CA THR D 195 -7.01 -37.89 29.36
C THR D 195 -6.59 -36.80 28.38
N ALA D 196 -7.29 -35.66 28.37
CA ALA D 196 -6.88 -34.57 27.49
C ALA D 196 -5.67 -33.84 28.04
N GLN D 197 -5.60 -33.67 29.37
CA GLN D 197 -4.47 -33.00 29.98
C GLN D 197 -3.18 -33.80 29.81
N LYS D 198 -3.26 -35.12 29.96
CA LYS D 198 -2.08 -35.95 29.75
C LYS D 198 -1.62 -35.93 28.30
N ILE D 199 -2.57 -35.85 27.36
CA ILE D 199 -2.22 -35.68 25.95
C ILE D 199 -1.50 -34.36 25.74
N THR D 200 -1.89 -33.33 26.50
CA THR D 200 -1.23 -32.03 26.39
C THR D 200 0.25 -32.12 26.76
N GLN D 201 0.57 -32.82 27.85
CA GLN D 201 1.97 -32.91 28.27
C GLN D 201 2.80 -33.66 27.24
N ALA D 202 2.29 -34.80 26.76
CA ALA D 202 3.00 -35.56 25.74
C ALA D 202 3.16 -34.76 24.45
N ILE D 203 2.13 -33.99 24.08
CA ILE D 203 2.20 -33.28 22.81
C ILE D 203 3.19 -32.13 22.91
N THR D 204 3.24 -31.47 24.07
CA THR D 204 4.24 -30.42 24.29
C THR D 204 5.63 -31.01 24.29
N ALA D 205 5.80 -32.19 24.89
CA ALA D 205 7.10 -32.85 24.86
C ALA D 205 7.51 -33.21 23.44
N THR D 206 6.58 -33.70 22.63
CA THR D 206 6.88 -34.01 21.24
C THR D 206 7.27 -32.76 20.46
N ILE D 207 6.55 -31.66 20.66
CA ILE D 207 6.89 -30.41 19.97
C ILE D 207 8.28 -29.94 20.38
N GLU D 208 8.58 -30.01 21.69
CA GLU D 208 9.88 -29.56 22.16
C GLU D 208 11.02 -30.43 21.61
N LYS D 209 10.82 -31.75 21.59
CA LYS D 209 11.91 -32.65 21.19
C LYS D 209 12.11 -32.64 19.69
N GLU D 210 11.03 -32.58 18.90
CA GLU D 210 11.16 -32.73 17.45
C GLU D 210 11.90 -31.55 16.83
N ALA D 211 11.51 -30.33 17.19
CA ALA D 211 12.10 -29.11 16.62
C ALA D 211 12.53 -28.18 17.74
N PRO D 212 13.64 -28.48 18.41
CA PRO D 212 14.12 -27.59 19.47
C PRO D 212 14.46 -26.19 18.98
N SER D 213 14.99 -26.06 17.77
CA SER D 213 15.44 -24.75 17.29
C SER D 213 14.31 -23.74 17.20
N ILE D 214 13.07 -24.22 17.02
CA ILE D 214 11.93 -23.31 16.93
C ILE D 214 11.65 -22.67 18.29
N VAL D 215 11.73 -23.46 19.36
CA VAL D 215 11.33 -22.99 20.69
C VAL D 215 12.51 -22.63 21.58
N ASN D 216 13.72 -23.10 21.28
CA ASN D 216 14.86 -22.82 22.14
C ASN D 216 15.33 -21.38 22.07
N CYS D 217 14.81 -20.59 21.13
CA CYS D 217 15.20 -19.19 21.01
C CYS D 217 14.74 -18.38 22.22
C1 IHP E . 8.07 -8.71 -10.84
C2 IHP E . 8.37 -7.75 -9.66
C3 IHP E . 9.46 -6.70 -10.00
C4 IHP E . 10.59 -7.08 -11.02
C5 IHP E . 10.38 -8.47 -11.71
C6 IHP E . 8.94 -8.17 -12.01
O11 IHP E . 8.23 -10.05 -10.36
P1 IHP E . 6.95 -10.92 -9.97
O21 IHP E . 6.04 -10.80 -11.14
O31 IHP E . 6.43 -10.27 -8.75
O41 IHP E . 7.39 -12.32 -9.74
O12 IHP E . 8.64 -8.46 -8.45
P2 IHP E . 7.76 -8.12 -7.15
O22 IHP E . 6.34 -8.06 -7.57
O32 IHP E . 8.07 -9.23 -6.19
O42 IHP E . 8.29 -6.80 -6.71
O13 IHP E . 10.03 -6.19 -8.80
P3 IHP E . 9.54 -4.70 -8.50
O23 IHP E . 9.90 -3.90 -9.69
O33 IHP E . 8.08 -4.85 -8.34
O43 IHP E . 10.27 -4.27 -7.26
O14 IHP E . 11.89 -6.85 -10.48
P4 IHP E . 12.70 -5.58 -11.08
O24 IHP E . 12.14 -4.37 -10.44
O34 IHP E . 14.13 -5.75 -10.73
O44 IHP E . 12.49 -5.62 -12.55
O15 IHP E . 10.41 -9.79 -11.14
P5 IHP E . 10.26 -11.17 -12.04
O25 IHP E . 10.73 -10.94 -13.42
O35 IHP E . 11.12 -12.17 -11.37
O45 IHP E . 8.84 -11.61 -12.05
O16 IHP E . 8.73 -8.60 -13.35
P6 IHP E . 9.07 -7.45 -14.41
O26 IHP E . 10.52 -7.18 -14.31
O36 IHP E . 8.71 -8.07 -15.71
O46 IHP E . 8.26 -6.27 -14.04
H1 IHP E . 7.02 -8.56 -11.12
H2 IHP E . 7.44 -7.18 -9.50
H3 IHP E . 8.92 -5.88 -10.47
H4 IHP E . 10.47 -6.35 -11.83
H5 IHP E . 10.98 -8.50 -12.63
H6 IHP E . 8.75 -7.10 -12.07
ZN ZN F . 20.08 0.47 -4.26
C1 IHP G . -25.79 -9.26 6.22
C2 IHP G . -26.67 -8.12 6.75
C3 IHP G . -26.13 -7.31 7.92
C4 IHP G . -24.84 -6.70 7.42
C5 IHP G . -23.77 -7.68 6.94
C6 IHP G . -24.28 -8.96 6.24
O11 IHP G . -26.05 -10.48 6.91
P1 IHP G . -26.96 -11.60 6.22
O21 IHP G . -28.33 -11.10 6.46
O31 IHP G . -26.64 -12.86 6.95
O41 IHP G . -26.59 -11.67 4.78
O12 IHP G . -27.92 -8.70 7.12
P2 IHP G . -29.26 -8.10 6.49
O22 IHP G . -29.01 -8.12 5.03
O32 IHP G . -30.35 -9.00 6.91
O42 IHP G . -29.30 -6.75 7.11
O13 IHP G . -25.94 -8.04 9.12
P3 IHP G . -26.61 -7.63 10.53
O23 IHP G . -27.53 -8.74 10.89
O33 IHP G . -25.46 -7.49 11.46
O43 IHP G . -27.30 -6.33 10.32
O14 IHP G . -24.29 -5.95 8.48
P4 IHP G . -23.52 -4.60 8.14
O24 IHP G . -24.58 -3.64 7.75
O34 IHP G . -22.80 -4.22 9.37
O44 IHP G . -22.62 -5.01 7.04
O15 IHP G . -22.92 -8.07 8.01
P5 IHP G . -21.32 -7.94 7.95
O25 IHP G . -21.04 -6.90 8.95
O35 IHP G . -20.86 -9.30 8.31
O45 IHP G . -20.92 -7.53 6.58
O16 IHP G . -23.61 -10.07 6.84
P6 IHP G . -22.93 -11.13 5.87
O26 IHP G . -21.86 -10.38 5.19
O36 IHP G . -24.05 -11.54 4.99
O46 IHP G . -22.46 -12.23 6.76
H1 IHP G . -26.06 -9.38 5.17
H2 IHP G . -26.84 -7.42 5.92
H3 IHP G . -26.84 -6.48 8.08
H4 IHP G . -25.09 -6.03 6.59
H5 IHP G . -23.19 -7.15 6.18
H6 IHP G . -23.96 -8.90 5.20
ZN ZN H . -15.21 1.58 3.47
#